data_4L91
# 
_entry.id   4L91 
# 
_audit_conform.dict_name       mmcif_pdbx.dic 
_audit_conform.dict_version    5.381 
_audit_conform.dict_location   http://mmcif.pdb.org/dictionaries/ascii/mmcif_pdbx.dic 
# 
loop_
_database_2.database_id 
_database_2.database_code 
_database_2.pdbx_database_accession 
_database_2.pdbx_DOI 
PDB   4L91         pdb_00004l91 10.2210/pdb4l91/pdb 
RCSB  RCSB080333   ?            ?                   
WWPDB D_1000080333 ?            ?                   
# 
loop_
_pdbx_database_related.db_name 
_pdbx_database_related.db_id 
_pdbx_database_related.details 
_pdbx_database_related.content_type 
PDB 4L8Z . unspecified 
PDB 4L90 . unspecified 
PDB 4L93 . unspecified 
PDB 4L94 . unspecified 
# 
_pdbx_database_status.status_code                     REL 
_pdbx_database_status.entry_id                        4L91 
_pdbx_database_status.recvd_initial_deposition_date   2013-06-18 
_pdbx_database_status.deposit_site                    RCSB 
_pdbx_database_status.process_site                    PDBJ 
_pdbx_database_status.methods_development_category    ? 
_pdbx_database_status.status_code_sf                  REL 
_pdbx_database_status.status_code_mr                  ? 
_pdbx_database_status.SG_entry                        ? 
_pdbx_database_status.status_code_cs                  ? 
_pdbx_database_status.pdb_format_compatible           Y 
_pdbx_database_status.status_code_nmr_data            ? 
# 
loop_
_audit_author.name 
_audit_author.pdbx_ordinal 
'Li, J.'    1 
'Ren, J.'   2 
'Yang, M.'  3 
'Xiong, B.' 4 
'He, J.'    5 
# 
_citation.id                        primary 
_citation.title                     
'Identification of a new series of potent diphenol HSP90 inhibitors by fragment merging and structure-based optimization' 
_citation.journal_abbrev            Bioorg.Med.Chem.Lett. 
_citation.journal_volume            24 
_citation.page_first                2525 
_citation.page_last                 2529 
_citation.year                      2014 
_citation.journal_id_ASTM           BMCLE8 
_citation.country                   UK 
_citation.journal_id_ISSN           0960-894X 
_citation.journal_id_CSD            1127 
_citation.book_publisher            ? 
_citation.pdbx_database_id_PubMed   24751441 
_citation.pdbx_database_id_DOI      10.1016/j.bmcl.2014.03.100 
# 
loop_
_citation_author.citation_id 
_citation_author.name 
_citation_author.ordinal 
_citation_author.identifier_ORCID 
primary 'Ren, J.'   1  ? 
primary 'Li, J.'    2  ? 
primary 'Wang, Y.'  3  ? 
primary 'Chen, W.'  4  ? 
primary 'Shen, A.'  5  ? 
primary 'Liu, H.'   6  ? 
primary 'Chen, D.'  7  ? 
primary 'Cao, D.'   8  ? 
primary 'Li, Y.'    9  ? 
primary 'Zhang, N.' 10 ? 
primary 'Xu, Y.'    11 ? 
primary 'Geng, M.'  12 ? 
primary 'He, J.'    13 ? 
primary 'Xiong, B.' 14 ? 
primary 'Shen, J.'  15 ? 
# 
_cell.entry_id           4L91 
_cell.length_a           66.865 
_cell.length_b           89.854 
_cell.length_c           97.995 
_cell.angle_alpha        90.00 
_cell.angle_beta         90.00 
_cell.angle_gamma        90.00 
_cell.Z_PDB              8 
_cell.pdbx_unique_axis   ? 
_cell.length_a_esd       ? 
_cell.length_b_esd       ? 
_cell.length_c_esd       ? 
_cell.angle_alpha_esd    ? 
_cell.angle_beta_esd     ? 
_cell.angle_gamma_esd    ? 
# 
_symmetry.entry_id                         4L91 
_symmetry.space_group_name_H-M             'I 2 2 2' 
_symmetry.pdbx_full_space_group_name_H-M   ? 
_symmetry.cell_setting                     ? 
_symmetry.Int_Tables_number                23 
_symmetry.space_group_name_Hall            ? 
# 
loop_
_entity.id 
_entity.type 
_entity.src_method 
_entity.pdbx_description 
_entity.formula_weight 
_entity.pdbx_number_of_molecules 
_entity.pdbx_ec 
_entity.pdbx_mutation 
_entity.pdbx_fragment 
_entity.details 
1 polymer     man 'Heat shock protein HSP 90-alpha'                                        25656.768 1   ? ? 'UNP residues 9-236' 
? 
2 non-polymer syn '4-(6-bromo[1,2,4]triazolo[4,3-a]pyridin-3-yl)-6-chlorobenzene-1,3-diol' 340.560   1   ? ? ?                    
? 
3 water       nat water                                                                    18.015    129 ? ? ?                    
? 
# 
_entity_name_com.entity_id   1 
_entity_name_com.name        'Heat shock 86 kDa, HSP 86, HSP86, Renal carcinoma antigen NY-REN-38' 
# 
_entity_poly.entity_id                      1 
_entity_poly.type                           'polypeptide(L)' 
_entity_poly.nstd_linkage                   no 
_entity_poly.nstd_monomer                   no 
_entity_poly.pdbx_seq_one_letter_code       
;DQPMEEEEVETFAFQAEIAQLMSLIINTFYSNKEIFLRELISNSSDALDKIRYESLTDPSKLDSGKELHINLIPNKQDRT
LTIVDTGIGMTKADLINNLGTIAKSGTKAFMEALQAGADISMIGQFGVGFYSAYLVAEKVTVITKHNDDEQYAWESSAGG
SFTVRTDTGEPMGRGTKVILHLKEDQTEYLEERRIKEIVKKHSQFIGYPITLFVEKERDKEVSDDEAE
;
_entity_poly.pdbx_seq_one_letter_code_can   
;DQPMEEEEVETFAFQAEIAQLMSLIINTFYSNKEIFLRELISNSSDALDKIRYESLTDPSKLDSGKELHINLIPNKQDRT
LTIVDTGIGMTKADLINNLGTIAKSGTKAFMEALQAGADISMIGQFGVGFYSAYLVAEKVTVITKHNDDEQYAWESSAGG
SFTVRTDTGEPMGRGTKVILHLKEDQTEYLEERRIKEIVKKHSQFIGYPITLFVEKERDKEVSDDEAE
;
_entity_poly.pdbx_strand_id                 A 
_entity_poly.pdbx_target_identifier         ? 
# 
loop_
_entity_poly_seq.entity_id 
_entity_poly_seq.num 
_entity_poly_seq.mon_id 
_entity_poly_seq.hetero 
1 1   ASP n 
1 2   GLN n 
1 3   PRO n 
1 4   MET n 
1 5   GLU n 
1 6   GLU n 
1 7   GLU n 
1 8   GLU n 
1 9   VAL n 
1 10  GLU n 
1 11  THR n 
1 12  PHE n 
1 13  ALA n 
1 14  PHE n 
1 15  GLN n 
1 16  ALA n 
1 17  GLU n 
1 18  ILE n 
1 19  ALA n 
1 20  GLN n 
1 21  LEU n 
1 22  MET n 
1 23  SER n 
1 24  LEU n 
1 25  ILE n 
1 26  ILE n 
1 27  ASN n 
1 28  THR n 
1 29  PHE n 
1 30  TYR n 
1 31  SER n 
1 32  ASN n 
1 33  LYS n 
1 34  GLU n 
1 35  ILE n 
1 36  PHE n 
1 37  LEU n 
1 38  ARG n 
1 39  GLU n 
1 40  LEU n 
1 41  ILE n 
1 42  SER n 
1 43  ASN n 
1 44  SER n 
1 45  SER n 
1 46  ASP n 
1 47  ALA n 
1 48  LEU n 
1 49  ASP n 
1 50  LYS n 
1 51  ILE n 
1 52  ARG n 
1 53  TYR n 
1 54  GLU n 
1 55  SER n 
1 56  LEU n 
1 57  THR n 
1 58  ASP n 
1 59  PRO n 
1 60  SER n 
1 61  LYS n 
1 62  LEU n 
1 63  ASP n 
1 64  SER n 
1 65  GLY n 
1 66  LYS n 
1 67  GLU n 
1 68  LEU n 
1 69  HIS n 
1 70  ILE n 
1 71  ASN n 
1 72  LEU n 
1 73  ILE n 
1 74  PRO n 
1 75  ASN n 
1 76  LYS n 
1 77  GLN n 
1 78  ASP n 
1 79  ARG n 
1 80  THR n 
1 81  LEU n 
1 82  THR n 
1 83  ILE n 
1 84  VAL n 
1 85  ASP n 
1 86  THR n 
1 87  GLY n 
1 88  ILE n 
1 89  GLY n 
1 90  MET n 
1 91  THR n 
1 92  LYS n 
1 93  ALA n 
1 94  ASP n 
1 95  LEU n 
1 96  ILE n 
1 97  ASN n 
1 98  ASN n 
1 99  LEU n 
1 100 GLY n 
1 101 THR n 
1 102 ILE n 
1 103 ALA n 
1 104 LYS n 
1 105 SER n 
1 106 GLY n 
1 107 THR n 
1 108 LYS n 
1 109 ALA n 
1 110 PHE n 
1 111 MET n 
1 112 GLU n 
1 113 ALA n 
1 114 LEU n 
1 115 GLN n 
1 116 ALA n 
1 117 GLY n 
1 118 ALA n 
1 119 ASP n 
1 120 ILE n 
1 121 SER n 
1 122 MET n 
1 123 ILE n 
1 124 GLY n 
1 125 GLN n 
1 126 PHE n 
1 127 GLY n 
1 128 VAL n 
1 129 GLY n 
1 130 PHE n 
1 131 TYR n 
1 132 SER n 
1 133 ALA n 
1 134 TYR n 
1 135 LEU n 
1 136 VAL n 
1 137 ALA n 
1 138 GLU n 
1 139 LYS n 
1 140 VAL n 
1 141 THR n 
1 142 VAL n 
1 143 ILE n 
1 144 THR n 
1 145 LYS n 
1 146 HIS n 
1 147 ASN n 
1 148 ASP n 
1 149 ASP n 
1 150 GLU n 
1 151 GLN n 
1 152 TYR n 
1 153 ALA n 
1 154 TRP n 
1 155 GLU n 
1 156 SER n 
1 157 SER n 
1 158 ALA n 
1 159 GLY n 
1 160 GLY n 
1 161 SER n 
1 162 PHE n 
1 163 THR n 
1 164 VAL n 
1 165 ARG n 
1 166 THR n 
1 167 ASP n 
1 168 THR n 
1 169 GLY n 
1 170 GLU n 
1 171 PRO n 
1 172 MET n 
1 173 GLY n 
1 174 ARG n 
1 175 GLY n 
1 176 THR n 
1 177 LYS n 
1 178 VAL n 
1 179 ILE n 
1 180 LEU n 
1 181 HIS n 
1 182 LEU n 
1 183 LYS n 
1 184 GLU n 
1 185 ASP n 
1 186 GLN n 
1 187 THR n 
1 188 GLU n 
1 189 TYR n 
1 190 LEU n 
1 191 GLU n 
1 192 GLU n 
1 193 ARG n 
1 194 ARG n 
1 195 ILE n 
1 196 LYS n 
1 197 GLU n 
1 198 ILE n 
1 199 VAL n 
1 200 LYS n 
1 201 LYS n 
1 202 HIS n 
1 203 SER n 
1 204 GLN n 
1 205 PHE n 
1 206 ILE n 
1 207 GLY n 
1 208 TYR n 
1 209 PRO n 
1 210 ILE n 
1 211 THR n 
1 212 LEU n 
1 213 PHE n 
1 214 VAL n 
1 215 GLU n 
1 216 LYS n 
1 217 GLU n 
1 218 ARG n 
1 219 ASP n 
1 220 LYS n 
1 221 GLU n 
1 222 VAL n 
1 223 SER n 
1 224 ASP n 
1 225 ASP n 
1 226 GLU n 
1 227 ALA n 
1 228 GLU n 
# 
_entity_src_gen.entity_id                          1 
_entity_src_gen.pdbx_src_id                        1 
_entity_src_gen.pdbx_alt_source_flag               sample 
_entity_src_gen.pdbx_seq_type                      ? 
_entity_src_gen.pdbx_beg_seq_num                   ? 
_entity_src_gen.pdbx_end_seq_num                   ? 
_entity_src_gen.gene_src_common_name               human 
_entity_src_gen.gene_src_genus                     ? 
_entity_src_gen.pdbx_gene_src_gene                 HSP90AA1 
_entity_src_gen.gene_src_species                   ? 
_entity_src_gen.gene_src_strain                    ? 
_entity_src_gen.gene_src_tissue                    ? 
_entity_src_gen.gene_src_tissue_fraction           ? 
_entity_src_gen.gene_src_details                   ? 
_entity_src_gen.pdbx_gene_src_fragment             ? 
_entity_src_gen.pdbx_gene_src_scientific_name      'Homo sapiens' 
_entity_src_gen.pdbx_gene_src_ncbi_taxonomy_id     9606 
_entity_src_gen.pdbx_gene_src_variant              ? 
_entity_src_gen.pdbx_gene_src_cell_line            ? 
_entity_src_gen.pdbx_gene_src_atcc                 ? 
_entity_src_gen.pdbx_gene_src_organ                ? 
_entity_src_gen.pdbx_gene_src_organelle            ? 
_entity_src_gen.pdbx_gene_src_cell                 ? 
_entity_src_gen.pdbx_gene_src_cellular_location    ? 
_entity_src_gen.host_org_common_name               ? 
_entity_src_gen.pdbx_host_org_scientific_name      'Escherichia coli' 
_entity_src_gen.pdbx_host_org_ncbi_taxonomy_id     562 
_entity_src_gen.host_org_genus                     ? 
_entity_src_gen.pdbx_host_org_gene                 ? 
_entity_src_gen.pdbx_host_org_organ                ? 
_entity_src_gen.host_org_species                   ? 
_entity_src_gen.pdbx_host_org_tissue               ? 
_entity_src_gen.pdbx_host_org_tissue_fraction      ? 
_entity_src_gen.pdbx_host_org_strain               ? 
_entity_src_gen.pdbx_host_org_variant              ? 
_entity_src_gen.pdbx_host_org_cell_line            ? 
_entity_src_gen.pdbx_host_org_atcc                 ? 
_entity_src_gen.pdbx_host_org_culture_collection   ? 
_entity_src_gen.pdbx_host_org_cell                 ? 
_entity_src_gen.pdbx_host_org_organelle            ? 
_entity_src_gen.pdbx_host_org_cellular_location    ? 
_entity_src_gen.pdbx_host_org_vector_type          PLASMID 
_entity_src_gen.pdbx_host_org_vector               ? 
_entity_src_gen.host_org_details                   ? 
_entity_src_gen.expression_system_id               ? 
_entity_src_gen.plasmid_name                       PET28A 
_entity_src_gen.plasmid_details                    ? 
_entity_src_gen.pdbx_description                   ? 
# 
_struct_ref.id                         1 
_struct_ref.db_name                    UNP 
_struct_ref.db_code                    HS90A_HUMAN 
_struct_ref.pdbx_db_accession          P07900 
_struct_ref.entity_id                  1 
_struct_ref.pdbx_seq_one_letter_code   
;DQPMEEEEVETFAFQAEIAQLMSLIINTFYSNKEIFLRELISNSSDALDKIRYESLTDPSKLDSGKELHINLIPNKQDRT
LTIVDTGIGMTKADLINNLGTIAKSGTKAFMEALQAGADISMIGQFGVGFYSAYLVAEKVTVITKHNDDEQYAWESSAGG
SFTVRTDTGEPMGRGTKVILHLKEDQTEYLEERRIKEIVKKHSQFIGYPITLFVEKERDKEVSDDEAE
;
_struct_ref.pdbx_align_begin           9 
_struct_ref.pdbx_db_isoform            ? 
# 
_struct_ref_seq.align_id                      1 
_struct_ref_seq.ref_id                        1 
_struct_ref_seq.pdbx_PDB_id_code              4L91 
_struct_ref_seq.pdbx_strand_id                A 
_struct_ref_seq.seq_align_beg                 1 
_struct_ref_seq.pdbx_seq_align_beg_ins_code   ? 
_struct_ref_seq.seq_align_end                 228 
_struct_ref_seq.pdbx_seq_align_end_ins_code   ? 
_struct_ref_seq.pdbx_db_accession             P07900 
_struct_ref_seq.db_align_beg                  9 
_struct_ref_seq.pdbx_db_align_beg_ins_code    ? 
_struct_ref_seq.db_align_end                  236 
_struct_ref_seq.pdbx_db_align_end_ins_code    ? 
_struct_ref_seq.pdbx_auth_seq_align_beg       9 
_struct_ref_seq.pdbx_auth_seq_align_end       236 
# 
loop_
_chem_comp.id 
_chem_comp.type 
_chem_comp.mon_nstd_flag 
_chem_comp.name 
_chem_comp.pdbx_synonyms 
_chem_comp.formula 
_chem_comp.formula_weight 
ALA 'L-peptide linking' y ALANINE                                                                  ? 'C3 H7 N O2'         89.093  
ARG 'L-peptide linking' y ARGININE                                                                 ? 'C6 H15 N4 O2 1'     175.209 
ASN 'L-peptide linking' y ASPARAGINE                                                               ? 'C4 H8 N2 O3'        132.118 
ASP 'L-peptide linking' y 'ASPARTIC ACID'                                                          ? 'C4 H7 N O4'         133.103 
GLN 'L-peptide linking' y GLUTAMINE                                                                ? 'C5 H10 N2 O3'       146.144 
GLU 'L-peptide linking' y 'GLUTAMIC ACID'                                                          ? 'C5 H9 N O4'         147.129 
GLY 'peptide linking'   y GLYCINE                                                                  ? 'C2 H5 N O2'         75.067  
HIS 'L-peptide linking' y HISTIDINE                                                                ? 'C6 H10 N3 O2 1'     156.162 
HOH non-polymer         . WATER                                                                    ? 'H2 O'               18.015  
ILE 'L-peptide linking' y ISOLEUCINE                                                               ? 'C6 H13 N O2'        131.173 
LEU 'L-peptide linking' y LEUCINE                                                                  ? 'C6 H13 N O2'        131.173 
LYS 'L-peptide linking' y LYSINE                                                                   ? 'C6 H15 N2 O2 1'     147.195 
MET 'L-peptide linking' y METHIONINE                                                               ? 'C5 H11 N O2 S'      149.211 
PHE 'L-peptide linking' y PHENYLALANINE                                                            ? 'C9 H11 N O2'        165.189 
PRO 'L-peptide linking' y PROLINE                                                                  ? 'C5 H9 N O2'         115.130 
SER 'L-peptide linking' y SERINE                                                                   ? 'C3 H7 N O3'         105.093 
THR 'L-peptide linking' y THREONINE                                                                ? 'C4 H9 N O3'         119.119 
TRP 'L-peptide linking' y TRYPTOPHAN                                                               ? 'C11 H12 N2 O2'      204.225 
TYR 'L-peptide linking' y TYROSINE                                                                 ? 'C9 H11 N O3'        181.189 
VAL 'L-peptide linking' y VALINE                                                                   ? 'C5 H11 N O2'        117.146 
X29 non-polymer         . '4-(6-bromo[1,2,4]triazolo[4,3-a]pyridin-3-yl)-6-chlorobenzene-1,3-diol' ? 'C12 H7 Br Cl N3 O2' 340.560 
# 
_exptl.entry_id          4L91 
_exptl.method            'X-RAY DIFFRACTION' 
_exptl.crystals_number   1 
# 
_exptl_crystal.id                    1 
_exptl_crystal.density_meas          ? 
_exptl_crystal.density_Matthews      2.87 
_exptl_crystal.density_percent_sol   57.12 
_exptl_crystal.description           ? 
_exptl_crystal.F_000                 ? 
_exptl_crystal.preparation           ? 
# 
_exptl_crystal_grow.crystal_id      1 
_exptl_crystal_grow.method          'VAPOR DIFFUSION, HANGING DROP' 
_exptl_crystal_grow.temp            277 
_exptl_crystal_grow.temp_details    ? 
_exptl_crystal_grow.pH              6.5 
_exptl_crystal_grow.pdbx_details    
;25%(w/v) PEG 2000 monomethyl ether, 200mM magnesium chloride, 100mM sodium cacodylate, pH 6.5, VAPOR DIFFUSION, HANGING DROP, temperature 277K
;
_exptl_crystal_grow.pdbx_pH_range   . 
# 
_diffrn.id                     1 
_diffrn.ambient_temp           100 
_diffrn.ambient_temp_details   ? 
_diffrn.crystal_id             1 
# 
_diffrn_detector.diffrn_id              1 
_diffrn_detector.detector               CCD 
_diffrn_detector.type                   'ADSC QUANTUM 315r' 
_diffrn_detector.pdbx_collection_date   ? 
_diffrn_detector.details                ? 
# 
_diffrn_radiation.diffrn_id                        1 
_diffrn_radiation.wavelength_id                    1 
_diffrn_radiation.pdbx_monochromatic_or_laue_m_l   M 
_diffrn_radiation.monochromator                    ? 
_diffrn_radiation.pdbx_diffrn_protocol             'SINGLE WAVELENGTH' 
_diffrn_radiation.pdbx_scattering_type             x-ray 
# 
_diffrn_radiation_wavelength.id           1 
_diffrn_radiation_wavelength.wavelength   0.9791 
_diffrn_radiation_wavelength.wt           1.0 
# 
_diffrn_source.diffrn_id                   1 
_diffrn_source.source                      SYNCHROTRON 
_diffrn_source.type                        'SSRF BEAMLINE BL17U' 
_diffrn_source.pdbx_synchrotron_site       SSRF 
_diffrn_source.pdbx_synchrotron_beamline   BL17U 
_diffrn_source.pdbx_wavelength             ? 
_diffrn_source.pdbx_wavelength_list        0.9791 
# 
_reflns.entry_id                     4L91 
_reflns.observed_criterion_sigma_I   2.0 
_reflns.observed_criterion_sigma_F   2.0 
_reflns.d_resolution_low             33.432 
_reflns.d_resolution_high            1.75 
_reflns.number_obs                   30130 
_reflns.number_all                   ? 
_reflns.percent_possible_obs         99.6 
_reflns.pdbx_Rmerge_I_obs            ? 
_reflns.pdbx_Rsym_value              ? 
_reflns.pdbx_netI_over_sigmaI        ? 
_reflns.B_iso_Wilson_estimate        23.040 
_reflns.pdbx_redundancy              ? 
_reflns.R_free_details               ? 
_reflns.limit_h_max                  ? 
_reflns.limit_h_min                  ? 
_reflns.limit_k_max                  ? 
_reflns.limit_k_min                  ? 
_reflns.limit_l_max                  ? 
_reflns.limit_l_min                  ? 
_reflns.observed_criterion_F_max     ? 
_reflns.observed_criterion_F_min     ? 
_reflns.pdbx_chi_squared             ? 
_reflns.pdbx_scaling_rejects         ? 
_reflns.pdbx_ordinal                 1 
_reflns.pdbx_diffrn_id               1 
# 
_refine.entry_id                                 4L91 
_refine.ls_number_reflns_obs                     29348 
_refine.ls_number_reflns_all                     ? 
_refine.pdbx_ls_sigma_I                          ? 
_refine.pdbx_ls_sigma_F                          0.00 
_refine.pdbx_data_cutoff_high_absF               ? 
_refine.pdbx_data_cutoff_low_absF                ? 
_refine.pdbx_data_cutoff_high_rms_absF           ? 
_refine.ls_d_res_low                             33.432 
_refine.ls_d_res_high                            1.750 
_refine.ls_percent_reflns_obs                    97.43 
_refine.ls_R_factor_obs                          0.1917 
_refine.ls_R_factor_all                          ? 
_refine.ls_R_factor_R_work                       0.1903 
_refine.ls_R_factor_R_free                       0.2112 
_refine.ls_R_factor_R_free_error                 ? 
_refine.ls_R_factor_R_free_error_details         ? 
_refine.ls_percent_reflns_R_free                 6.59 
_refine.ls_number_reflns_R_free                  1933 
_refine.ls_number_parameters                     ? 
_refine.ls_number_restraints                     ? 
_refine.B_iso_mean                               26.8331 
_refine.aniso_B[1][1]                            -2.6072 
_refine.aniso_B[2][2]                            3.3188 
_refine.aniso_B[3][3]                            -0.7116 
_refine.aniso_B[1][2]                            0.0000 
_refine.aniso_B[1][3]                            -0.0000 
_refine.aniso_B[2][3]                            0.0000 
_refine.solvent_model_details                    'FLAT BULK SOLVENT MODEL' 
_refine.solvent_model_param_ksol                 0.382 
_refine.solvent_model_param_bsol                 40.150 
_refine.pdbx_solvent_vdw_probe_radii             1.10 
_refine.pdbx_solvent_ion_probe_radii             ? 
_refine.pdbx_solvent_shrinkage_radii             0.83 
_refine.pdbx_ls_cross_valid_method               ? 
_refine.details                                  ? 
_refine.pdbx_starting_model                      3T0Z 
_refine.pdbx_method_to_determine_struct          'MOLECULAR REPLACEMENT' 
_refine.pdbx_isotropic_thermal_model             ? 
_refine.pdbx_stereochemistry_target_values       ML 
_refine.pdbx_stereochem_target_val_spec_case     ? 
_refine.pdbx_R_Free_selection_details            ? 
_refine.pdbx_overall_ESU_R                       ? 
_refine.pdbx_overall_ESU_R_Free                  ? 
_refine.overall_SU_ML                            0.18 
_refine.overall_FOM_work_R_set                   0.8687 
_refine.B_iso_max                                59.480 
_refine.B_iso_min                                13.240 
_refine.pdbx_overall_phase_error                 20.1000 
_refine.occupancy_max                            1.000 
_refine.occupancy_min                            1.000 
_refine.pdbx_diffrn_id                           1 
_refine.pdbx_refine_id                           'X-RAY DIFFRACTION' 
_refine.ls_redundancy_reflns_obs                 ? 
_refine.overall_SU_B                             ? 
_refine.correlation_coeff_Fo_to_Fc               ? 
_refine.correlation_coeff_Fo_to_Fc_free          ? 
_refine.overall_SU_R_Cruickshank_DPI             ? 
_refine.overall_SU_R_free                        ? 
_refine.ls_wR_factor_R_free                      ? 
_refine.ls_wR_factor_R_work                      ? 
_refine.overall_FOM_free_R_set                   ? 
_refine.pdbx_TLS_residual_ADP_flag               ? 
_refine.pdbx_overall_SU_R_free_Cruickshank_DPI   ? 
_refine.pdbx_overall_SU_R_Blow_DPI               ? 
_refine.pdbx_overall_SU_R_free_Blow_DPI          ? 
# 
_refine_hist.pdbx_refine_id                   'X-RAY DIFFRACTION' 
_refine_hist.cycle_id                         LAST 
_refine_hist.pdbx_number_atoms_protein        1626 
_refine_hist.pdbx_number_atoms_nucleic_acid   0 
_refine_hist.pdbx_number_atoms_ligand         19 
_refine_hist.number_atoms_solvent             129 
_refine_hist.number_atoms_total               1774 
_refine_hist.d_res_high                       1.750 
_refine_hist.d_res_low                        33.432 
# 
loop_
_refine_ls_restr.pdbx_refine_id 
_refine_ls_restr.type 
_refine_ls_restr.number 
_refine_ls_restr.dev_ideal 
_refine_ls_restr.dev_ideal_target 
_refine_ls_restr.weight 
_refine_ls_restr.pdbx_restraint_function 
'X-RAY DIFFRACTION' f_bond_d           1673 0.007  ? ? ? 
'X-RAY DIFFRACTION' f_angle_d          2259 1.047  ? ? ? 
'X-RAY DIFFRACTION' f_chiral_restr     257  0.075  ? ? ? 
'X-RAY DIFFRACTION' f_plane_restr      286  0.005  ? ? ? 
'X-RAY DIFFRACTION' f_dihedral_angle_d 616  14.055 ? ? ? 
# 
loop_
_refine_ls_shell.d_res_high 
_refine_ls_shell.d_res_low 
_refine_ls_shell.pdbx_total_number_of_bins_used 
_refine_ls_shell.percent_reflns_obs 
_refine_ls_shell.number_reflns_R_work 
_refine_ls_shell.R_factor_all 
_refine_ls_shell.R_factor_R_work 
_refine_ls_shell.R_factor_R_free 
_refine_ls_shell.percent_reflns_R_free 
_refine_ls_shell.number_reflns_R_free 
_refine_ls_shell.R_factor_R_free_error 
_refine_ls_shell.number_reflns_all 
_refine_ls_shell.number_reflns_obs 
_refine_ls_shell.pdbx_refine_id 
_refine_ls_shell.redundancy_reflns_obs 
1.7502 1.8128  10 92.0000  2546 . 0.2086 0.2489 . 168 . 2714 . 'X-RAY DIFFRACTION' . 
1.8128 1.8854  10 94.0000  2581 . 0.1905 0.2240 . 191 . 2772 . 'X-RAY DIFFRACTION' . 
1.8854 1.9712  10 96.0000  2658 . 0.1830 0.2302 . 187 . 2845 . 'X-RAY DIFFRACTION' . 
1.9712 2.0751  10 98.0000  2758 . 0.1878 0.2323 . 189 . 2947 . 'X-RAY DIFFRACTION' . 
2.0751 2.2051  10 99.0000  2725 . 0.1775 0.2088 . 196 . 2921 . 'X-RAY DIFFRACTION' . 
2.2051 2.3753  10 99.0000  2780 . 0.1845 0.1975 . 195 . 2975 . 'X-RAY DIFFRACTION' . 
2.3753 2.6142  10 99.0000  2774 . 0.2130 0.2269 . 199 . 2973 . 'X-RAY DIFFRACTION' . 
2.6142 2.9923  10 100.0000 2828 . 0.2277 0.2611 . 196 . 3024 . 'X-RAY DIFFRACTION' . 
2.9923 3.7691  10 100.0000 2845 . 0.1977 0.2055 . 203 . 3048 . 'X-RAY DIFFRACTION' . 
3.7691 33.4386 10 99.0000  2920 . 0.1657 0.1820 . 209 . 3129 . 'X-RAY DIFFRACTION' . 
# 
_struct.entry_id                  4L91 
_struct.title                     'Crystal structure of Human Hsp90 with X29' 
_struct.pdbx_model_details        ? 
_struct.pdbx_CASP_flag            ? 
_struct.pdbx_model_type_details   ? 
# 
_struct_keywords.entry_id        4L91 
_struct_keywords.pdbx_keywords   'Chaperone/Chaperone Inhibitor' 
_struct_keywords.text            'ATP hydrolysis, Hsp90N-Hsp90N Inhibitor complex, Chaperone-Chaperone Inhibitor complex' 
# 
loop_
_struct_asym.id 
_struct_asym.pdbx_blank_PDB_chainid_flag 
_struct_asym.pdbx_modified 
_struct_asym.entity_id 
_struct_asym.details 
A N N 1 ? 
B N N 2 ? 
C N N 3 ? 
# 
_struct_biol.id        1 
_struct_biol.details   ? 
# 
loop_
_struct_conf.conf_type_id 
_struct_conf.id 
_struct_conf.pdbx_PDB_helix_id 
_struct_conf.beg_label_comp_id 
_struct_conf.beg_label_asym_id 
_struct_conf.beg_label_seq_id 
_struct_conf.pdbx_beg_PDB_ins_code 
_struct_conf.end_label_comp_id 
_struct_conf.end_label_asym_id 
_struct_conf.end_label_seq_id 
_struct_conf.pdbx_end_PDB_ins_code 
_struct_conf.beg_auth_comp_id 
_struct_conf.beg_auth_asym_id 
_struct_conf.beg_auth_seq_id 
_struct_conf.end_auth_comp_id 
_struct_conf.end_auth_asym_id 
_struct_conf.end_auth_seq_id 
_struct_conf.pdbx_PDB_helix_class 
_struct_conf.details 
_struct_conf.pdbx_PDB_helix_length 
HELX_P HELX_P1 1 GLN A 15  ? THR A 28  ? GLN A 23  THR A 36  1 ? 14 
HELX_P HELX_P2 2 GLU A 34  ? ASP A 58  ? GLU A 42  ASP A 66  1 ? 25 
HELX_P HELX_P3 3 PRO A 59  ? ASP A 63  ? PRO A 67  ASP A 71  5 ? 5  
HELX_P HELX_P4 4 THR A 91  ? ASN A 97  ? THR A 99  ASN A 105 1 ? 7  
HELX_P HELX_P5 5 ASN A 97  ? ALA A 116 ? ASN A 105 ALA A 124 1 ? 20 
HELX_P HELX_P6 6 ASP A 119 ? GLY A 127 ? ASP A 127 GLY A 135 5 ? 9  
HELX_P HELX_P7 7 VAL A 128 ? LEU A 135 ? VAL A 136 LEU A 143 5 ? 8  
HELX_P HELX_P8 8 GLU A 184 ? LEU A 190 ? GLU A 192 LEU A 198 5 ? 7  
HELX_P HELX_P9 9 GLU A 191 ? SER A 203 ? GLU A 199 SER A 211 1 ? 13 
# 
_struct_conf_type.id          HELX_P 
_struct_conf_type.criteria    ? 
_struct_conf_type.reference   ? 
# 
_struct_sheet.id               A 
_struct_sheet.type             ? 
_struct_sheet.number_strands   8 
_struct_sheet.details          ? 
# 
loop_
_struct_sheet_order.sheet_id 
_struct_sheet_order.range_id_1 
_struct_sheet_order.range_id_2 
_struct_sheet_order.offset 
_struct_sheet_order.sense 
A 1 2 ? anti-parallel 
A 2 3 ? anti-parallel 
A 3 4 ? anti-parallel 
A 4 5 ? anti-parallel 
A 5 6 ? anti-parallel 
A 6 7 ? anti-parallel 
A 7 8 ? parallel      
# 
loop_
_struct_sheet_range.sheet_id 
_struct_sheet_range.id 
_struct_sheet_range.beg_label_comp_id 
_struct_sheet_range.beg_label_asym_id 
_struct_sheet_range.beg_label_seq_id 
_struct_sheet_range.pdbx_beg_PDB_ins_code 
_struct_sheet_range.end_label_comp_id 
_struct_sheet_range.end_label_asym_id 
_struct_sheet_range.end_label_seq_id 
_struct_sheet_range.pdbx_end_PDB_ins_code 
_struct_sheet_range.beg_auth_comp_id 
_struct_sheet_range.beg_auth_asym_id 
_struct_sheet_range.beg_auth_seq_id 
_struct_sheet_range.end_auth_comp_id 
_struct_sheet_range.end_auth_asym_id 
_struct_sheet_range.end_auth_seq_id 
A 1 GLU A 10  ? ALA A 13  ? GLU A 18  ALA A 21  
A 2 SER A 161 ? THR A 166 ? SER A 169 THR A 174 
A 3 TYR A 152 ? SER A 156 ? TYR A 160 SER A 164 
A 4 ALA A 137 ? LYS A 145 ? ALA A 145 LYS A 153 
A 5 GLY A 175 ? LEU A 182 ? GLY A 183 LEU A 190 
A 6 THR A 80  ? ASP A 85  ? THR A 88  ASP A 93  
A 7 ILE A 70  ? ASN A 75  ? ILE A 78  ASN A 83  
A 8 ILE A 210 ? LEU A 212 ? ILE A 218 LEU A 220 
# 
loop_
_pdbx_struct_sheet_hbond.sheet_id 
_pdbx_struct_sheet_hbond.range_id_1 
_pdbx_struct_sheet_hbond.range_id_2 
_pdbx_struct_sheet_hbond.range_1_label_atom_id 
_pdbx_struct_sheet_hbond.range_1_label_comp_id 
_pdbx_struct_sheet_hbond.range_1_label_asym_id 
_pdbx_struct_sheet_hbond.range_1_label_seq_id 
_pdbx_struct_sheet_hbond.range_1_PDB_ins_code 
_pdbx_struct_sheet_hbond.range_1_auth_atom_id 
_pdbx_struct_sheet_hbond.range_1_auth_comp_id 
_pdbx_struct_sheet_hbond.range_1_auth_asym_id 
_pdbx_struct_sheet_hbond.range_1_auth_seq_id 
_pdbx_struct_sheet_hbond.range_2_label_atom_id 
_pdbx_struct_sheet_hbond.range_2_label_comp_id 
_pdbx_struct_sheet_hbond.range_2_label_asym_id 
_pdbx_struct_sheet_hbond.range_2_label_seq_id 
_pdbx_struct_sheet_hbond.range_2_PDB_ins_code 
_pdbx_struct_sheet_hbond.range_2_auth_atom_id 
_pdbx_struct_sheet_hbond.range_2_auth_comp_id 
_pdbx_struct_sheet_hbond.range_2_auth_asym_id 
_pdbx_struct_sheet_hbond.range_2_auth_seq_id 
A 1 2 N PHE A 12  ? N PHE A 20  O PHE A 162 ? O PHE A 170 
A 2 3 O ARG A 165 ? O ARG A 173 N ALA A 153 ? N ALA A 161 
A 3 4 O TRP A 154 ? O TRP A 162 N VAL A 142 ? N VAL A 150 
A 4 5 N THR A 141 ? N THR A 149 O ILE A 179 ? O ILE A 187 
A 5 6 O LEU A 180 ? O LEU A 188 N LEU A 81  ? N LEU A 89  
A 6 7 O VAL A 84  ? O VAL A 92  N ASN A 71  ? N ASN A 79  
A 7 8 N LEU A 72  ? N LEU A 80  O THR A 211 ? O THR A 219 
# 
_struct_site.id                   AC1 
_struct_site.pdbx_evidence_code   Software 
_struct_site.pdbx_auth_asym_id    A 
_struct_site.pdbx_auth_comp_id    X29 
_struct_site.pdbx_auth_seq_id     301 
_struct_site.pdbx_auth_ins_code   ? 
_struct_site.pdbx_num_residues    11 
_struct_site.details              'BINDING SITE FOR RESIDUE X29 A 301' 
# 
loop_
_struct_site_gen.id 
_struct_site_gen.site_id 
_struct_site_gen.pdbx_num_res 
_struct_site_gen.label_comp_id 
_struct_site_gen.label_asym_id 
_struct_site_gen.label_seq_id 
_struct_site_gen.pdbx_auth_ins_code 
_struct_site_gen.auth_comp_id 
_struct_site_gen.auth_asym_id 
_struct_site_gen.auth_seq_id 
_struct_site_gen.label_atom_id 
_struct_site_gen.label_alt_id 
_struct_site_gen.symmetry 
_struct_site_gen.details 
1  AC1 11 ASN A 43  ? ASN A 51  . ? 1_555 ? 
2  AC1 11 ALA A 47  ? ALA A 55  . ? 1_555 ? 
3  AC1 11 ASP A 85  ? ASP A 93  . ? 1_555 ? 
4  AC1 11 MET A 90  ? MET A 98  . ? 1_555 ? 
5  AC1 11 LEU A 95  ? LEU A 103 . ? 1_555 ? 
6  AC1 11 PHE A 130 ? PHE A 138 . ? 1_555 ? 
7  AC1 11 TRP A 154 ? TRP A 162 . ? 1_555 ? 
8  AC1 11 THR A 176 ? THR A 184 . ? 1_555 ? 
9  AC1 11 HOH C .   ? HOH A 402 . ? 1_555 ? 
10 AC1 11 HOH C .   ? HOH A 413 . ? 1_555 ? 
11 AC1 11 HOH C .   ? HOH A 431 . ? 1_555 ? 
# 
_atom_sites.entry_id                    4L91 
_atom_sites.fract_transf_matrix[1][1]   0.00527858 
_atom_sites.fract_transf_matrix[1][2]   0.00772179 
_atom_sites.fract_transf_matrix[1][3]   0.01167015 
_atom_sites.fract_transf_matrix[2][1]   0.00757113 
_atom_sites.fract_transf_matrix[2][2]   -0.00794783 
_atom_sites.fract_transf_matrix[2][3]   0.00183431 
_atom_sites.fract_transf_matrix[3][1]   0.00655521 
_atom_sites.fract_transf_matrix[3][2]   0.00482359 
_atom_sites.fract_transf_matrix[3][3]   -0.00615664 
_atom_sites.fract_transf_vector[1]      -0.490635 
_atom_sites.fract_transf_vector[2]      0.161129 
_atom_sites.fract_transf_vector[3]      0.210928 
# 
loop_
_atom_type.symbol 
BR 
C  
CL 
N  
O  
S  
# 
loop_
_atom_site.group_PDB 
_atom_site.id 
_atom_site.type_symbol 
_atom_site.label_atom_id 
_atom_site.label_alt_id 
_atom_site.label_comp_id 
_atom_site.label_asym_id 
_atom_site.label_entity_id 
_atom_site.label_seq_id 
_atom_site.pdbx_PDB_ins_code 
_atom_site.Cartn_x 
_atom_site.Cartn_y 
_atom_site.Cartn_z 
_atom_site.occupancy 
_atom_site.B_iso_or_equiv 
_atom_site.pdbx_formal_charge 
_atom_site.auth_seq_id 
_atom_site.auth_comp_id 
_atom_site.auth_asym_id 
_atom_site.auth_atom_id 
_atom_site.pdbx_PDB_model_num 
ATOM   1    N  N   . VAL A 1 9   ? 21.799  1.674   -1.349  1.00 32.74 ? 17  VAL A N   1 
ATOM   2    C  CA  . VAL A 1 9   ? 20.593  1.676   -0.518  1.00 25.53 ? 17  VAL A CA  1 
ATOM   3    C  C   . VAL A 1 9   ? 20.665  2.831   0.477   1.00 27.95 ? 17  VAL A C   1 
ATOM   4    O  O   . VAL A 1 9   ? 21.647  2.965   1.216   1.00 29.79 ? 17  VAL A O   1 
ATOM   5    C  CB  . VAL A 1 9   ? 20.443  0.374   0.248   1.00 28.65 ? 17  VAL A CB  1 
ATOM   6    C  CG1 . VAL A 1 9   ? 19.254  0.456   1.216   1.00 26.85 ? 17  VAL A CG1 1 
ATOM   7    C  CG2 . VAL A 1 9   ? 20.286  -0.795  -0.713  1.00 38.34 ? 17  VAL A CG2 1 
ATOM   8    N  N   . GLU A 1 10  ? 19.650  3.685   0.467   1.00 22.69 ? 18  GLU A N   1 
ATOM   9    C  CA  . GLU A 1 10  ? 19.603  4.814   1.387   1.00 20.93 ? 18  GLU A CA  1 
ATOM   10   C  C   . GLU A 1 10  ? 18.614  4.493   2.504   1.00 24.14 ? 18  GLU A C   1 
ATOM   11   O  O   . GLU A 1 10  ? 17.565  3.925   2.243   1.00 19.22 ? 18  GLU A O   1 
ATOM   12   C  CB  . GLU A 1 10  ? 19.185  6.085   0.657   1.00 22.27 ? 18  GLU A CB  1 
ATOM   13   C  CG  . GLU A 1 10  ? 20.234  6.615   -0.318  1.00 23.46 ? 18  GLU A CG  1 
ATOM   14   C  CD  . GLU A 1 10  ? 19.799  7.901   -0.985  1.00 32.08 ? 18  GLU A CD  1 
ATOM   15   O  OE1 . GLU A 1 10  ? 18.797  7.870   -1.722  1.00 31.44 ? 18  GLU A OE1 1 
ATOM   16   O  OE2 . GLU A 1 10  ? 20.451  8.943   -0.769  1.00 36.29 ? 18  GLU A OE2 1 
ATOM   17   N  N   . THR A 1 11  ? 18.965  4.841   3.742   1.00 19.38 ? 19  THR A N   1 
ATOM   18   C  CA  . THR A 1 11  ? 18.106  4.569   4.898   1.00 20.18 ? 19  THR A CA  1 
ATOM   19   C  C   . THR A 1 11  ? 17.630  5.904   5.450   1.00 19.23 ? 19  THR A C   1 
ATOM   20   O  O   . THR A 1 11  ? 18.424  6.832   5.603   1.00 20.74 ? 19  THR A O   1 
ATOM   21   C  CB  . THR A 1 11  ? 18.874  3.784   6.003   1.00 20.21 ? 19  THR A CB  1 
ATOM   22   O  OG1 . THR A 1 11  ? 19.339  2.538   5.467   1.00 20.53 ? 19  THR A OG1 1 
ATOM   23   C  CG2 . THR A 1 11  ? 17.985  3.502   7.209   1.00 17.44 ? 19  THR A CG2 1 
ATOM   24   N  N   . PHE A 1 12  ? 16.338  5.983   5.758   1.00 17.50 ? 20  PHE A N   1 
ATOM   25   C  CA  . PHE A 1 12  ? 15.690  7.209   6.201   1.00 18.09 ? 20  PHE A CA  1 
ATOM   26   C  C   . PHE A 1 12  ? 14.908  6.941   7.473   1.00 19.16 ? 20  PHE A C   1 
ATOM   27   O  O   . PHE A 1 12  ? 14.418  5.840   7.676   1.00 18.57 ? 20  PHE A O   1 
ATOM   28   C  CB  . PHE A 1 12  ? 14.698  7.685   5.135   1.00 18.30 ? 20  PHE A CB  1 
ATOM   29   C  CG  . PHE A 1 12  ? 15.328  7.964   3.793   1.00 21.25 ? 20  PHE A CG  1 
ATOM   30   C  CD1 . PHE A 1 12  ? 15.819  9.222   3.495   1.00 22.57 ? 20  PHE A CD1 1 
ATOM   31   C  CD2 . PHE A 1 12  ? 15.421  6.966   2.833   1.00 21.43 ? 20  PHE A CD2 1 
ATOM   32   C  CE1 . PHE A 1 12  ? 16.399  9.481   2.266   1.00 22.91 ? 20  PHE A CE1 1 
ATOM   33   C  CE2 . PHE A 1 12  ? 16.011  7.215   1.603   1.00 20.53 ? 20  PHE A CE2 1 
ATOM   34   C  CZ  . PHE A 1 12  ? 16.489  8.468   1.315   1.00 21.09 ? 20  PHE A CZ  1 
ATOM   35   N  N   . ALA A 1 13  ? 14.786  7.956   8.316   1.00 17.39 ? 21  ALA A N   1 
ATOM   36   C  CA  . ALA A 1 13  ? 13.941  7.852   9.494   1.00 20.15 ? 21  ALA A CA  1 
ATOM   37   C  C   . ALA A 1 13  ? 12.544  8.310   9.104   1.00 19.21 ? 21  ALA A C   1 
ATOM   38   O  O   . ALA A 1 13  ? 12.385  9.302   8.392   1.00 22.68 ? 21  ALA A O   1 
ATOM   39   C  CB  . ALA A 1 13  ? 14.505  8.736   10.625  1.00 22.65 ? 21  ALA A CB  1 
ATOM   40   N  N   . PHE A 1 14  ? 11.519  7.593   9.561   1.00 20.73 ? 22  PHE A N   1 
ATOM   41   C  CA  . PHE A 1 14  ? 10.159  8.082   9.399   1.00 19.18 ? 22  PHE A CA  1 
ATOM   42   C  C   . PHE A 1 14  ? 10.016  9.352   10.214  1.00 21.30 ? 22  PHE A C   1 
ATOM   43   O  O   . PHE A 1 14  ? 10.675  9.505   11.243  1.00 21.25 ? 22  PHE A O   1 
ATOM   44   C  CB  . PHE A 1 14  ? 9.161   7.076   9.975   1.00 18.96 ? 22  PHE A CB  1 
ATOM   45   C  CG  . PHE A 1 14  ? 8.910   5.887   9.102   1.00 18.35 ? 22  PHE A CG  1 
ATOM   46   C  CD1 . PHE A 1 14  ? 8.135   6.001   7.954   1.00 19.61 ? 22  PHE A CD1 1 
ATOM   47   C  CD2 . PHE A 1 14  ? 9.403   4.648   9.459   1.00 18.62 ? 22  PHE A CD2 1 
ATOM   48   C  CE1 . PHE A 1 14  ? 7.900   4.906   7.148   1.00 18.35 ? 22  PHE A CE1 1 
ATOM   49   C  CE2 . PHE A 1 14  ? 9.161   3.540   8.662   1.00 15.56 ? 22  PHE A CE2 1 
ATOM   50   C  CZ  . PHE A 1 14  ? 8.404   3.673   7.507   1.00 17.96 ? 22  PHE A CZ  1 
ATOM   51   N  N   . GLN A 1 15  ? 9.142   10.247  9.771   1.00 22.84 ? 23  GLN A N   1 
ATOM   52   C  CA  . GLN A 1 15  ? 8.691   11.332  10.632  1.00 27.12 ? 23  GLN A CA  1 
ATOM   53   C  C   . GLN A 1 15  ? 8.214   10.750  11.964  1.00 28.07 ? 23  GLN A C   1 
ATOM   54   O  O   . GLN A 1 15  ? 7.587   9.692   11.995  1.00 25.49 ? 23  GLN A O   1 
ATOM   55   C  CB  . GLN A 1 15  ? 7.558   12.087  9.944   1.00 29.71 ? 23  GLN A CB  1 
ATOM   56   C  CG  . GLN A 1 15  ? 7.969   12.689  8.614   1.00 35.92 ? 23  GLN A CG  1 
ATOM   57   C  CD  . GLN A 1 15  ? 7.672   14.155  8.557   1.00 42.68 ? 23  GLN A CD  1 
ATOM   58   O  OE1 . GLN A 1 15  ? 6.682   14.603  9.119   1.00 48.11 ? 23  GLN A OE1 1 
ATOM   59   N  NE2 . GLN A 1 15  ? 8.536   14.925  7.896   1.00 42.79 ? 23  GLN A NE2 1 
ATOM   60   N  N   . ALA A 1 16  ? 8.517   11.428  13.069  1.00 26.40 ? 24  ALA A N   1 
ATOM   61   C  CA  . ALA A 1 16  ? 8.219   10.883  14.394  1.00 26.57 ? 24  ALA A CA  1 
ATOM   62   C  C   . ALA A 1 16  ? 6.765   10.433  14.556  1.00 25.04 ? 24  ALA A C   1 
ATOM   63   O  O   . ALA A 1 16  ? 6.497   9.417   15.189  1.00 24.61 ? 24  ALA A O   1 
ATOM   64   C  CB  . ALA A 1 16  ? 8.582   11.887  15.477  1.00 30.33 ? 24  ALA A CB  1 
ATOM   65   N  N   . GLU A 1 17  ? 5.833   11.192  13.990  1.00 24.78 ? 25  GLU A N   1 
ATOM   66   C  CA  . GLU A 1 17  ? 4.408   10.914  14.148  1.00 25.92 ? 25  GLU A CA  1 
ATOM   67   C  C   . GLU A 1 17  ? 4.020   9.627   13.428  1.00 23.08 ? 25  GLU A C   1 
ATOM   68   O  O   . GLU A 1 17  ? 3.159   8.873   13.884  1.00 22.76 ? 25  GLU A O   1 
ATOM   69   C  CB  . GLU A 1 17  ? 3.576   12.077  13.610  1.00 29.95 ? 25  GLU A CB  1 
ATOM   70   C  CG  . GLU A 1 17  ? 3.706   13.366  14.412  1.00 36.02 ? 25  GLU A CG  1 
ATOM   71   C  CD  . GLU A 1 17  ? 4.921   14.204  14.032  1.00 42.04 ? 25  GLU A CD  1 
ATOM   72   O  OE1 . GLU A 1 17  ? 5.671   13.813  13.106  1.00 40.00 ? 25  GLU A OE1 1 
ATOM   73   O  OE2 . GLU A 1 17  ? 5.120   15.266  14.668  1.00 43.86 ? 25  GLU A OE2 1 
ATOM   74   N  N   . ILE A 1 18  ? 4.675   9.383   12.305  1.00 23.02 ? 26  ILE A N   1 
ATOM   75   C  CA  . ILE A 1 18  ? 4.425   8.169   11.536  1.00 21.17 ? 26  ILE A CA  1 
ATOM   76   C  C   . ILE A 1 18  ? 5.049   6.952   12.215  1.00 21.32 ? 26  ILE A C   1 
ATOM   77   O  O   . ILE A 1 18  ? 4.452   5.879   12.244  1.00 18.47 ? 26  ILE A O   1 
ATOM   78   C  CB  . ILE A 1 18  ? 4.921   8.317   10.093  1.00 21.07 ? 26  ILE A CB  1 
ATOM   79   C  CG1 . ILE A 1 18  ? 4.072   9.375   9.385   1.00 26.84 ? 26  ILE A CG1 1 
ATOM   80   C  CG2 . ILE A 1 18  ? 4.812   6.968   9.360   1.00 22.13 ? 26  ILE A CG2 1 
ATOM   81   C  CD1 . ILE A 1 18  ? 4.475   9.632   7.963   1.00 31.19 ? 26  ILE A CD1 1 
ATOM   82   N  N   . ALA A 1 19  ? 6.235   7.113   12.794  1.00 21.26 ? 27  ALA A N   1 
ATOM   83   C  CA  . ALA A 1 19  ? 6.810   6.026   13.579  1.00 20.56 ? 27  ALA A CA  1 
ATOM   84   C  C   . ALA A 1 19  ? 5.867   5.651   14.724  1.00 19.43 ? 27  ALA A C   1 
ATOM   85   O  O   . ALA A 1 19  ? 5.646   4.471   15.013  1.00 19.29 ? 27  ALA A O   1 
ATOM   86   C  CB  . ALA A 1 19  ? 8.191   6.420   14.123  1.00 24.14 ? 27  ALA A CB  1 
ATOM   87   N  N   . GLN A 1 20  ? 5.295   6.667   15.355  1.00 19.91 ? 28  GLN A N   1 
ATOM   88   C  CA  . GLN A 1 20  ? 4.378   6.473   16.474  1.00 20.60 ? 28  GLN A CA  1 
ATOM   89   C  C   . GLN A 1 20  ? 3.149   5.697   16.015  1.00 20.51 ? 28  GLN A C   1 
ATOM   90   O  O   . GLN A 1 20  ? 2.677   4.782   16.694  1.00 23.47 ? 28  GLN A O   1 
ATOM   91   C  CB  . GLN A 1 20  ? 3.944   7.839   16.990  1.00 24.85 ? 28  GLN A CB  1 
ATOM   92   C  CG  . GLN A 1 20  ? 3.147   7.822   18.268  1.00 34.16 ? 28  GLN A CG  1 
ATOM   93   C  CD  . GLN A 1 20  ? 2.928   9.231   18.791  1.00 38.11 ? 28  GLN A CD  1 
ATOM   94   O  OE1 . GLN A 1 20  ? 3.430   10.203  18.212  1.00 39.19 ? 28  GLN A OE1 1 
ATOM   95   N  NE2 . GLN A 1 20  ? 2.184   9.354   19.885  1.00 45.20 ? 28  GLN A NE2 1 
ATOM   96   N  N   . LEU A 1 21  ? 2.636   6.077   14.853  1.00 20.69 ? 29  LEU A N   1 
ATOM   97   C  CA  . LEU A 1 21  ? 1.454   5.430   14.296  1.00 19.12 ? 29  LEU A CA  1 
ATOM   98   C  C   . LEU A 1 21  ? 1.751   3.968   14.008  1.00 21.93 ? 29  LEU A C   1 
ATOM   99   O  O   . LEU A 1 21  ? 0.964   3.075   14.336  1.00 20.66 ? 29  LEU A O   1 
ATOM   100  C  CB  . LEU A 1 21  ? 1.019   6.129   13.016  1.00 20.51 ? 29  LEU A CB  1 
ATOM   101  C  CG  . LEU A 1 21  ? -0.060  5.364   12.243  1.00 23.03 ? 29  LEU A CG  1 
ATOM   102  C  CD1 . LEU A 1 21  ? -1.343  5.389   13.037  1.00 26.52 ? 29  LEU A CD1 1 
ATOM   103  C  CD2 . LEU A 1 21  ? -0.245  5.969   10.843  1.00 25.07 ? 29  LEU A CD2 1 
ATOM   104  N  N   . MET A 1 22  ? 2.896   3.717   13.389  1.00 19.97 ? 30  MET A N   1 
ATOM   105  C  CA  . MET A 1 22  ? 3.272   2.340   13.081  1.00 18.03 ? 30  MET A CA  1 
ATOM   106  C  C   . MET A 1 22  ? 3.401   1.483   14.336  1.00 19.35 ? 30  MET A C   1 
ATOM   107  O  O   . MET A 1 22  ? 2.974   0.336   14.346  1.00 20.29 ? 30  MET A O   1 
ATOM   108  C  CB  . MET A 1 22  ? 4.544   2.302   12.231  1.00 18.73 ? 30  MET A CB  1 
ATOM   109  C  CG  . MET A 1 22  ? 4.321   2.841   10.837  1.00 16.61 ? 30  MET A CG  1 
ATOM   110  S  SD  . MET A 1 22  ? 5.853   3.066   9.885   1.00 19.48 ? 30  MET A SD  1 
ATOM   111  C  CE  . MET A 1 22  ? 6.246   1.366   9.484   1.00 21.15 ? 30  MET A CE  1 
ATOM   112  N  N   . SER A 1 23  ? 3.973   2.037   15.400  1.00 21.18 ? 31  SER A N   1 
ATOM   113  C  CA  . SER A 1 23  ? 4.100   1.274   16.632  1.00 21.76 ? 31  SER A CA  1 
ATOM   114  C  C   . SER A 1 23  ? 2.732   0.975   17.220  1.00 20.23 ? 31  SER A C   1 
ATOM   115  O  O   . SER A 1 23  ? 2.508   -0.118  17.725  1.00 25.60 ? 31  SER A O   1 
ATOM   116  C  CB  . SER A 1 23  ? 4.959   2.019   17.663  1.00 24.58 ? 31  SER A CB  1 
ATOM   117  O  OG  . SER A 1 23  ? 6.279   2.161   17.184  1.00 28.74 ? 31  SER A OG  1 
ATOM   118  N  N   . LEU A 1 24  ? 1.823   1.943   17.152  1.00 21.03 ? 32  LEU A N   1 
ATOM   119  C  CA  . LEU A 1 24  ? 0.456   1.739   17.628  1.00 20.41 ? 32  LEU A CA  1 
ATOM   120  C  C   . LEU A 1 24  ? -0.210  0.603   16.866  1.00 22.95 ? 32  LEU A C   1 
ATOM   121  O  O   . LEU A 1 24  ? -0.883  -0.254  17.447  1.00 23.19 ? 32  LEU A O   1 
ATOM   122  C  CB  . LEU A 1 24  ? -0.363  3.023   17.474  1.00 23.34 ? 32  LEU A CB  1 
ATOM   123  C  CG  . LEU A 1 24  ? -1.828  3.023   17.931  1.00 26.47 ? 32  LEU A CG  1 
ATOM   124  C  CD1 . LEU A 1 24  ? -2.262  4.436   18.314  1.00 33.03 ? 32  LEU A CD1 1 
ATOM   125  C  CD2 . LEU A 1 24  ? -2.778  2.434   16.872  1.00 29.85 ? 32  LEU A CD2 1 
ATOM   126  N  N   . ILE A 1 25  ? -0.038  0.615   15.553  1.00 19.12 ? 33  ILE A N   1 
ATOM   127  C  CA  . ILE A 1 25  ? -0.616  -0.408  14.690  1.00 17.86 ? 33  ILE A CA  1 
ATOM   128  C  C   . ILE A 1 25  ? -0.044  -1.778  15.018  1.00 20.14 ? 33  ILE A C   1 
ATOM   129  O  O   . ILE A 1 25  ? -0.763  -2.779  15.061  1.00 21.90 ? 33  ILE A O   1 
ATOM   130  C  CB  . ILE A 1 25  ? -0.408  -0.036  13.202  1.00 17.83 ? 33  ILE A CB  1 
ATOM   131  C  CG1 . ILE A 1 25  ? -1.356  1.109   12.851  1.00 21.45 ? 33  ILE A CG1 1 
ATOM   132  C  CG2 . ILE A 1 25  ? -0.644  -1.246  12.287  1.00 18.79 ? 33  ILE A CG2 1 
ATOM   133  C  CD1 . ILE A 1 25  ? -0.990  1.864   11.583  1.00 24.85 ? 33  ILE A CD1 1 
ATOM   134  N  N   . ILE A 1 26  ? 1.253   -1.826  15.281  1.00 19.50 ? 34  ILE A N   1 
ATOM   135  C  CA  . ILE A 1 26  ? 1.904   -3.091  15.610  1.00 21.58 ? 34  ILE A CA  1 
ATOM   136  C  C   . ILE A 1 26  ? 1.566   -3.582  17.018  1.00 23.56 ? 34  ILE A C   1 
ATOM   137  O  O   . ILE A 1 26  ? 1.410   -4.789  17.249  1.00 26.65 ? 34  ILE A O   1 
ATOM   138  C  CB  . ILE A 1 26  ? 3.419   -2.975  15.415  1.00 22.48 ? 34  ILE A CB  1 
ATOM   139  C  CG1 . ILE A 1 26  ? 3.725   -2.833  13.918  1.00 23.08 ? 34  ILE A CG1 1 
ATOM   140  C  CG2 . ILE A 1 26  ? 4.145   -4.168  16.024  1.00 26.62 ? 34  ILE A CG2 1 
ATOM   141  C  CD1 . ILE A 1 26  ? 5.140   -2.363  13.616  1.00 26.41 ? 34  ILE A CD1 1 
ATOM   142  N  N   . ASN A 1 27  ? 1.426   -2.659  17.961  1.00 25.37 ? 35  ASN A N   1 
ATOM   143  C  CA  . ASN A 1 27  ? 1.319   -3.068  19.355  1.00 26.22 ? 35  ASN A CA  1 
ATOM   144  C  C   . ASN A 1 27  ? -0.100  -3.205  19.902  1.00 30.47 ? 35  ASN A C   1 
ATOM   145  O  O   . ASN A 1 27  ? -0.332  -3.979  20.830  1.00 31.06 ? 35  ASN A O   1 
ATOM   146  C  CB  . ASN A 1 27  ? 2.154   -2.150  20.251  1.00 29.77 ? 35  ASN A CB  1 
ATOM   147  C  CG  . ASN A 1 27  ? 3.633   -2.211  19.925  1.00 29.39 ? 35  ASN A CG  1 
ATOM   148  O  OD1 . ASN A 1 27  ? 4.275   -1.180  19.728  1.00 41.51 ? 35  ASN A OD1 1 
ATOM   149  N  ND2 . ASN A 1 27  ? 4.178   -3.415  19.854  1.00 31.46 ? 35  ASN A ND2 1 
ATOM   150  N  N   . THR A 1 28  ? -1.043  -2.460  19.339  1.00 24.20 ? 36  THR A N   1 
ATOM   151  C  CA  . THR A 1 28  ? -2.407  -2.470  19.862  1.00 26.08 ? 36  THR A CA  1 
ATOM   152  C  C   . THR A 1 28  ? -3.095  -3.808  19.619  1.00 28.43 ? 36  THR A C   1 
ATOM   153  O  O   . THR A 1 28  ? -3.014  -4.362  18.530  1.00 26.86 ? 36  THR A O   1 
ATOM   154  C  CB  . THR A 1 28  ? -3.252  -1.348  19.239  1.00 29.10 ? 36  THR A CB  1 
ATOM   155  O  OG1 . THR A 1 28  ? -2.651  -0.082  19.530  1.00 31.55 ? 36  THR A OG1 1 
ATOM   156  C  CG2 . THR A 1 28  ? -4.676  -1.376  19.792  1.00 32.21 ? 36  THR A CG2 1 
ATOM   157  N  N   . PHE A 1 29  ? -3.783  -4.329  20.633  1.00 27.27 ? 37  PHE A N   1 
ATOM   158  C  CA  . PHE A 1 29  ? -4.591  -5.522  20.421  1.00 25.95 ? 37  PHE A CA  1 
ATOM   159  C  C   . PHE A 1 29  ? -5.832  -5.140  19.633  1.00 24.77 ? 37  PHE A C   1 
ATOM   160  O  O   . PHE A 1 29  ? -6.633  -4.304  20.071  1.00 24.91 ? 37  PHE A O   1 
ATOM   161  C  CB  . PHE A 1 29  ? -4.999  -6.174  21.741  1.00 26.71 ? 37  PHE A CB  1 
ATOM   162  C  CG  . PHE A 1 29  ? -5.842  -7.402  21.551  1.00 25.96 ? 37  PHE A CG  1 
ATOM   163  C  CD1 . PHE A 1 29  ? -5.268  -8.588  21.140  1.00 29.35 ? 37  PHE A CD1 1 
ATOM   164  C  CD2 . PHE A 1 29  ? -7.213  -7.356  21.749  1.00 27.18 ? 37  PHE A CD2 1 
ATOM   165  C  CE1 . PHE A 1 29  ? -6.044  -9.725  20.948  1.00 33.71 ? 37  PHE A CE1 1 
ATOM   166  C  CE2 . PHE A 1 29  ? -7.996  -8.478  21.553  1.00 25.81 ? 37  PHE A CE2 1 
ATOM   167  C  CZ  . PHE A 1 29  ? -7.411  -9.663  21.149  1.00 28.22 ? 37  PHE A CZ  1 
ATOM   168  N  N   . TYR A 1 30  ? -5.978  -5.756  18.463  1.00 24.28 ? 38  TYR A N   1 
ATOM   169  C  CA  . TYR A 1 30  ? -7.050  -5.425  17.541  1.00 22.90 ? 38  TYR A CA  1 
ATOM   170  C  C   . TYR A 1 30  ? -7.236  -6.603  16.581  1.00 23.51 ? 38  TYR A C   1 
ATOM   171  O  O   . TYR A 1 30  ? -6.393  -6.868  15.744  1.00 22.71 ? 38  TYR A O   1 
ATOM   172  C  CB  . TYR A 1 30  ? -6.692  -4.159  16.761  1.00 23.93 ? 38  TYR A CB  1 
ATOM   173  C  CG  . TYR A 1 30  ? -7.770  -3.735  15.800  1.00 24.43 ? 38  TYR A CG  1 
ATOM   174  C  CD1 . TYR A 1 30  ? -8.926  -3.142  16.266  1.00 29.34 ? 38  TYR A CD1 1 
ATOM   175  C  CD2 . TYR A 1 30  ? -7.645  -3.959  14.429  1.00 28.06 ? 38  TYR A CD2 1 
ATOM   176  C  CE1 . TYR A 1 30  ? -9.925  -2.763  15.415  1.00 30.62 ? 38  TYR A CE1 1 
ATOM   177  C  CE2 . TYR A 1 30  ? -8.654  -3.577  13.559  1.00 26.80 ? 38  TYR A CE2 1 
ATOM   178  C  CZ  . TYR A 1 30  ? -9.792  -2.980  14.072  1.00 30.96 ? 38  TYR A CZ  1 
ATOM   179  O  OH  . TYR A 1 30  ? -10.825 -2.584  13.256  1.00 39.40 ? 38  TYR A OH  1 
ATOM   180  N  N   . SER A 1 31  ? -8.336  -7.326  16.718  1.00 19.80 ? 39  SER A N   1 
ATOM   181  C  CA  . SER A 1 31  ? -8.496  -8.574  15.982  1.00 20.16 ? 39  SER A CA  1 
ATOM   182  C  C   . SER A 1 31  ? -8.893  -8.407  14.512  1.00 21.84 ? 39  SER A C   1 
ATOM   183  O  O   . SER A 1 31  ? -8.610  -9.281  13.711  1.00 23.44 ? 39  SER A O   1 
ATOM   184  C  CB  . SER A 1 31  ? -9.516  -9.463  16.694  1.00 23.93 ? 39  SER A CB  1 
ATOM   185  O  OG  . SER A 1 31  ? -9.078  -9.742  18.013  1.00 24.22 ? 39  SER A OG  1 
ATOM   186  N  N   . ASN A 1 32  ? -9.547  -7.297  14.180  1.00 20.91 ? 40  ASN A N   1 
ATOM   187  C  CA  . ASN A 1 32  ? -10.123 -7.069  12.846  1.00 25.10 ? 40  ASN A CA  1 
ATOM   188  C  C   . ASN A 1 32  ? -9.049  -6.647  11.834  1.00 21.75 ? 40  ASN A C   1 
ATOM   189  O  O   . ASN A 1 32  ? -9.143  -5.583  11.223  1.00 21.61 ? 40  ASN A O   1 
ATOM   190  C  CB  . ASN A 1 32  ? -11.212 -5.998  12.954  1.00 23.50 ? 40  ASN A CB  1 
ATOM   191  C  CG  . ASN A 1 32  ? -11.993 -5.786  11.660  1.00 25.03 ? 40  ASN A CG  1 
ATOM   192  O  OD1 . ASN A 1 32  ? -12.185 -6.697  10.862  1.00 24.88 ? 40  ASN A OD1 1 
ATOM   193  N  ND2 . ASN A 1 32  ? -12.462 -4.558  11.465  1.00 30.85 ? 40  ASN A ND2 1 
ATOM   194  N  N   . LYS A 1 33  ? -8.040  -7.498  11.664  1.00 19.42 ? 41  LYS A N   1 
ATOM   195  C  CA  . LYS A 1 33  ? -6.883  -7.161  10.837  1.00 20.35 ? 41  LYS A CA  1 
ATOM   196  C  C   . LYS A 1 33  ? -7.168  -7.070  9.340   1.00 20.41 ? 41  LYS A C   1 
ATOM   197  O  O   . LYS A 1 33  ? -6.439  -6.384  8.623   1.00 19.63 ? 41  LYS A O   1 
ATOM   198  C  CB  . LYS A 1 33  ? -5.752  -8.155  11.088  1.00 21.52 ? 41  LYS A CB  1 
ATOM   199  C  CG  . LYS A 1 33  ? -5.121  -8.033  12.501  1.00 18.98 ? 41  LYS A CG  1 
ATOM   200  C  CD  . LYS A 1 33  ? -4.072  -9.106  12.669  1.00 21.95 ? 41  LYS A CD  1 
ATOM   201  C  CE  . LYS A 1 33  ? -3.347  -9.024  14.009  1.00 26.01 ? 41  LYS A CE  1 
ATOM   202  N  NZ  . LYS A 1 33  ? -2.358  -7.905  14.053  1.00 23.41 ? 41  LYS A NZ  1 
ATOM   203  N  N   . GLU A 1 34  ? -8.219  -7.748  8.879   1.00 20.25 ? 42  GLU A N   1 
ATOM   204  C  CA  . GLU A 1 34  ? -8.498  -7.873  7.440   1.00 20.89 ? 42  GLU A CA  1 
ATOM   205  C  C   . GLU A 1 34  ? -8.700  -6.542  6.720   1.00 21.08 ? 42  GLU A C   1 
ATOM   206  O  O   . GLU A 1 34  ? -8.630  -6.483  5.482   1.00 19.79 ? 42  GLU A O   1 
ATOM   207  C  CB  . GLU A 1 34  ? -9.735  -8.750  7.205   1.00 21.24 ? 42  GLU A CB  1 
ATOM   208  C  CG  . GLU A 1 34  ? -11.042 -8.060  7.589   1.00 22.99 ? 42  GLU A CG  1 
ATOM   209  C  CD  . GLU A 1 34  ? -12.245 -8.994  7.549   1.00 31.04 ? 42  GLU A CD  1 
ATOM   210  O  OE1 . GLU A 1 34  ? -12.091 -10.182 7.878   1.00 28.33 ? 42  GLU A OE1 1 
ATOM   211  O  OE2 . GLU A 1 34  ? -13.348 -8.531  7.195   1.00 35.05 ? 42  GLU A OE2 1 
ATOM   212  N  N   . ILE A 1 35  ? -8.974  -5.482  7.478   1.00 18.69 ? 43  ILE A N   1 
ATOM   213  C  CA  . ILE A 1 35  ? -9.204  -4.178  6.880   1.00 17.17 ? 43  ILE A CA  1 
ATOM   214  C  C   . ILE A 1 35  ? -7.979  -3.646  6.128   1.00 17.77 ? 43  ILE A C   1 
ATOM   215  O  O   . ILE A 1 35  ? -8.094  -2.704  5.337   1.00 18.65 ? 43  ILE A O   1 
ATOM   216  C  CB  . ILE A 1 35  ? -9.694  -3.134  7.916   1.00 23.72 ? 43  ILE A CB  1 
ATOM   217  C  CG1 . ILE A 1 35  ? -8.613  -2.883  8.959   1.00 23.62 ? 43  ILE A CG1 1 
ATOM   218  C  CG2 . ILE A 1 35  ? -10.987 -3.598  8.581   1.00 27.59 ? 43  ILE A CG2 1 
ATOM   219  C  CD1 . ILE A 1 35  ? -7.691  -1.751  8.611   1.00 26.81 ? 43  ILE A CD1 1 
ATOM   220  N  N   . PHE A 1 36  ? -6.813  -4.252  6.341   1.00 16.97 ? 44  PHE A N   1 
ATOM   221  C  CA  . PHE A 1 36  ? -5.616  -3.797  5.634   1.00 16.42 ? 44  PHE A CA  1 
ATOM   222  C  C   . PHE A 1 36  ? -5.829  -3.870  4.123   1.00 17.90 ? 44  PHE A C   1 
ATOM   223  O  O   . PHE A 1 36  ? -5.360  -3.006  3.372   1.00 16.48 ? 44  PHE A O   1 
ATOM   224  C  CB  . PHE A 1 36  ? -4.381  -4.634  6.010   1.00 18.17 ? 44  PHE A CB  1 
ATOM   225  C  CG  . PHE A 1 36  ? -4.319  -5.946  5.287   1.00 18.68 ? 44  PHE A CG  1 
ATOM   226  C  CD1 . PHE A 1 36  ? -3.694  -6.046  4.048   1.00 16.10 ? 44  PHE A CD1 1 
ATOM   227  C  CD2 . PHE A 1 36  ? -4.922  -7.070  5.823   1.00 18.00 ? 44  PHE A CD2 1 
ATOM   228  C  CE1 . PHE A 1 36  ? -3.663  -7.265  3.358   1.00 17.39 ? 44  PHE A CE1 1 
ATOM   229  C  CE2 . PHE A 1 36  ? -4.905  -8.289  5.132   1.00 19.68 ? 44  PHE A CE2 1 
ATOM   230  C  CZ  . PHE A 1 36  ? -4.275  -8.384  3.907   1.00 17.84 ? 44  PHE A CZ  1 
ATOM   231  N  N   . LEU A 1 37  ? -6.526  -4.904  3.672   1.00 17.43 ? 45  LEU A N   1 
ATOM   232  C  CA  . LEU A 1 37  ? -6.653  -5.100  2.226   1.00 17.24 ? 45  LEU A CA  1 
ATOM   233  C  C   . LEU A 1 37  ? -7.518  -4.015  1.582   1.00 18.32 ? 45  LEU A C   1 
ATOM   234  O  O   . LEU A 1 37  ? -7.179  -3.489  0.525   1.00 16.61 ? 45  LEU A O   1 
ATOM   235  C  CB  . LEU A 1 37  ? -7.185  -6.500  1.908   1.00 16.16 ? 45  LEU A CB  1 
ATOM   236  C  CG  . LEU A 1 37  ? -7.175  -6.883  0.428   1.00 18.98 ? 45  LEU A CG  1 
ATOM   237  C  CD1 . LEU A 1 37  ? -5.768  -6.771  -0.120  1.00 16.29 ? 45  LEU A CD1 1 
ATOM   238  C  CD2 . LEU A 1 37  ? -7.703  -8.299  0.257   1.00 21.03 ? 45  LEU A CD2 1 
ATOM   239  N  N   . ARG A 1 38  ? -8.639  -3.678  2.219   1.00 19.47 ? 46  ARG A N   1 
ATOM   240  C  CA  . ARG A 1 38  ? -9.477  -2.597  1.708   1.00 18.52 ? 46  ARG A CA  1 
ATOM   241  C  C   . ARG A 1 38  ? -8.684  -1.300  1.581   1.00 19.17 ? 46  ARG A C   1 
ATOM   242  O  O   . ARG A 1 38  ? -8.844  -0.535  0.625   1.00 19.93 ? 46  ARG A O   1 
ATOM   243  C  CB  . ARG A 1 38  ? -10.649 -2.370  2.665   1.00 26.53 ? 46  ARG A CB  1 
ATOM   244  C  CG  . ARG A 1 38  ? -11.306 -1.015  2.528   1.00 29.93 ? 46  ARG A CG  1 
ATOM   245  C  CD  . ARG A 1 38  ? -12.347 -0.813  3.611   1.00 30.94 ? 46  ARG A CD  1 
ATOM   246  N  NE  . ARG A 1 38  ? -11.756 -0.482  4.908   1.00 35.08 ? 46  ARG A NE  1 
ATOM   247  C  CZ  . ARG A 1 38  ? -12.422 -0.534  6.057   1.00 34.18 ? 46  ARG A CZ  1 
ATOM   248  N  NH1 . ARG A 1 38  ? -13.691 -0.925  6.061   1.00 35.03 ? 46  ARG A NH1 1 
ATOM   249  N  NH2 . ARG A 1 38  ? -11.824 -0.205  7.199   1.00 33.31 ? 46  ARG A NH2 1 
ATOM   250  N  N   . GLU A 1 39  ? -7.824  -1.037  2.561   1.00 17.61 ? 47  GLU A N   1 
ATOM   251  C  CA  . GLU A 1 39  ? -7.081  0.217   2.554   1.00 17.71 ? 47  GLU A CA  1 
ATOM   252  C  C   . GLU A 1 39  ? -6.089  0.287   1.397   1.00 17.51 ? 47  GLU A C   1 
ATOM   253  O  O   . GLU A 1 39  ? -5.963  1.326   0.741   1.00 17.82 ? 47  GLU A O   1 
ATOM   254  C  CB  . GLU A 1 39  ? -6.376  0.426   3.894   1.00 19.69 ? 47  GLU A CB  1 
ATOM   255  C  CG  . GLU A 1 39  ? -7.345  0.453   5.082   1.00 20.61 ? 47  GLU A CG  1 
ATOM   256  C  CD  . GLU A 1 39  ? -8.417  1.527   4.950   1.00 23.98 ? 47  GLU A CD  1 
ATOM   257  O  OE1 . GLU A 1 39  ? -8.160  2.547   4.289   1.00 22.70 ? 47  GLU A OE1 1 
ATOM   258  O  OE2 . GLU A 1 39  ? -9.523  1.336   5.501   1.00 26.53 ? 47  GLU A OE2 1 
ATOM   259  N  N   . LEU A 1 40  ? -5.383  -0.818  1.158   1.00 17.85 ? 48  LEU A N   1 
ATOM   260  C  CA  . LEU A 1 40  ? -4.398  -0.876  0.095   1.00 16.86 ? 48  LEU A CA  1 
ATOM   261  C  C   . LEU A 1 40  ? -5.075  -0.835  -1.271  1.00 16.78 ? 48  LEU A C   1 
ATOM   262  O  O   . LEU A 1 40  ? -4.586  -0.176  -2.196  1.00 18.18 ? 48  LEU A O   1 
ATOM   263  C  CB  . LEU A 1 40  ? -3.510  -2.120  0.229   1.00 16.25 ? 48  LEU A CB  1 
ATOM   264  C  CG  . LEU A 1 40  ? -2.635  -2.105  1.484   1.00 13.24 ? 48  LEU A CG  1 
ATOM   265  C  CD1 . LEU A 1 40  ? -1.850  -3.404  1.574   1.00 18.46 ? 48  LEU A CD1 1 
ATOM   266  C  CD2 . LEU A 1 40  ? -1.675  -0.925  1.434   1.00 19.45 ? 48  LEU A CD2 1 
ATOM   267  N  N   . ILE A 1 41  ? -6.191  -1.535  -1.401  1.00 16.87 ? 49  ILE A N   1 
ATOM   268  C  CA  . ILE A 1 41  ? -6.936  -1.513  -2.652  1.00 17.28 ? 49  ILE A CA  1 
ATOM   269  C  C   . ILE A 1 41  ? -7.476  -0.103  -2.936  1.00 20.50 ? 49  ILE A C   1 
ATOM   270  O  O   . ILE A 1 41  ? -7.428  0.383   -4.069  1.00 18.11 ? 49  ILE A O   1 
ATOM   271  C  CB  . ILE A 1 41  ? -8.079  -2.556  -2.649  1.00 16.98 ? 49  ILE A CB  1 
ATOM   272  C  CG1 . ILE A 1 41  ? -7.499  -3.969  -2.767  1.00 18.36 ? 49  ILE A CG1 1 
ATOM   273  C  CG2 . ILE A 1 41  ? -9.078  -2.275  -3.782  1.00 19.63 ? 49  ILE A CG2 1 
ATOM   274  C  CD1 . ILE A 1 41  ? -8.548  -5.079  -2.664  1.00 21.73 ? 49  ILE A CD1 1 
ATOM   275  N  N   . SER A 1 42  ? -7.962  0.563   -1.898  1.00 17.89 ? 50  SER A N   1 
ATOM   276  C  CA  . SER A 1 42  ? -8.408  1.947   -2.038  1.00 19.16 ? 50  SER A CA  1 
ATOM   277  C  C   . SER A 1 42  ? -7.266  2.865   -2.484  1.00 20.85 ? 50  SER A C   1 
ATOM   278  O  O   . SER A 1 42  ? -7.441  3.698   -3.373  1.00 19.61 ? 50  SER A O   1 
ATOM   279  C  CB  . SER A 1 42  ? -9.028  2.436   -0.731  1.00 21.42 ? 50  SER A CB  1 
ATOM   280  O  OG  . SER A 1 42  ? -9.314  3.823   -0.775  1.00 28.56 ? 50  SER A OG  1 
ATOM   281  N  N   . ASN A 1 43  ? -6.086  2.717   -1.881  1.00 19.15 ? 51  ASN A N   1 
ATOM   282  C  CA  . ASN A 1 43  ? -4.945  3.518   -2.327  1.00 18.17 ? 51  ASN A CA  1 
ATOM   283  C  C   . ASN A 1 43  ? -4.600  3.254   -3.795  1.00 19.41 ? 51  ASN A C   1 
ATOM   284  O  O   . ASN A 1 43  ? -4.301  4.183   -4.550  1.00 18.42 ? 51  ASN A O   1 
ATOM   285  C  CB  . ASN A 1 43  ? -3.723  3.294   -1.423  1.00 18.79 ? 51  ASN A CB  1 
ATOM   286  C  CG  . ASN A 1 43  ? -3.841  4.002   -0.080  1.00 22.20 ? 51  ASN A CG  1 
ATOM   287  O  OD1 . ASN A 1 43  ? -4.908  4.489   0.297   1.00 22.97 ? 51  ASN A OD1 1 
ATOM   288  N  ND2 . ASN A 1 43  ? -2.740  4.044   0.661   1.00 24.10 ? 51  ASN A ND2 1 
ATOM   289  N  N   . SER A 1 44  ? -4.671  1.992   -4.208  1.00 18.85 ? 52  SER A N   1 
ATOM   290  C  CA  . SER A 1 44  ? -4.442  1.631   -5.604  1.00 18.61 ? 52  SER A CA  1 
ATOM   291  C  C   . SER A 1 44  ? -5.469  2.293   -6.517  1.00 19.84 ? 52  SER A C   1 
ATOM   292  O  O   . SER A 1 44  ? -5.121  2.859   -7.545  1.00 18.84 ? 52  SER A O   1 
ATOM   293  C  CB  . SER A 1 44  ? -4.506  0.124   -5.792  1.00 17.15 ? 52  SER A CB  1 
ATOM   294  O  OG  . SER A 1 44  ? -3.397  -0.516  -5.174  1.00 17.21 ? 52  SER A OG  1 
ATOM   295  N  N   . SER A 1 45  ? -6.730  2.226   -6.119  1.00 19.36 ? 53  SER A N   1 
ATOM   296  C  CA  . SER A 1 45  ? -7.801  2.870   -6.882  1.00 22.83 ? 53  SER A CA  1 
ATOM   297  C  C   . SER A 1 45  ? -7.535  4.373   -7.033  1.00 22.78 ? 53  SER A C   1 
ATOM   298  O  O   . SER A 1 45  ? -7.720  4.940   -8.114  1.00 23.09 ? 53  SER A O   1 
ATOM   299  C  CB  . SER A 1 45  ? -9.155  2.614   -6.214  1.00 24.88 ? 53  SER A CB  1 
ATOM   300  O  OG  . SER A 1 45  ? -10.216 3.256   -6.916  1.00 26.64 ? 53  SER A OG  1 
ATOM   301  N  N   . ASP A 1 46  ? -7.102  5.020   -5.953  1.00 21.11 ? 54  ASP A N   1 
ATOM   302  C  CA  . ASP A 1 46  ? -6.759  6.440   -6.001  1.00 21.10 ? 54  ASP A CA  1 
ATOM   303  C  C   . ASP A 1 46  ? -5.653  6.712   -7.028  1.00 22.25 ? 54  ASP A C   1 
ATOM   304  O  O   . ASP A 1 46  ? -5.718  7.683   -7.785  1.00 19.97 ? 54  ASP A O   1 
ATOM   305  C  CB  . ASP A 1 46  ? -6.308  6.951   -4.622  1.00 23.23 ? 54  ASP A CB  1 
ATOM   306  C  CG  . ASP A 1 46  ? -7.442  6.997   -3.601  1.00 27.42 ? 54  ASP A CG  1 
ATOM   307  O  OD1 . ASP A 1 46  ? -8.622  6.840   -3.986  1.00 25.35 ? 54  ASP A OD1 1 
ATOM   308  O  OD2 . ASP A 1 46  ? -7.138  7.181   -2.402  1.00 25.13 ? 54  ASP A OD2 1 
ATOM   309  N  N   . ALA A 1 47  ? -4.638  5.852   -7.050  1.00 19.83 ? 55  ALA A N   1 
ATOM   310  C  CA  . ALA A 1 47  ? -3.500  6.017   -7.971  1.00 19.70 ? 55  ALA A CA  1 
ATOM   311  C  C   . ALA A 1 47  ? -3.931  5.814   -9.420  1.00 21.49 ? 55  ALA A C   1 
ATOM   312  O  O   . ALA A 1 47  ? -3.420  6.467   -10.341 1.00 22.22 ? 55  ALA A O   1 
ATOM   313  C  CB  . ALA A 1 47  ? -2.389  5.042   -7.614  1.00 19.15 ? 55  ALA A CB  1 
ATOM   314  N  N   . LEU A 1 48  ? -4.852  4.880   -9.619  1.00 19.08 ? 56  LEU A N   1 
ATOM   315  C  CA  . LEU A 1 48  ? -5.401  4.622   -10.944 1.00 19.62 ? 56  LEU A CA  1 
ATOM   316  C  C   . LEU A 1 48  ? -6.252  5.818   -11.384 1.00 23.20 ? 56  LEU A C   1 
ATOM   317  O  O   . LEU A 1 48  ? -6.191  6.243   -12.544 1.00 21.07 ? 56  LEU A O   1 
ATOM   318  C  CB  . LEU A 1 48  ? -6.216  3.325   -10.931 1.00 19.15 ? 56  LEU A CB  1 
ATOM   319  C  CG  . LEU A 1 48  ? -5.319  2.085   -10.820 1.00 19.11 ? 56  LEU A CG  1 
ATOM   320  C  CD1 . LEU A 1 48  ? -6.068  0.898   -10.241 1.00 19.91 ? 56  LEU A CD1 1 
ATOM   321  C  CD2 . LEU A 1 48  ? -4.719  1.746   -12.194 1.00 18.51 ? 56  LEU A CD2 1 
ATOM   322  N  N   . ASP A 1 49  ? -7.032  6.368   -10.456 1.00 20.76 ? 57  ASP A N   1 
ATOM   323  C  CA  . ASP A 1 49  ? -7.822  7.572   -10.754 1.00 22.33 ? 57  ASP A CA  1 
ATOM   324  C  C   . ASP A 1 49  ? -6.892  8.687   -11.228 1.00 24.16 ? 57  ASP A C   1 
ATOM   325  O  O   . ASP A 1 49  ? -7.204  9.414   -12.179 1.00 23.05 ? 57  ASP A O   1 
ATOM   326  C  CB  . ASP A 1 49  ? -8.580  8.074   -9.514  1.00 23.03 ? 57  ASP A CB  1 
ATOM   327  C  CG  . ASP A 1 49  ? -9.816  7.250   -9.187  1.00 23.23 ? 57  ASP A CG  1 
ATOM   328  O  OD1 . ASP A 1 49  ? -10.278 6.449   -10.021 1.00 24.49 ? 57  ASP A OD1 1 
ATOM   329  O  OD2 . ASP A 1 49  ? -10.350 7.441   -8.072  1.00 27.56 ? 57  ASP A OD2 1 
ATOM   330  N  N   . LYS A 1 50  ? -5.750  8.828   -10.557 1.00 20.89 ? 58  LYS A N   1 
ATOM   331  C  CA  . LYS A 1 50  ? -4.817  9.903   -10.878 1.00 24.34 ? 58  LYS A CA  1 
ATOM   332  C  C   . LYS A 1 50  ? -4.254  9.788   -12.289 1.00 24.34 ? 58  LYS A C   1 
ATOM   333  O  O   . LYS A 1 50  ? -4.260  10.763  -13.042 1.00 25.07 ? 58  LYS A O   1 
ATOM   334  C  CB  . LYS A 1 50  ? -3.686  9.990   -9.847  1.00 27.47 ? 58  LYS A CB  1 
ATOM   335  C  CG  . LYS A 1 50  ? -2.917  11.305  -9.922  1.00 31.69 ? 58  LYS A CG  1 
ATOM   336  C  CD  . LYS A 1 50  ? -2.122  11.562  -8.641  1.00 33.37 ? 58  LYS A CD  1 
ATOM   337  C  CE  . LYS A 1 50  ? -1.540  12.963  -8.634  1.00 38.11 ? 58  LYS A CE  1 
ATOM   338  N  NZ  . LYS A 1 50  ? -0.765  13.241  -7.381  1.00 40.33 ? 58  LYS A NZ  1 
ATOM   339  N  N   . ILE A 1 51  ? -3.761  8.613   -12.666 1.00 21.59 ? 59  ILE A N   1 
ATOM   340  C  CA  . ILE A 1 51  ? -3.225  8.476   -14.023 1.00 23.28 ? 59  ILE A CA  1 
ATOM   341  C  C   . ILE A 1 51  ? -4.340  8.565   -15.076 1.00 25.67 ? 59  ILE A C   1 
ATOM   342  O  O   . ILE A 1 51  ? -4.142  9.110   -16.165 1.00 24.71 ? 59  ILE A O   1 
ATOM   343  C  CB  . ILE A 1 51  ? -2.370  7.191   -14.206 1.00 23.61 ? 59  ILE A CB  1 
ATOM   344  C  CG1 . ILE A 1 51  ? -1.728  7.175   -15.596 1.00 25.68 ? 59  ILE A CG1 1 
ATOM   345  C  CG2 . ILE A 1 51  ? -3.198  5.945   -14.007 1.00 21.06 ? 59  ILE A CG2 1 
ATOM   346  C  CD1 . ILE A 1 51  ? -0.748  8.313   -15.835 1.00 28.14 ? 59  ILE A CD1 1 
ATOM   347  N  N   . ARG A 1 52  ? -5.522  8.059   -14.745 1.00 22.33 ? 60  ARG A N   1 
ATOM   348  C  CA  . ARG A 1 52  ? -6.637  8.170   -15.679 1.00 25.22 ? 60  ARG A CA  1 
ATOM   349  C  C   . ARG A 1 52  ? -6.924  9.645   -15.969 1.00 26.41 ? 60  ARG A C   1 
ATOM   350  O  O   . ARG A 1 52  ? -7.016  10.054  -17.126 1.00 26.04 ? 60  ARG A O   1 
ATOM   351  C  CB  . ARG A 1 52  ? -7.886  7.479   -15.133 1.00 25.17 ? 60  ARG A CB  1 
ATOM   352  C  CG  . ARG A 1 52  ? -9.012  7.378   -16.164 1.00 28.65 ? 60  ARG A CG  1 
ATOM   353  C  CD  . ARG A 1 52  ? -10.241 6.715   -15.558 1.00 31.55 ? 60  ARG A CD  1 
ATOM   354  N  NE  . ARG A 1 52  ? -10.591 7.364   -14.301 1.00 34.61 ? 60  ARG A NE  1 
ATOM   355  C  CZ  . ARG A 1 52  ? -11.582 6.983   -13.501 1.00 34.63 ? 60  ARG A CZ  1 
ATOM   356  N  NH1 . ARG A 1 52  ? -12.342 5.946   -13.837 1.00 38.86 ? 60  ARG A NH1 1 
ATOM   357  N  NH2 . ARG A 1 52  ? -11.814 7.651   -12.374 1.00 32.76 ? 60  ARG A NH2 1 
ATOM   358  N  N   . TYR A 1 53  ? -7.048  10.446  -14.918 1.00 24.94 ? 61  TYR A N   1 
ATOM   359  C  CA  . TYR A 1 53  ? -7.319  11.877  -15.090 1.00 25.16 ? 61  TYR A CA  1 
ATOM   360  C  C   . TYR A 1 53  ? -6.219  12.581  -15.876 1.00 27.60 ? 61  TYR A C   1 
ATOM   361  O  O   . TYR A 1 53  ? -6.494  13.391  -16.763 1.00 26.98 ? 61  TYR A O   1 
ATOM   362  C  CB  . TYR A 1 53  ? -7.488  12.573  -13.739 1.00 26.91 ? 61  TYR A CB  1 
ATOM   363  C  CG  . TYR A 1 53  ? -7.591  14.079  -13.868 1.00 26.95 ? 61  TYR A CG  1 
ATOM   364  C  CD1 . TYR A 1 53  ? -8.814  14.693  -14.109 1.00 32.75 ? 61  TYR A CD1 1 
ATOM   365  C  CD2 . TYR A 1 53  ? -6.463  14.883  -13.764 1.00 29.29 ? 61  TYR A CD2 1 
ATOM   366  C  CE1 . TYR A 1 53  ? -8.914  16.066  -14.235 1.00 25.37 ? 61  TYR A CE1 1 
ATOM   367  C  CE2 . TYR A 1 53  ? -6.549  16.260  -13.892 1.00 31.43 ? 61  TYR A CE2 1 
ATOM   368  C  CZ  . TYR A 1 53  ? -7.777  16.847  -14.125 1.00 33.06 ? 61  TYR A CZ  1 
ATOM   369  O  OH  . TYR A 1 53  ? -7.854  18.222  -14.250 1.00 34.55 ? 61  TYR A OH  1 
ATOM   370  N  N   . GLU A 1 54  ? -4.969  12.297  -15.537 1.00 26.08 ? 62  GLU A N   1 
ATOM   371  C  CA  . GLU A 1 54  ? -3.863  12.971  -16.210 1.00 28.67 ? 62  GLU A CA  1 
ATOM   372  C  C   . GLU A 1 54  ? -3.808  12.607  -17.688 1.00 29.41 ? 62  GLU A C   1 
ATOM   373  O  O   . GLU A 1 54  ? -3.459  13.437  -18.527 1.00 29.43 ? 62  GLU A O   1 
ATOM   374  C  CB  . GLU A 1 54  ? -2.532  12.662  -15.528 1.00 28.98 ? 62  GLU A CB  1 
ATOM   375  C  CG  . GLU A 1 54  ? -2.424  13.251  -14.129 1.00 32.38 ? 62  GLU A CG  1 
ATOM   376  C  CD  . GLU A 1 54  ? -0.992  13.416  -13.661 1.00 41.11 ? 62  GLU A CD  1 
ATOM   377  O  OE1 . GLU A 1 54  ? -0.065  12.979  -14.383 1.00 38.43 ? 62  GLU A OE1 1 
ATOM   378  O  OE2 . GLU A 1 54  ? -0.797  13.985  -12.563 1.00 44.05 ? 62  GLU A OE2 1 
ATOM   379  N  N   . SER A 1 55  ? -4.157  11.369  -18.004 1.00 26.73 ? 63  SER A N   1 
ATOM   380  C  CA  . SER A 1 55  ? -4.091  10.892  -19.388 1.00 31.18 ? 63  SER A CA  1 
ATOM   381  C  C   . SER A 1 55  ? -5.136  11.581  -20.262 1.00 30.60 ? 63  SER A C   1 
ATOM   382  O  O   . SER A 1 55  ? -5.064  11.520  -21.485 1.00 34.25 ? 63  SER A O   1 
ATOM   383  C  CB  . SER A 1 55  ? -4.271  9.375   -19.461 1.00 27.50 ? 63  SER A CB  1 
ATOM   384  O  OG  . SER A 1 55  ? -5.627  9.009   -19.260 1.00 34.93 ? 63  SER A OG  1 
ATOM   385  N  N   . LEU A 1 56  ? -6.109  12.233  -19.634 1.00 31.48 ? 64  LEU A N   1 
ATOM   386  C  CA  . LEU A 1 56  ? -7.123  12.968  -20.393 1.00 31.36 ? 64  LEU A CA  1 
ATOM   387  C  C   . LEU A 1 56  ? -6.554  14.204  -21.083 1.00 35.64 ? 64  LEU A C   1 
ATOM   388  O  O   . LEU A 1 56  ? -6.986  14.560  -22.179 1.00 38.86 ? 64  LEU A O   1 
ATOM   389  C  CB  . LEU A 1 56  ? -8.299  13.360  -19.506 1.00 29.77 ? 64  LEU A CB  1 
ATOM   390  C  CG  . LEU A 1 56  ? -9.222  12.217  -19.091 1.00 32.27 ? 64  LEU A CG  1 
ATOM   391  C  CD1 . LEU A 1 56  ? -10.399 12.777  -18.306 1.00 33.60 ? 64  LEU A CD1 1 
ATOM   392  C  CD2 . LEU A 1 56  ? -9.699  11.458  -20.312 1.00 38.27 ? 64  LEU A CD2 1 
ATOM   393  N  N   . THR A 1 57  ? -5.590  14.858  -20.444 1.00 33.69 ? 65  THR A N   1 
ATOM   394  C  CA  . THR A 1 57  ? -4.968  16.034  -21.040 1.00 34.14 ? 65  THR A CA  1 
ATOM   395  C  C   . THR A 1 57  ? -3.645  15.703  -21.715 1.00 38.59 ? 65  THR A C   1 
ATOM   396  O  O   . THR A 1 57  ? -3.172  16.452  -22.570 1.00 39.85 ? 65  THR A O   1 
ATOM   397  C  CB  . THR A 1 57  ? -4.774  17.166  -20.023 1.00 39.23 ? 65  THR A CB  1 
ATOM   398  O  OG1 . THR A 1 57  ? -4.047  16.678  -18.890 1.00 39.46 ? 65  THR A OG1 1 
ATOM   399  C  CG2 . THR A 1 57  ? -6.121  17.689  -19.569 1.00 38.20 ? 65  THR A CG2 1 
ATOM   400  N  N   . ASP A 1 58  ? -3.054  14.577  -21.337 1.00 32.41 ? 66  ASP A N   1 
ATOM   401  C  CA  . ASP A 1 58  ? -1.815  14.126  -21.952 1.00 33.95 ? 66  ASP A CA  1 
ATOM   402  C  C   . ASP A 1 58  ? -1.849  12.615  -22.147 1.00 35.96 ? 66  ASP A C   1 
ATOM   403  O  O   . ASP A 1 58  ? -1.336  11.867  -21.310 1.00 33.22 ? 66  ASP A O   1 
ATOM   404  C  CB  . ASP A 1 58  ? -0.615  14.519  -21.091 1.00 35.80 ? 66  ASP A CB  1 
ATOM   405  C  CG  . ASP A 1 58  ? 0.705   14.184  -21.749 1.00 37.33 ? 66  ASP A CG  1 
ATOM   406  O  OD1 . ASP A 1 58  ? 0.690   13.516  -22.802 1.00 40.27 ? 66  ASP A OD1 1 
ATOM   407  O  OD2 . ASP A 1 58  ? 1.756   14.585  -21.207 1.00 42.01 ? 66  ASP A OD2 1 
ATOM   408  N  N   . PRO A 1 59  ? -2.457  12.163  -23.254 1.00 35.30 ? 67  PRO A N   1 
ATOM   409  C  CA  . PRO A 1 59  ? -2.596  10.737  -23.568 1.00 31.99 ? 67  PRO A CA  1 
ATOM   410  C  C   . PRO A 1 59  ? -1.264  9.981   -23.632 1.00 33.37 ? 67  PRO A C   1 
ATOM   411  O  O   . PRO A 1 59  ? -1.261  8.754   -23.514 1.00 34.34 ? 67  PRO A O   1 
ATOM   412  C  CB  . PRO A 1 59  ? -3.260  10.751  -24.951 1.00 37.83 ? 67  PRO A CB  1 
ATOM   413  C  CG  . PRO A 1 59  ? -4.012  12.045  -24.984 1.00 38.27 ? 67  PRO A CG  1 
ATOM   414  C  CD  . PRO A 1 59  ? -3.129  13.014  -24.253 1.00 38.21 ? 67  PRO A CD  1 
ATOM   415  N  N   . SER A 1 60  ? -0.156  10.692  -23.829 1.00 33.68 ? 68  SER A N   1 
ATOM   416  C  CA  . SER A 1 60  ? 1.149   10.035  -23.894 1.00 37.02 ? 68  SER A CA  1 
ATOM   417  C  C   . SER A 1 60  ? 1.539   9.447   -22.537 1.00 32.21 ? 68  SER A C   1 
ATOM   418  O  O   . SER A 1 60  ? 2.444   8.615   -22.445 1.00 32.07 ? 68  SER A O   1 
ATOM   419  C  CB  . SER A 1 60  ? 2.234   10.996  -24.394 1.00 35.76 ? 68  SER A CB  1 
ATOM   420  O  OG  . SER A 1 60  ? 2.695   11.861  -23.369 1.00 38.58 ? 68  SER A OG  1 
ATOM   421  N  N   . LYS A 1 61  ? 0.862   9.886   -21.481 1.00 33.42 ? 69  LYS A N   1 
ATOM   422  C  CA  . LYS A 1 61  ? 1.136   9.338   -20.155 1.00 32.74 ? 69  LYS A CA  1 
ATOM   423  C  C   . LYS A 1 61  ? 0.773   7.861   -20.034 1.00 31.73 ? 69  LYS A C   1 
ATOM   424  O  O   . LYS A 1 61  ? 1.188   7.200   -19.079 1.00 30.93 ? 69  LYS A O   1 
ATOM   425  C  CB  . LYS A 1 61  ? 0.460   10.171  -19.064 1.00 32.06 ? 69  LYS A CB  1 
ATOM   426  C  CG  . LYS A 1 61  ? 1.201   11.463  -18.798 1.00 32.51 ? 69  LYS A CG  1 
ATOM   427  C  CD  . LYS A 1 61  ? 0.487   12.354  -17.812 1.00 31.44 ? 69  LYS A CD  1 
ATOM   428  C  CE  . LYS A 1 61  ? 1.317   13.592  -17.539 1.00 35.61 ? 69  LYS A CE  1 
ATOM   429  N  NZ  . LYS A 1 61  ? 0.722   14.438  -16.474 1.00 35.21 ? 69  LYS A NZ  1 
ATOM   430  N  N   . LEU A 1 62  ? 0.025   7.343   -21.008 1.00 30.25 ? 70  LEU A N   1 
ATOM   431  C  CA  . LEU A 1 62  ? -0.359  5.928   -21.029 1.00 31.86 ? 70  LEU A CA  1 
ATOM   432  C  C   . LEU A 1 62  ? 0.519   5.095   -21.965 1.00 29.88 ? 70  LEU A C   1 
ATOM   433  O  O   . LEU A 1 62  ? 0.240   3.916   -22.214 1.00 30.05 ? 70  LEU A O   1 
ATOM   434  C  CB  . LEU A 1 62  ? -1.825  5.766   -21.423 1.00 28.99 ? 70  LEU A CB  1 
ATOM   435  C  CG  . LEU A 1 62  ? -2.851  6.359   -20.450 1.00 30.57 ? 70  LEU A CG  1 
ATOM   436  C  CD1 . LEU A 1 62  ? -4.264  6.167   -20.969 1.00 37.11 ? 70  LEU A CD1 1 
ATOM   437  C  CD2 . LEU A 1 62  ? -2.708  5.738   -19.071 1.00 32.27 ? 70  LEU A CD2 1 
ATOM   438  N  N   . ASP A 1 63  ? 1.567   5.722   -22.490 1.00 32.14 ? 71  ASP A N   1 
ATOM   439  C  CA  . ASP A 1 63  ? 2.536   5.023   -23.326 1.00 33.16 ? 71  ASP A CA  1 
ATOM   440  C  C   . ASP A 1 63  ? 3.195   3.914   -22.521 1.00 32.96 ? 71  ASP A C   1 
ATOM   441  O  O   . ASP A 1 63  ? 3.701   2.942   -23.075 1.00 36.92 ? 71  ASP A O   1 
ATOM   442  C  CB  . ASP A 1 63  ? 3.607   5.991   -23.833 1.00 32.11 ? 71  ASP A CB  1 
ATOM   443  C  CG  . ASP A 1 63  ? 3.109   6.881   -24.958 1.00 36.41 ? 71  ASP A CG  1 
ATOM   444  O  OD1 . ASP A 1 63  ? 1.959   6.693   -25.410 1.00 34.58 ? 71  ASP A OD1 1 
ATOM   445  O  OD2 . ASP A 1 63  ? 3.882   7.762   -25.391 1.00 36.10 ? 71  ASP A OD2 1 
ATOM   446  N  N   . SER A 1 64  ? 3.179   4.070   -21.200 1.00 32.89 ? 72  SER A N   1 
ATOM   447  C  CA  . SER A 1 64  ? 3.759   3.082   -20.296 1.00 31.83 ? 72  SER A CA  1 
ATOM   448  C  C   . SER A 1 64  ? 2.765   1.992   -19.898 1.00 34.47 ? 72  SER A C   1 
ATOM   449  O  O   . SER A 1 64  ? 3.061   1.155   -19.042 1.00 34.78 ? 72  SER A O   1 
ATOM   450  C  CB  . SER A 1 64  ? 4.297   3.783   -19.046 1.00 30.20 ? 72  SER A CB  1 
ATOM   451  O  OG  . SER A 1 64  ? 3.368   4.748   -18.582 1.00 27.53 ? 72  SER A OG  1 
ATOM   452  N  N   . GLY A 1 65  ? 1.586   2.004   -20.514 1.00 30.41 ? 73  GLY A N   1 
ATOM   453  C  CA  . GLY A 1 65  ? 0.596   0.966   -20.279 1.00 28.93 ? 73  GLY A CA  1 
ATOM   454  C  C   . GLY A 1 65  ? -0.806  1.532   -20.204 1.00 28.74 ? 73  GLY A C   1 
ATOM   455  O  O   . GLY A 1 65  ? -1.093  2.379   -19.371 1.00 27.16 ? 73  GLY A O   1 
ATOM   456  N  N   . LYS A 1 66  ? -1.687  1.080   -21.088 1.00 28.53 ? 74  LYS A N   1 
ATOM   457  C  CA  . LYS A 1 66  ? -3.053  1.591   -21.102 1.00 27.83 ? 74  LYS A CA  1 
ATOM   458  C  C   . LYS A 1 66  ? -3.971  0.913   -20.087 1.00 23.90 ? 74  LYS A C   1 
ATOM   459  O  O   . LYS A 1 66  ? -4.973  1.491   -19.671 1.00 30.75 ? 74  LYS A O   1 
ATOM   460  C  CB  . LYS A 1 66  ? -3.653  1.478   -22.509 1.00 30.86 ? 74  LYS A CB  1 
ATOM   461  C  CG  . LYS A 1 66  ? -3.234  2.611   -23.435 1.00 38.93 ? 74  LYS A CG  1 
ATOM   462  C  CD  . LYS A 1 66  ? -3.212  2.171   -24.892 1.00 44.26 ? 74  LYS A CD  1 
ATOM   463  C  CE  . LYS A 1 66  ? -2.625  3.265   -25.777 1.00 44.49 ? 74  LYS A CE  1 
ATOM   464  N  NZ  . LYS A 1 66  ? -2.107  2.709   -27.062 1.00 52.84 ? 74  LYS A NZ  1 
ATOM   465  N  N   . GLU A 1 67  ? -3.634  -0.302  -19.681 1.00 23.95 ? 75  GLU A N   1 
ATOM   466  C  CA  . GLU A 1 67  ? -4.555  -1.062  -18.855 1.00 24.45 ? 75  GLU A CA  1 
ATOM   467  C  C   . GLU A 1 67  ? -4.533  -0.561  -17.414 1.00 27.10 ? 75  GLU A C   1 
ATOM   468  O  O   . GLU A 1 67  ? -3.476  -0.474  -16.812 1.00 25.81 ? 75  GLU A O   1 
ATOM   469  C  CB  . GLU A 1 67  ? -4.229  -2.544  -18.881 1.00 29.56 ? 75  GLU A CB  1 
ATOM   470  C  CG  . GLU A 1 67  ? -5.339  -3.353  -18.274 1.00 35.85 ? 75  GLU A CG  1 
ATOM   471  C  CD  . GLU A 1 67  ? -5.023  -4.824  -18.191 1.00 38.47 ? 75  GLU A CD  1 
ATOM   472  O  OE1 . GLU A 1 67  ? -3.936  -5.230  -18.665 1.00 42.21 ? 75  GLU A OE1 1 
ATOM   473  O  OE2 . GLU A 1 67  ? -5.866  -5.563  -17.641 1.00 36.10 ? 75  GLU A OE2 1 
ATOM   474  N  N   . LEU A 1 68  ? -5.703  -0.229  -16.883 1.00 23.91 ? 76  LEU A N   1 
ATOM   475  C  CA  . LEU A 1 68  ? -5.810  0.256   -15.513 1.00 25.17 ? 76  LEU A CA  1 
ATOM   476  C  C   . LEU A 1 68  ? -6.491  -0.817  -14.675 1.00 23.86 ? 76  LEU A C   1 
ATOM   477  O  O   . LEU A 1 68  ? -7.689  -1.069  -14.815 1.00 23.84 ? 76  LEU A O   1 
ATOM   478  C  CB  . LEU A 1 68  ? -6.612  1.560   -15.469 1.00 22.49 ? 76  LEU A CB  1 
ATOM   479  C  CG  . LEU A 1 68  ? -6.081  2.684   -16.362 1.00 25.37 ? 76  LEU A CG  1 
ATOM   480  C  CD1 . LEU A 1 68  ? -6.850  3.961   -16.119 1.00 29.98 ? 76  LEU A CD1 1 
ATOM   481  C  CD2 . LEU A 1 68  ? -4.605  2.912   -16.090 1.00 25.68 ? 76  LEU A CD2 1 
ATOM   482  N  N   . HIS A 1 69  ? -5.725  -1.470  -13.811 1.00 21.80 ? 77  HIS A N   1 
ATOM   483  C  CA  . HIS A 1 69  ? -6.290  -2.563  -13.036 1.00 20.55 ? 77  HIS A CA  1 
ATOM   484  C  C   . HIS A 1 69  ? -5.469  -2.880  -11.808 1.00 18.25 ? 77  HIS A C   1 
ATOM   485  O  O   . HIS A 1 69  ? -4.415  -2.274  -11.587 1.00 19.27 ? 77  HIS A O   1 
ATOM   486  C  CB  . HIS A 1 69  ? -6.493  -3.818  -13.896 1.00 22.80 ? 77  HIS A CB  1 
ATOM   487  C  CG  . HIS A 1 69  ? -5.225  -4.513  -14.289 1.00 22.69 ? 77  HIS A CG  1 
ATOM   488  N  ND1 . HIS A 1 69  ? -4.047  -3.846  -14.539 1.00 32.95 ? 77  HIS A ND1 1 
ATOM   489  C  CD2 . HIS A 1 69  ? -4.958  -5.827  -14.482 1.00 31.65 ? 77  HIS A CD2 1 
ATOM   490  C  CE1 . HIS A 1 69  ? -3.106  -4.716  -14.867 1.00 28.02 ? 77  HIS A CE1 1 
ATOM   491  N  NE2 . HIS A 1 69  ? -3.633  -5.926  -14.834 1.00 35.53 ? 77  HIS A NE2 1 
ATOM   492  N  N   . ILE A 1 70  ? -5.999  -3.799  -11.008 1.00 19.12 ? 78  ILE A N   1 
ATOM   493  C  CA  . ILE A 1 70  ? -5.387  -4.233  -9.750  1.00 18.42 ? 78  ILE A CA  1 
ATOM   494  C  C   . ILE A 1 70  ? -5.293  -5.757  -9.752  1.00 18.46 ? 78  ILE A C   1 
ATOM   495  O  O   . ILE A 1 70  ? -6.288  -6.440  -10.044 1.00 21.46 ? 78  ILE A O   1 
ATOM   496  C  CB  . ILE A 1 70  ? -6.251  -3.806  -8.554  1.00 17.86 ? 78  ILE A CB  1 
ATOM   497  C  CG1 . ILE A 1 70  ? -6.373  -2.277  -8.523  1.00 19.55 ? 78  ILE A CG1 1 
ATOM   498  C  CG2 . ILE A 1 70  ? -5.665  -4.338  -7.244  1.00 18.46 ? 78  ILE A CG2 1 
ATOM   499  C  CD1 . ILE A 1 70  ? -7.318  -1.733  -7.449  1.00 19.48 ? 78  ILE A CD1 1 
ATOM   500  N  N   . ASN A 1 71  ? -4.115  -6.292  -9.436  1.00 16.99 ? 79  ASN A N   1 
ATOM   501  C  CA  . ASN A 1 71  ? -3.957  -7.734  -9.254  1.00 18.45 ? 79  ASN A CA  1 
ATOM   502  C  C   . ASN A 1 71  ? -3.610  -8.045  -7.813  1.00 17.77 ? 79  ASN A C   1 
ATOM   503  O  O   . ASN A 1 71  ? -2.803  -7.344  -7.202  1.00 18.48 ? 79  ASN A O   1 
ATOM   504  C  CB  . ASN A 1 71  ? -2.824  -8.285  -10.125 1.00 19.18 ? 79  ASN A CB  1 
ATOM   505  C  CG  . ASN A 1 71  ? -3.116  -8.188  -11.611 1.00 21.54 ? 79  ASN A CG  1 
ATOM   506  O  OD1 . ASN A 1 71  ? -4.266  -8.266  -12.037 1.00 21.69 ? 79  ASN A OD1 1 
ATOM   507  N  ND2 . ASN A 1 71  ? -2.058  -8.051  -12.414 1.00 23.06 ? 79  ASN A ND2 1 
ATOM   508  N  N   . LEU A 1 72  ? -4.197  -9.109  -7.277  1.00 17.06 ? 80  LEU A N   1 
ATOM   509  C  CA  . LEU A 1 72  ? -3.850  -9.581  -5.950  1.00 16.90 ? 80  LEU A CA  1 
ATOM   510  C  C   . LEU A 1 72  ? -3.170  -10.924 -6.119  1.00 19.60 ? 80  LEU A C   1 
ATOM   511  O  O   . LEU A 1 72  ? -3.760  -11.861 -6.651  1.00 20.12 ? 80  LEU A O   1 
ATOM   512  C  CB  . LEU A 1 72  ? -5.115  -9.743  -5.106  1.00 18.42 ? 80  LEU A CB  1 
ATOM   513  C  CG  . LEU A 1 72  ? -5.953  -8.473  -4.998  1.00 18.52 ? 80  LEU A CG  1 
ATOM   514  C  CD1 . LEU A 1 72  ? -7.219  -8.750  -4.179  1.00 21.92 ? 80  LEU A CD1 1 
ATOM   515  C  CD2 . LEU A 1 72  ? -5.138  -7.345  -4.368  1.00 20.02 ? 80  LEU A CD2 1 
ATOM   516  N  N   . ILE A 1 73  ? -1.928  -11.019 -5.675  1.00 16.80 ? 81  ILE A N   1 
ATOM   517  C  CA  . ILE A 1 73  ? -1.140  -12.213 -5.947  1.00 18.01 ? 81  ILE A CA  1 
ATOM   518  C  C   . ILE A 1 73  ? -0.592  -12.805 -4.667  1.00 19.64 ? 81  ILE A C   1 
ATOM   519  O  O   . ILE A 1 73  ? 0.329   -12.244 -4.060  1.00 21.99 ? 81  ILE A O   1 
ATOM   520  C  CB  . ILE A 1 73  ? 0.032   -11.878 -6.867  1.00 18.74 ? 81  ILE A CB  1 
ATOM   521  C  CG1 . ILE A 1 73  ? -0.471  -11.147 -8.111  1.00 17.64 ? 81  ILE A CG1 1 
ATOM   522  C  CG2 . ILE A 1 73  ? 0.795   -13.155 -7.225  1.00 20.02 ? 81  ILE A CG2 1 
ATOM   523  C  CD1 . ILE A 1 73  ? 0.645   -10.559 -8.973  1.00 21.99 ? 81  ILE A CD1 1 
ATOM   524  N  N   . PRO A 1 74  ? -1.167  -13.936 -4.236  1.00 19.30 ? 82  PRO A N   1 
ATOM   525  C  CA  . PRO A 1 74  ? -0.664  -14.623 -3.048  1.00 21.94 ? 82  PRO A CA  1 
ATOM   526  C  C   . PRO A 1 74  ? 0.426   -15.614 -3.445  1.00 24.55 ? 82  PRO A C   1 
ATOM   527  O  O   . PRO A 1 74  ? 0.363   -16.190 -4.528  1.00 23.78 ? 82  PRO A O   1 
ATOM   528  C  CB  . PRO A 1 74  ? -1.901  -15.350 -2.527  1.00 22.68 ? 82  PRO A CB  1 
ATOM   529  C  CG  . PRO A 1 74  ? -2.678  -15.686 -3.790  1.00 23.00 ? 82  PRO A CG  1 
ATOM   530  C  CD  . PRO A 1 74  ? -2.385  -14.572 -4.780  1.00 22.20 ? 82  PRO A CD  1 
ATOM   531  N  N   . ASN A 1 75  ? 1.423   -15.783 -2.590  1.00 22.44 ? 83  ASN A N   1 
ATOM   532  C  CA  . ASN A 1 75  ? 2.494   -16.740 -2.857  1.00 24.80 ? 83  ASN A CA  1 
ATOM   533  C  C   . ASN A 1 75  ? 2.895   -17.415 -1.551  1.00 28.29 ? 83  ASN A C   1 
ATOM   534  O  O   . ASN A 1 75  ? 3.561   -16.814 -0.712  1.00 27.78 ? 83  ASN A O   1 
ATOM   535  C  CB  . ASN A 1 75  ? 3.690   -16.053 -3.525  1.00 23.41 ? 83  ASN A CB  1 
ATOM   536  C  CG  . ASN A 1 75  ? 4.789   -17.033 -3.897  1.00 32.02 ? 83  ASN A CG  1 
ATOM   537  O  OD1 . ASN A 1 75  ? 5.205   -17.839 -3.074  1.00 30.00 ? 83  ASN A OD1 1 
ATOM   538  N  ND2 . ASN A 1 75  ? 5.244   -16.980 -5.148  1.00 32.47 ? 83  ASN A ND2 1 
ATOM   539  N  N   . LYS A 1 76  ? 2.466   -18.661 -1.376  1.00 30.65 ? 84  LYS A N   1 
ATOM   540  C  CA  . LYS A 1 76  ? 2.675   -19.371 -0.116  1.00 32.98 ? 84  LYS A CA  1 
ATOM   541  C  C   . LYS A 1 76  ? 4.137   -19.718 0.125   1.00 32.42 ? 84  LYS A C   1 
ATOM   542  O  O   . LYS A 1 76  ? 4.588   -19.723 1.265   1.00 33.66 ? 84  LYS A O   1 
ATOM   543  C  CB  . LYS A 1 76  ? 1.814   -20.634 -0.049  1.00 36.24 ? 84  LYS A CB  1 
ATOM   544  C  CG  . LYS A 1 76  ? 0.325   -20.346 -0.034  1.00 37.72 ? 84  LYS A CG  1 
ATOM   545  C  CD  . LYS A 1 76  ? -0.478  -21.573 0.345   1.00 40.31 ? 84  LYS A CD  1 
ATOM   546  C  CE  . LYS A 1 76  ? -1.963  -21.245 0.415   1.00 48.66 ? 84  LYS A CE  1 
ATOM   547  N  NZ  . LYS A 1 76  ? -2.768  -22.423 0.837   1.00 51.45 ? 84  LYS A NZ  1 
ATOM   548  N  N   . GLN A 1 77  ? 4.867   -20.000 -0.948  1.00 33.51 ? 85  GLN A N   1 
ATOM   549  C  CA  . GLN A 1 77  ? 6.290   -20.315 -0.850  1.00 33.87 ? 85  GLN A CA  1 
ATOM   550  C  C   . GLN A 1 77  ? 7.092   -19.140 -0.283  1.00 33.49 ? 85  GLN A C   1 
ATOM   551  O  O   . GLN A 1 77  ? 7.993   -19.327 0.537   1.00 36.95 ? 85  GLN A O   1 
ATOM   552  C  CB  . GLN A 1 77  ? 6.846   -20.720 -2.220  1.00 35.69 ? 85  GLN A CB  1 
ATOM   553  C  CG  . GLN A 1 77  ? 6.292   -22.041 -2.770  1.00 41.77 ? 85  GLN A CG  1 
ATOM   554  C  CD  . GLN A 1 77  ? 4.816   -21.966 -3.158  1.00 50.16 ? 85  GLN A CD  1 
ATOM   555  O  OE1 . GLN A 1 77  ? 4.356   -20.971 -3.734  1.00 44.52 ? 85  GLN A OE1 1 
ATOM   556  N  NE2 . GLN A 1 77  ? 4.066   -23.026 -2.843  1.00 51.49 ? 85  GLN A NE2 1 
ATOM   557  N  N   . ASP A 1 78  ? 6.747   -17.931 -0.717  1.00 28.49 ? 86  ASP A N   1 
ATOM   558  C  CA  . ASP A 1 78  ? 7.430   -16.720 -0.275  1.00 29.01 ? 86  ASP A CA  1 
ATOM   559  C  C   . ASP A 1 78  ? 6.744   -16.069 0.933   1.00 26.86 ? 86  ASP A C   1 
ATOM   560  O  O   . ASP A 1 78  ? 7.280   -15.122 1.516   1.00 26.48 ? 86  ASP A O   1 
ATOM   561  C  CB  . ASP A 1 78  ? 7.512   -15.701 -1.422  1.00 29.16 ? 86  ASP A CB  1 
ATOM   562  C  CG  . ASP A 1 78  ? 8.289   -16.219 -2.620  1.00 37.25 ? 86  ASP A CG  1 
ATOM   563  O  OD1 . ASP A 1 78  ? 9.164   -17.091 -2.443  1.00 39.19 ? 86  ASP A OD1 1 
ATOM   564  O  OD2 . ASP A 1 78  ? 8.020   -15.742 -3.742  1.00 37.55 ? 86  ASP A OD2 1 
ATOM   565  N  N   . ARG A 1 79  ? 5.580   -16.598 1.306   1.00 22.78 ? 87  ARG A N   1 
ATOM   566  C  CA  . ARG A 1 79  ? 4.715   -16.004 2.326   1.00 24.51 ? 87  ARG A CA  1 
ATOM   567  C  C   . ARG A 1 79  ? 4.450   -14.523 2.044   1.00 23.97 ? 87  ARG A C   1 
ATOM   568  O  O   . ARG A 1 79  ? 4.547   -13.672 2.935   1.00 23.92 ? 87  ARG A O   1 
ATOM   569  C  CB  . ARG A 1 79  ? 5.290   -16.193 3.734   1.00 25.03 ? 87  ARG A CB  1 
ATOM   570  C  CG  . ARG A 1 79  ? 4.220   -16.337 4.802   1.00 28.28 ? 87  ARG A CG  1 
ATOM   571  C  CD  . ARG A 1 79  ? 4.792   -16.959 6.072   1.00 31.07 ? 87  ARG A CD  1 
ATOM   572  N  NE  . ARG A 1 79  ? 5.381   -15.932 6.909   1.00 35.95 ? 87  ARG A NE  1 
ATOM   573  C  CZ  . ARG A 1 79  ? 6.270   -16.159 7.868   1.00 36.47 ? 87  ARG A CZ  1 
ATOM   574  N  NH1 . ARG A 1 79  ? 6.689   -17.396 8.112   1.00 40.26 ? 87  ARG A NH1 1 
ATOM   575  N  NH2 . ARG A 1 79  ? 6.744   -15.145 8.574   1.00 34.30 ? 87  ARG A NH2 1 
ATOM   576  N  N   . THR A 1 80  ? 4.093   -14.216 0.805   1.00 22.31 ? 88  THR A N   1 
ATOM   577  C  CA  . THR A 1 80  ? 3.799   -12.833 0.444   1.00 20.52 ? 88  THR A CA  1 
ATOM   578  C  C   . THR A 1 80  ? 2.412   -12.709 -0.160  1.00 20.74 ? 88  THR A C   1 
ATOM   579  O  O   . THR A 1 80  ? 1.944   -13.615 -0.861  1.00 21.22 ? 88  THR A O   1 
ATOM   580  C  CB  . THR A 1 80  ? 4.826   -12.262 -0.565  1.00 20.30 ? 88  THR A CB  1 
ATOM   581  O  OG1 . THR A 1 80  ? 4.888   -13.118 -1.711  1.00 22.65 ? 88  THR A OG1 1 
ATOM   582  C  CG2 . THR A 1 80  ? 6.209   -12.164 0.059   1.00 22.61 ? 88  THR A CG2 1 
ATOM   583  N  N   . LEU A 1 81  ? 1.755   -11.585 0.125   1.00 20.18 ? 89  LEU A N   1 
ATOM   584  C  CA  . LEU A 1 81  ? 0.576   -11.174 -0.634  1.00 18.89 ? 89  LEU A CA  1 
ATOM   585  C  C   . LEU A 1 81  ? 0.936   -9.859  -1.298  1.00 17.54 ? 89  LEU A C   1 
ATOM   586  O  O   . LEU A 1 81  ? 1.340   -8.902  -0.626  1.00 17.90 ? 89  LEU A O   1 
ATOM   587  C  CB  . LEU A 1 81  ? -0.641  -10.984 0.278   1.00 18.11 ? 89  LEU A CB  1 
ATOM   588  C  CG  . LEU A 1 81  ? -1.906  -10.432 -0.378  1.00 15.53 ? 89  LEU A CG  1 
ATOM   589  C  CD1 . LEU A 1 81  ? -2.436  -11.401 -1.444  1.00 18.39 ? 89  LEU A CD1 1 
ATOM   590  C  CD2 . LEU A 1 81  ? -2.960  -10.144 0.685   1.00 17.24 ? 89  LEU A CD2 1 
ATOM   591  N  N   . THR A 1 82  ? 0.826   -9.818  -2.622  1.00 15.82 ? 90  THR A N   1 
ATOM   592  C  CA  . THR A 1 82  ? 1.224   -8.636  -3.372  1.00 15.84 ? 90  THR A CA  1 
ATOM   593  C  C   . THR A 1 82  ? 0.006   -7.954  -3.979  1.00 19.55 ? 90  THR A C   1 
ATOM   594  O  O   . THR A 1 82  ? -0.837  -8.595  -4.626  1.00 18.91 ? 90  THR A O   1 
ATOM   595  C  CB  . THR A 1 82  ? 2.224   -8.985  -4.488  1.00 18.06 ? 90  THR A CB  1 
ATOM   596  O  OG1 . THR A 1 82  ? 3.402   -9.578  -3.920  1.00 19.09 ? 90  THR A OG1 1 
ATOM   597  C  CG2 . THR A 1 82  ? 2.607   -7.720  -5.261  1.00 17.41 ? 90  THR A CG2 1 
ATOM   598  N  N   . ILE A 1 83  ? -0.094  -6.649  -3.749  1.00 17.13 ? 91  ILE A N   1 
ATOM   599  C  CA  . ILE A 1 83  ? -1.161  -5.853  -4.327  1.00 18.48 ? 91  ILE A CA  1 
ATOM   600  C  C   . ILE A 1 83  ? -0.517  -5.009  -5.425  1.00 17.15 ? 91  ILE A C   1 
ATOM   601  O  O   . ILE A 1 83  ? 0.270   -4.101  -5.138  1.00 18.60 ? 91  ILE A O   1 
ATOM   602  C  CB  . ILE A 1 83  ? -1.821  -4.915  -3.284  1.00 19.94 ? 91  ILE A CB  1 
ATOM   603  C  CG1 . ILE A 1 83  ? -2.478  -5.709  -2.142  1.00 18.91 ? 91  ILE A CG1 1 
ATOM   604  C  CG2 . ILE A 1 83  ? -2.887  -4.058  -3.941  1.00 19.30 ? 91  ILE A CG2 1 
ATOM   605  C  CD1 . ILE A 1 83  ? -1.520  -6.139  -1.040  1.00 20.54 ? 91  ILE A CD1 1 
ATOM   606  N  N   . VAL A 1 84  ? -0.827  -5.344  -6.672  1.00 15.25 ? 92  VAL A N   1 
ATOM   607  C  CA  . VAL A 1 84  ? -0.232  -4.682  -7.827  1.00 15.57 ? 92  VAL A CA  1 
ATOM   608  C  C   . VAL A 1 84  ? -1.248  -3.759  -8.487  1.00 20.67 ? 92  VAL A C   1 
ATOM   609  O  O   . VAL A 1 84  ? -2.383  -4.171  -8.733  1.00 19.45 ? 92  VAL A O   1 
ATOM   610  C  CB  . VAL A 1 84  ? 0.181   -5.707  -8.903  1.00 19.50 ? 92  VAL A CB  1 
ATOM   611  C  CG1 . VAL A 1 84  ? 0.793   -4.990  -10.108 1.00 23.77 ? 92  VAL A CG1 1 
ATOM   612  C  CG2 . VAL A 1 84  ? 1.143   -6.715  -8.343  1.00 21.80 ? 92  VAL A CG2 1 
ATOM   613  N  N   . ASP A 1 85  ? -0.848  -2.528  -8.804  1.00 16.75 ? 93  ASP A N   1 
ATOM   614  C  CA  . ASP A 1 85  ? -1.704  -1.663  -9.616  1.00 16.33 ? 93  ASP A CA  1 
ATOM   615  C  C   . ASP A 1 85  ? -0.919  -1.010  -10.743 1.00 19.22 ? 93  ASP A C   1 
ATOM   616  O  O   . ASP A 1 85  ? 0.309   -0.927  -10.700 1.00 19.79 ? 93  ASP A O   1 
ATOM   617  C  CB  . ASP A 1 85  ? -2.429  -0.594  -8.785  1.00 16.50 ? 93  ASP A CB  1 
ATOM   618  C  CG  . ASP A 1 85  ? -1.493  0.443   -8.200  1.00 18.03 ? 93  ASP A CG  1 
ATOM   619  O  OD1 . ASP A 1 85  ? -0.876  1.207   -8.982  1.00 20.25 ? 93  ASP A OD1 1 
ATOM   620  O  OD2 . ASP A 1 85  ? -1.407  0.529   -6.953  1.00 18.99 ? 93  ASP A OD2 1 
ATOM   621  N  N   . THR A 1 86  ? -1.640  -0.546  -11.755 1.00 18.31 ? 94  THR A N   1 
ATOM   622  C  CA  . THR A 1 86  ? -1.005  0.169   -12.852 1.00 17.82 ? 94  THR A CA  1 
ATOM   623  C  C   . THR A 1 86  ? -1.365  1.649   -12.783 1.00 19.50 ? 94  THR A C   1 
ATOM   624  O  O   . THR A 1 86  ? -1.583  2.311   -13.800 1.00 19.81 ? 94  THR A O   1 
ATOM   625  C  CB  . THR A 1 86  ? -1.398  -0.433  -14.205 1.00 20.16 ? 94  THR A CB  1 
ATOM   626  O  OG1 . THR A 1 86  ? -2.817  -0.567  -14.264 1.00 19.61 ? 94  THR A OG1 1 
ATOM   627  C  CG2 . THR A 1 86  ? -0.761  -1.812  -14.368 1.00 23.03 ? 94  THR A CG2 1 
ATOM   628  N  N   . GLY A 1 87  ? -1.382  2.170   -11.561 1.00 19.10 ? 95  GLY A N   1 
ATOM   629  C  CA  . GLY A 1 87  ? -1.666  3.572   -11.338 1.00 19.34 ? 95  GLY A CA  1 
ATOM   630  C  C   . GLY A 1 87  ? -0.521  4.506   -11.696 1.00 20.60 ? 95  GLY A C   1 
ATOM   631  O  O   . GLY A 1 87  ? 0.408   4.154   -12.426 1.00 19.37 ? 95  GLY A O   1 
ATOM   632  N  N   . ILE A 1 88  ? -0.576  5.712   -11.150 1.00 18.56 ? 96  ILE A N   1 
ATOM   633  C  CA  . ILE A 1 88  ? 0.388   6.749   -11.513 1.00 19.63 ? 96  ILE A CA  1 
ATOM   634  C  C   . ILE A 1 88  ? 1.820   6.461   -11.049 1.00 22.54 ? 96  ILE A C   1 
ATOM   635  O  O   . ILE A 1 88  ? 2.784   6.982   -11.617 1.00 23.12 ? 96  ILE A O   1 
ATOM   636  C  CB  . ILE A 1 88  ? -0.066  8.113   -10.960 1.00 21.03 ? 96  ILE A CB  1 
ATOM   637  C  CG1 . ILE A 1 88  ? 0.756   9.242   -11.591 1.00 27.91 ? 96  ILE A CG1 1 
ATOM   638  C  CG2 . ILE A 1 88  ? 0.034   8.123   -9.438  1.00 24.44 ? 96  ILE A CG2 1 
ATOM   639  C  CD1 . ILE A 1 88  ? -0.041  10.495  -11.836 1.00 31.78 ? 96  ILE A CD1 1 
ATOM   640  N  N   . GLY A 1 89  ? 1.969   5.646   -10.012 1.00 19.44 ? 97  GLY A N   1 
ATOM   641  C  CA  . GLY A 1 89  ? 3.289   5.375   -9.476  1.00 16.96 ? 97  GLY A CA  1 
ATOM   642  C  C   . GLY A 1 89  ? 3.809   6.504   -8.609  1.00 20.36 ? 97  GLY A C   1 
ATOM   643  O  O   . GLY A 1 89  ? 3.169   7.551   -8.461  1.00 22.47 ? 97  GLY A O   1 
ATOM   644  N  N   . MET A 1 90  ? 4.986   6.296   -8.039  1.00 18.45 ? 98  MET A N   1 
ATOM   645  C  CA  . MET A 1 90  ? 5.568   7.293   -7.131  1.00 20.91 ? 98  MET A CA  1 
ATOM   646  C  C   . MET A 1 90  ? 6.977   7.693   -7.540  1.00 21.84 ? 98  MET A C   1 
ATOM   647  O  O   . MET A 1 90  ? 7.778   6.855   -7.961  1.00 21.00 ? 98  MET A O   1 
ATOM   648  C  CB  . MET A 1 90  ? 5.608   6.759   -5.707  1.00 19.76 ? 98  MET A CB  1 
ATOM   649  C  CG  . MET A 1 90  ? 4.253   6.737   -5.008  1.00 20.02 ? 98  MET A CG  1 
ATOM   650  S  SD  . MET A 1 90  ? 4.252   5.818   -3.463  1.00 22.15 ? 98  MET A SD  1 
ATOM   651  C  CE  . MET A 1 90  ? 4.453   4.144   -4.080  1.00 21.09 ? 98  MET A CE  1 
ATOM   652  N  N   . THR A 1 91  ? 7.281   8.977   -7.371  1.00 21.76 ? 99  THR A N   1 
ATOM   653  C  CA  . THR A 1 91  ? 8.609   9.504   -7.637  1.00 24.43 ? 99  THR A CA  1 
ATOM   654  C  C   . THR A 1 91  ? 9.493   9.249   -6.427  1.00 24.77 ? 99  THR A C   1 
ATOM   655  O  O   . THR A 1 91  ? 9.010   8.882   -5.359  1.00 21.59 ? 99  THR A O   1 
ATOM   656  C  CB  . THR A 1 91  ? 8.549   11.018  -7.868  1.00 24.01 ? 99  THR A CB  1 
ATOM   657  O  OG1 . THR A 1 91  ? 8.067   11.654  -6.681  1.00 21.52 ? 99  THR A OG1 1 
ATOM   658  C  CG2 . THR A 1 91  ? 7.604   11.342  -9.026  1.00 26.24 ? 99  THR A CG2 1 
ATOM   659  N  N   . LYS A 1 92  ? 10.794  9.451   -6.576  1.00 21.90 ? 100 LYS A N   1 
ATOM   660  C  CA  . LYS A 1 92  ? 11.662  9.335   -5.412  1.00 23.21 ? 100 LYS A CA  1 
ATOM   661  C  C   . LYS A 1 92  ? 11.238  10.334  -4.327  1.00 24.64 ? 100 LYS A C   1 
ATOM   662  O  O   . LYS A 1 92  ? 11.261  10.018  -3.142  1.00 23.38 ? 100 LYS A O   1 
ATOM   663  C  CB  . LYS A 1 92  ? 13.133  9.519   -5.801  1.00 24.53 ? 100 LYS A CB  1 
ATOM   664  C  CG  . LYS A 1 92  ? 14.097  9.060   -4.711  1.00 27.73 ? 100 LYS A CG  1 
ATOM   665  C  CD  . LYS A 1 92  ? 15.554  9.281   -5.088  1.00 32.06 ? 100 LYS A CD  1 
ATOM   666  C  CE  . LYS A 1 92  ? 16.472  8.752   -3.993  1.00 33.76 ? 100 LYS A CE  1 
ATOM   667  N  NZ  . LYS A 1 92  ? 17.908  9.119   -4.229  1.00 39.81 ? 100 LYS A NZ  1 
ATOM   668  N  N   . ALA A 1 93  ? 10.819  11.531  -4.736  1.00 23.59 ? 101 ALA A N   1 
ATOM   669  C  CA  . ALA A 1 93  ? 10.388  12.545  -3.772  1.00 25.20 ? 101 ALA A CA  1 
ATOM   670  C  C   . ALA A 1 93  ? 9.134   12.102  -3.018  1.00 24.29 ? 101 ALA A C   1 
ATOM   671  O  O   . ALA A 1 93  ? 9.006   12.335  -1.825  1.00 23.16 ? 101 ALA A O   1 
ATOM   672  C  CB  . ALA A 1 93  ? 10.152  13.875  -4.454  1.00 24.49 ? 101 ALA A CB  1 
ATOM   673  N  N   . ASP A 1 94  ? 8.201   11.472  -3.726  1.00 23.03 ? 102 ASP A N   1 
ATOM   674  C  CA  . ASP A 1 94  ? 7.028   10.897  -3.067  1.00 22.32 ? 102 ASP A CA  1 
ATOM   675  C  C   . ASP A 1 94  ? 7.452   9.943   -1.961  1.00 23.82 ? 102 ASP A C   1 
ATOM   676  O  O   . ASP A 1 94  ? 6.927   9.986   -0.850  1.00 23.28 ? 102 ASP A O   1 
ATOM   677  C  CB  . ASP A 1 94  ? 6.181   10.113  -4.068  1.00 23.81 ? 102 ASP A CB  1 
ATOM   678  C  CG  . ASP A 1 94  ? 5.376   11.002  -5.000  1.00 25.96 ? 102 ASP A CG  1 
ATOM   679  O  OD1 . ASP A 1 94  ? 5.049   12.153  -4.614  1.00 25.43 ? 102 ASP A OD1 1 
ATOM   680  O  OD2 . ASP A 1 94  ? 5.069   10.537  -6.129  1.00 23.75 ? 102 ASP A OD2 1 
ATOM   681  N  N   . LEU A 1 95  ? 8.390   9.055   -2.280  1.00 23.02 ? 103 LEU A N   1 
ATOM   682  C  CA  . LEU A 1 95  ? 8.766   7.983   -1.365  1.00 22.40 ? 103 LEU A CA  1 
ATOM   683  C  C   . LEU A 1 95  ? 9.472   8.507   -0.133  1.00 26.26 ? 103 LEU A C   1 
ATOM   684  O  O   . LEU A 1 95  ? 9.254   8.025   0.969   1.00 25.98 ? 103 LEU A O   1 
ATOM   685  C  CB  . LEU A 1 95  ? 9.684   6.971   -2.061  1.00 20.38 ? 103 LEU A CB  1 
ATOM   686  C  CG  . LEU A 1 95  ? 9.059   6.102   -3.140  1.00 20.04 ? 103 LEU A CG  1 
ATOM   687  C  CD1 . LEU A 1 95  ? 10.122  5.245   -3.801  1.00 23.60 ? 103 LEU A CD1 1 
ATOM   688  C  CD2 . LEU A 1 95  ? 7.969   5.209   -2.547  1.00 19.16 ? 103 LEU A CD2 1 
ATOM   689  N  N   . ILE A 1 96  ? 10.344  9.482   -0.329  1.00 23.86 ? 104 ILE A N   1 
ATOM   690  C  CA  . ILE A 1 96  ? 11.211  9.921   0.751   1.00 22.57 ? 104 ILE A CA  1 
ATOM   691  C  C   . ILE A 1 96  ? 10.544  10.981  1.606   1.00 28.19 ? 104 ILE A C   1 
ATOM   692  O  O   . ILE A 1 96  ? 10.608  10.916  2.833   1.00 30.64 ? 104 ILE A O   1 
ATOM   693  C  CB  . ILE A 1 96  ? 12.534  10.457  0.214   1.00 25.26 ? 104 ILE A CB  1 
ATOM   694  C  CG1 . ILE A 1 96  ? 13.327  9.330   -0.435  1.00 25.33 ? 104 ILE A CG1 1 
ATOM   695  C  CG2 . ILE A 1 96  ? 13.338  11.107  1.341   1.00 30.31 ? 104 ILE A CG2 1 
ATOM   696  C  CD1 . ILE A 1 96  ? 14.540  9.828   -1.193  1.00 28.21 ? 104 ILE A CD1 1 
ATOM   697  N  N   . ASN A 1 97  ? 9.878   11.933  0.949   1.00 28.48 ? 105 ASN A N   1 
ATOM   698  C  CA  . ASN A 1 97  ? 9.334   13.115  1.619   1.00 28.63 ? 105 ASN A CA  1 
ATOM   699  C  C   . ASN A 1 97  ? 7.816   13.320  1.540   1.00 29.06 ? 105 ASN A C   1 
ATOM   700  O  O   . ASN A 1 97  ? 7.157   13.537  2.569   1.00 31.80 ? 105 ASN A O   1 
ATOM   701  C  CB  . ASN A 1 97  ? 9.995   14.378  1.064   1.00 29.67 ? 105 ASN A CB  1 
ATOM   702  C  CG  . ASN A 1 97  ? 11.408  14.572  1.564   1.00 36.60 ? 105 ASN A CG  1 
ATOM   703  O  OD1 . ASN A 1 97  ? 12.296  14.960  0.803   1.00 42.90 ? 105 ASN A OD1 1 
ATOM   704  N  ND2 . ASN A 1 97  ? 11.628  14.310  2.849   1.00 39.97 ? 105 ASN A ND2 1 
ATOM   705  N  N   . ASN A 1 98  ? 7.268   13.286  0.328   1.00 25.60 ? 106 ASN A N   1 
ATOM   706  C  CA  . ASN A 1 98  ? 5.924   13.818  0.102   1.00 27.72 ? 106 ASN A CA  1 
ATOM   707  C  C   . ASN A 1 98  ? 4.831   13.056  0.814   1.00 28.34 ? 106 ASN A C   1 
ATOM   708  O  O   . ASN A 1 98  ? 3.948   13.656  1.427   1.00 30.08 ? 106 ASN A O   1 
ATOM   709  C  CB  . ASN A 1 98  ? 5.573   13.865  -1.387  1.00 28.57 ? 106 ASN A CB  1 
ATOM   710  C  CG  . ASN A 1 98  ? 6.485   14.766  -2.178  1.00 30.11 ? 106 ASN A CG  1 
ATOM   711  O  OD1 . ASN A 1 98  ? 7.162   15.639  -1.621  1.00 31.23 ? 106 ASN A OD1 1 
ATOM   712  N  ND2 . ASN A 1 98  ? 6.498   14.573  -3.499  1.00 30.64 ? 106 ASN A ND2 1 
ATOM   713  N  N   . LEU A 1 99  ? 4.856   11.734  0.705   1.00 26.26 ? 107 LEU A N   1 
ATOM   714  C  CA  . LEU A 1 99  ? 3.760   10.951  1.259   1.00 30.39 ? 107 LEU A CA  1 
ATOM   715  C  C   . LEU A 1 99  ? 3.775   10.994  2.782   1.00 30.59 ? 107 LEU A C   1 
ATOM   716  O  O   . LEU A 1 99  ? 2.724   10.949  3.420   1.00 29.84 ? 107 LEU A O   1 
ATOM   717  C  CB  . LEU A 1 99  ? 3.783   9.519   0.736   1.00 31.54 ? 107 LEU A CB  1 
ATOM   718  C  CG  . LEU A 1 99  ? 3.642   9.428   -0.787  1.00 32.61 ? 107 LEU A CG  1 
ATOM   719  C  CD1 . LEU A 1 99  ? 3.231   8.052   -1.178  1.00 32.05 ? 107 LEU A CD1 1 
ATOM   720  C  CD2 . LEU A 1 99  ? 2.652   10.460  -1.332  1.00 36.13 ? 107 LEU A CD2 1 
ATOM   721  N  N   . GLY A 1 100 ? 4.971   11.093  3.355   1.00 29.13 ? 108 GLY A N   1 
ATOM   722  C  CA  . GLY A 1 100 ? 5.115   11.202  4.792   1.00 29.28 ? 108 GLY A CA  1 
ATOM   723  C  C   . GLY A 1 100 ? 4.679   12.571  5.283   1.00 29.24 ? 108 GLY A C   1 
ATOM   724  O  O   . GLY A 1 100 ? 4.070   12.695  6.345   1.00 30.88 ? 108 GLY A O   1 
ATOM   725  N  N   . THR A 1 101 ? 4.994   13.605  4.511   1.00 26.32 ? 109 THR A N   1 
ATOM   726  C  CA  . THR A 1 101 ? 4.603   14.965  4.880   1.00 30.55 ? 109 THR A CA  1 
ATOM   727  C  C   . THR A 1 101 ? 3.087   15.119  4.908   1.00 32.17 ? 109 THR A C   1 
ATOM   728  O  O   . THR A 1 101 ? 2.529   15.671  5.861   1.00 35.54 ? 109 THR A O   1 
ATOM   729  C  CB  . THR A 1 101 ? 5.181   16.013  3.922   1.00 30.54 ? 109 THR A CB  1 
ATOM   730  O  OG1 . THR A 1 101 ? 6.609   16.008  4.016   1.00 32.77 ? 109 THR A OG1 1 
ATOM   731  C  CG2 . THR A 1 101 ? 4.657   17.398  4.283   1.00 32.63 ? 109 THR A CG2 1 
ATOM   732  N  N   . ILE A 1 102 ? 2.415   14.625  3.872   1.00 30.56 ? 110 ILE A N   1 
ATOM   733  C  CA  . ILE A 1 102 ? 0.959   14.768  3.809   1.00 34.62 ? 110 ILE A CA  1 
ATOM   734  C  C   . ILE A 1 102 ? 0.257   13.919  4.864   1.00 34.92 ? 110 ILE A C   1 
ATOM   735  O  O   . ILE A 1 102 ? -0.855  14.239  5.283   1.00 37.40 ? 110 ILE A O   1 
ATOM   736  C  CB  . ILE A 1 102 ? 0.374   14.467  2.403   1.00 32.53 ? 110 ILE A CB  1 
ATOM   737  C  CG1 . ILE A 1 102 ? 0.682   13.032  1.974   1.00 38.21 ? 110 ILE A CG1 1 
ATOM   738  C  CG2 . ILE A 1 102 ? 0.892   15.478  1.379   1.00 36.28 ? 110 ILE A CG2 1 
ATOM   739  C  CD1 . ILE A 1 102 ? 0.059   12.640  0.635   1.00 40.18 ? 110 ILE A CD1 1 
ATOM   740  N  N   . ALA A 1 103 ? 0.914   12.850  5.301   1.00 30.17 ? 111 ALA A N   1 
ATOM   741  C  CA  . ALA A 1 103 ? 0.322   11.933  6.264   1.00 32.46 ? 111 ALA A CA  1 
ATOM   742  C  C   . ALA A 1 103 ? 0.434   12.446  7.705   1.00 34.06 ? 111 ALA A C   1 
ATOM   743  O  O   . ALA A 1 103 ? -0.223  11.929  8.608   1.00 32.68 ? 111 ALA A O   1 
ATOM   744  C  CB  . ALA A 1 103 ? 0.955   10.547  6.134   1.00 34.52 ? 111 ALA A CB  1 
ATOM   745  N  N   . LYS A 1 104 ? 1.266   13.466  7.913   1.00 35.63 ? 112 LYS A N   1 
ATOM   746  C  CA  . LYS A 1 104 ? 1.475   14.036  9.245   1.00 31.98 ? 112 LYS A CA  1 
ATOM   747  C  C   . LYS A 1 104 ? 0.180   14.447  9.942   1.00 31.43 ? 112 LYS A C   1 
ATOM   748  O  O   . LYS A 1 104 ? -0.113  14.003  11.058  1.00 31.99 ? 112 LYS A O   1 
ATOM   749  C  CB  . LYS A 1 104 ? 2.383   15.259  9.163   1.00 38.29 ? 112 LYS A CB  1 
ATOM   750  C  CG  . LYS A 1 104 ? 3.860   14.962  9.126   1.00 40.89 ? 112 LYS A CG  1 
ATOM   751  C  CD  . LYS A 1 104 ? 4.642   16.276  9.030   1.00 44.35 ? 112 LYS A CD  1 
ATOM   752  C  CE  . LYS A 1 104 ? 4.796   16.947  10.382  1.00 47.11 ? 112 LYS A CE  1 
ATOM   753  N  NZ  . LYS A 1 104 ? 6.008   16.466  11.107  1.00 51.39 ? 112 LYS A NZ  1 
ATOM   754  N  N   . SER A 1 105 ? -0.571  15.330  9.295   1.00 31.40 ? 113 SER A N   1 
ATOM   755  C  CA  . SER A 1 105 ? -1.815  15.832  9.850   1.00 34.74 ? 113 SER A CA  1 
ATOM   756  C  C   . SER A 1 105 ? -2.810  14.709  10.083  1.00 30.38 ? 113 SER A C   1 
ATOM   757  O  O   . SER A 1 105 ? -3.464  14.658  11.124  1.00 28.94 ? 113 SER A O   1 
ATOM   758  C  CB  . SER A 1 105 ? -2.427  16.872  8.913   1.00 38.11 ? 113 SER A CB  1 
ATOM   759  O  OG  . SER A 1 105 ? -2.594  16.336  7.616   1.00 42.83 ? 113 SER A OG  1 
ATOM   760  N  N   . GLY A 1 106 ? -2.927  13.814  9.103   1.00 31.27 ? 114 GLY A N   1 
ATOM   761  C  CA  . GLY A 1 106 ? -3.847  12.696  9.194   1.00 30.57 ? 114 GLY A CA  1 
ATOM   762  C  C   . GLY A 1 106 ? -3.499  11.755  10.327  1.00 24.36 ? 114 GLY A C   1 
ATOM   763  O  O   . GLY A 1 106 ? -4.376  11.223  10.996  1.00 24.30 ? 114 GLY A O   1 
ATOM   764  N  N   . THR A 1 107 ? -2.207  11.538  10.531  1.00 25.28 ? 115 THR A N   1 
ATOM   765  C  CA  . THR A 1 107 ? -1.756  10.701  11.629  1.00 26.27 ? 115 THR A CA  1 
ATOM   766  C  C   . THR A 1 107 ? -2.161  11.314  12.958  1.00 24.92 ? 115 THR A C   1 
ATOM   767  O  O   . THR A 1 107 ? -2.746  10.653  13.800  1.00 25.31 ? 115 THR A O   1 
ATOM   768  C  CB  . THR A 1 107 ? -0.236  10.522  11.604  1.00 29.16 ? 115 THR A CB  1 
ATOM   769  O  OG1 . THR A 1 107 ? 0.136   9.825   10.410  1.00 30.27 ? 115 THR A OG1 1 
ATOM   770  C  CG2 . THR A 1 107 ? 0.219   9.732   12.809  1.00 30.34 ? 115 THR A CG2 1 
ATOM   771  N  N   . LYS A 1 108 ? -1.860  12.592  13.134  1.00 27.33 ? 116 LYS A N   1 
ATOM   772  C  CA  . LYS A 1 108 ? -2.221  13.289  14.364  1.00 31.16 ? 116 LYS A CA  1 
ATOM   773  C  C   . LYS A 1 108 ? -3.724  13.188  14.632  1.00 28.74 ? 116 LYS A C   1 
ATOM   774  O  O   . LYS A 1 108 ? -4.148  12.848  15.741  1.00 29.33 ? 116 LYS A O   1 
ATOM   775  C  CB  . LYS A 1 108 ? -1.792  14.754  14.285  1.00 31.25 ? 116 LYS A CB  1 
ATOM   776  C  CG  . LYS A 1 108 ? -2.039  15.528  15.577  1.00 40.65 ? 116 LYS A CG  1 
ATOM   777  C  CD  . LYS A 1 108 ? -1.918  17.030  15.367  1.00 44.62 ? 116 LYS A CD  1 
ATOM   778  C  CE  . LYS A 1 108 ? -2.282  17.794  16.635  1.00 47.77 ? 116 LYS A CE  1 
ATOM   779  N  NZ  . LYS A 1 108 ? -2.477  19.247  16.367  1.00 52.02 ? 116 LYS A NZ  1 
ATOM   780  N  N   . ALA A 1 109 ? -4.527  13.476  13.608  1.00 29.22 ? 117 ALA A N   1 
ATOM   781  C  CA  . ALA A 1 109 ? -5.983  13.419  13.731  1.00 28.08 ? 117 ALA A CA  1 
ATOM   782  C  C   . ALA A 1 109 ? -6.446  12.025  14.113  1.00 27.82 ? 117 ALA A C   1 
ATOM   783  O  O   . ALA A 1 109 ? -7.329  11.855  14.952  1.00 27.04 ? 117 ALA A O   1 
ATOM   784  C  CB  . ALA A 1 109 ? -6.654  13.864  12.433  1.00 26.43 ? 117 ALA A CB  1 
ATOM   785  N  N   . PHE A 1 110 ? -5.841  11.018  13.493  1.00 24.00 ? 118 PHE A N   1 
ATOM   786  C  CA  . PHE A 1 110 ? -6.249  9.640   13.724  1.00 22.34 ? 118 PHE A CA  1 
ATOM   787  C  C   . PHE A 1 110 ? -5.938  9.243   15.148  1.00 25.82 ? 118 PHE A C   1 
ATOM   788  O  O   . PHE A 1 110 ? -6.775  8.672   15.835  1.00 25.68 ? 118 PHE A O   1 
ATOM   789  C  CB  . PHE A 1 110 ? -5.535  8.711   12.732  1.00 21.91 ? 118 PHE A CB  1 
ATOM   790  C  CG  . PHE A 1 110 ? -5.845  7.245   12.914  1.00 24.45 ? 118 PHE A CG  1 
ATOM   791  C  CD1 . PHE A 1 110 ? -7.156  6.797   13.004  1.00 22.70 ? 118 PHE A CD1 1 
ATOM   792  C  CD2 . PHE A 1 110 ? -4.815  6.310   12.960  1.00 24.26 ? 118 PHE A CD2 1 
ATOM   793  C  CE1 . PHE A 1 110 ? -7.443  5.440   13.158  1.00 24.41 ? 118 PHE A CE1 1 
ATOM   794  C  CE2 . PHE A 1 110 ? -5.090  4.953   13.112  1.00 27.63 ? 118 PHE A CE2 1 
ATOM   795  C  CZ  . PHE A 1 110 ? -6.408  4.518   13.212  1.00 23.86 ? 118 PHE A CZ  1 
ATOM   796  N  N   . MET A 1 111 ? -4.730  9.565   15.601  1.00 25.13 ? 119 MET A N   1 
ATOM   797  C  CA  . MET A 1 111 ? -4.307  9.147   16.927  1.00 29.65 ? 119 MET A CA  1 
ATOM   798  C  C   . MET A 1 111 ? -5.152  9.834   17.995  1.00 33.09 ? 119 MET A C   1 
ATOM   799  O  O   . MET A 1 111 ? -5.454  9.245   19.034  1.00 34.29 ? 119 MET A O   1 
ATOM   800  C  CB  . MET A 1 111 ? -2.797  9.372   17.130  1.00 27.73 ? 119 MET A CB  1 
ATOM   801  C  CG  . MET A 1 111 ? -1.965  8.449   16.252  1.00 34.52 ? 119 MET A CG  1 
ATOM   802  S  SD  . MET A 1 111 ? -0.222  8.248   16.668  1.00 43.51 ? 119 MET A SD  1 
ATOM   803  C  CE  . MET A 1 111 ? 0.444   9.870   16.297  1.00 38.12 ? 119 MET A CE  1 
ATOM   804  N  N   . GLU A 1 112 ? -5.555  11.067  17.712  1.00 30.41 ? 120 GLU A N   1 
ATOM   805  C  CA  . GLU A 1 112 ? -6.456  11.799  18.597  1.00 34.70 ? 120 GLU A CA  1 
ATOM   806  C  C   . GLU A 1 112 ? -7.850  11.165  18.630  1.00 35.72 ? 120 GLU A C   1 
ATOM   807  O  O   . GLU A 1 112 ? -8.457  11.034  19.694  1.00 36.36 ? 120 GLU A O   1 
ATOM   808  C  CB  . GLU A 1 112 ? -6.541  13.266  18.174  1.00 36.92 ? 120 GLU A CB  1 
ATOM   809  C  CG  . GLU A 1 112 ? -5.233  14.025  18.369  1.00 39.07 ? 120 GLU A CG  1 
ATOM   810  C  CD  . GLU A 1 112 ? -5.317  15.477  17.927  1.00 46.41 ? 120 GLU A CD  1 
ATOM   811  O  OE1 . GLU A 1 112 ? -6.203  15.806  17.107  1.00 47.11 ? 120 GLU A OE1 1 
ATOM   812  O  OE2 . GLU A 1 112 ? -4.491  16.287  18.400  1.00 53.08 ? 120 GLU A OE2 1 
ATOM   813  N  N   . ALA A 1 113 ? -8.346  10.771  17.461  1.00 34.60 ? 121 ALA A N   1 
ATOM   814  C  CA  . ALA A 1 113 ? -9.643  10.108  17.355  1.00 30.66 ? 121 ALA A CA  1 
ATOM   815  C  C   . ALA A 1 113 ? -9.650  8.778   18.106  1.00 34.40 ? 121 ALA A C   1 
ATOM   816  O  O   . ALA A 1 113 ? -10.654 8.409   18.714  1.00 36.58 ? 121 ALA A O   1 
ATOM   817  C  CB  . ALA A 1 113 ? -10.019 9.905   15.897  1.00 30.80 ? 121 ALA A CB  1 
ATOM   818  N  N   . LEU A 1 114 ? -8.532  8.059   18.069  1.00 32.47 ? 122 LEU A N   1 
ATOM   819  C  CA  . LEU A 1 114 ? -8.440  6.784   18.778  1.00 32.10 ? 122 LEU A CA  1 
ATOM   820  C  C   . LEU A 1 114 ? -8.571  6.983   20.286  1.00 37.17 ? 122 LEU A C   1 
ATOM   821  O  O   . LEU A 1 114 ? -9.158  6.158   20.983  1.00 38.59 ? 122 LEU A O   1 
ATOM   822  C  CB  . LEU A 1 114 ? -7.123  6.082   18.463  1.00 31.53 ? 122 LEU A CB  1 
ATOM   823  C  CG  . LEU A 1 114 ? -6.984  5.505   17.055  1.00 26.35 ? 122 LEU A CG  1 
ATOM   824  C  CD1 . LEU A 1 114 ? -5.576  4.978   16.843  1.00 28.85 ? 122 LEU A CD1 1 
ATOM   825  C  CD2 . LEU A 1 114 ? -8.013  4.405   16.805  1.00 29.63 ? 122 LEU A CD2 1 
ATOM   826  N  N   . GLN A 1 115 ? -8.014  8.083   20.779  1.00 40.90 ? 123 GLN A N   1 
ATOM   827  C  CA  . GLN A 1 115 ? -8.087  8.408   22.199  1.00 41.24 ? 123 GLN A CA  1 
ATOM   828  C  C   . GLN A 1 115 ? -9.513  8.771   22.590  1.00 43.71 ? 123 GLN A C   1 
ATOM   829  O  O   . GLN A 1 115 ? -9.877  8.712   23.765  1.00 44.49 ? 123 GLN A O   1 
ATOM   830  C  CB  . GLN A 1 115 ? -7.143  9.568   22.533  1.00 44.37 ? 123 GLN A CB  1 
ATOM   831  C  CG  . GLN A 1 115 ? -5.665  9.196   22.556  1.00 46.55 ? 123 GLN A CG  1 
ATOM   832  C  CD  . GLN A 1 115 ? -5.290  8.365   23.773  1.00 56.97 ? 123 GLN A CD  1 
ATOM   833  O  OE1 . GLN A 1 115 ? -5.520  7.154   23.810  1.00 59.48 ? 123 GLN A OE1 1 
ATOM   834  N  NE2 . GLN A 1 115 ? -4.715  9.017   24.781  1.00 58.24 ? 123 GLN A NE2 1 
ATOM   835  N  N   . ALA A 1 116 ? -10.315 9.144   21.597  1.00 41.23 ? 124 ALA A N   1 
ATOM   836  C  CA  . ALA A 1 116 ? -11.677 9.615   21.831  1.00 42.63 ? 124 ALA A CA  1 
ATOM   837  C  C   . ALA A 1 116 ? -12.748 8.604   21.413  1.00 46.35 ? 124 ALA A C   1 
ATOM   838  O  O   . ALA A 1 116 ? -13.918 8.965   21.250  1.00 49.53 ? 124 ALA A O   1 
ATOM   839  C  CB  . ALA A 1 116 ? -11.906 10.948  21.127  1.00 43.29 ? 124 ALA A CB  1 
ATOM   840  N  N   . GLY A 1 117 ? -12.355 7.350   21.222  1.00 43.06 ? 125 GLY A N   1 
ATOM   841  C  CA  . GLY A 1 117 ? -13.329 6.301   20.971  1.00 39.62 ? 125 GLY A CA  1 
ATOM   842  C  C   . GLY A 1 117 ? -13.300 5.621   19.612  1.00 40.49 ? 125 GLY A C   1 
ATOM   843  O  O   . GLY A 1 117 ? -13.915 4.567   19.441  1.00 41.46 ? 125 GLY A O   1 
ATOM   844  N  N   . ALA A 1 118 ? -12.606 6.208   18.641  1.00 36.01 ? 126 ALA A N   1 
ATOM   845  C  CA  . ALA A 1 118 ? -12.528 5.596   17.315  1.00 32.89 ? 126 ALA A CA  1 
ATOM   846  C  C   . ALA A 1 118 ? -11.744 4.301   17.399  1.00 33.58 ? 126 ALA A C   1 
ATOM   847  O  O   . ALA A 1 118 ? -11.055 4.052   18.386  1.00 33.01 ? 126 ALA A O   1 
ATOM   848  C  CB  . ALA A 1 118 ? -11.884 6.546   16.308  1.00 32.17 ? 126 ALA A CB  1 
ATOM   849  N  N   . ASP A 1 119 ? -11.846 3.469   16.369  1.00 32.34 ? 127 ASP A N   1 
ATOM   850  C  CA  . ASP A 1 119 ? -11.049 2.249   16.333  1.00 31.87 ? 127 ASP A CA  1 
ATOM   851  C  C   . ASP A 1 119 ? -10.193 2.210   15.071  1.00 25.26 ? 127 ASP A C   1 
ATOM   852  O  O   . ASP A 1 119 ? -10.376 3.010   14.156  1.00 26.04 ? 127 ASP A O   1 
ATOM   853  C  CB  . ASP A 1 119 ? -11.938 1.012   16.408  1.00 34.84 ? 127 ASP A CB  1 
ATOM   854  C  CG  . ASP A 1 119 ? -12.713 0.795   15.145  1.00 37.12 ? 127 ASP A CG  1 
ATOM   855  O  OD1 . ASP A 1 119 ? -13.672 1.561   14.913  1.00 38.44 ? 127 ASP A OD1 1 
ATOM   856  O  OD2 . ASP A 1 119 ? -12.350 -0.122  14.378  1.00 33.76 ? 127 ASP A OD2 1 
ATOM   857  N  N   . ILE A 1 120 ? -9.253  1.276   15.040  1.00 29.08 ? 128 ILE A N   1 
ATOM   858  C  CA  . ILE A 1 120 ? -8.273  1.215   13.957  1.00 23.49 ? 128 ILE A CA  1 
ATOM   859  C  C   . ILE A 1 120 ? -8.918  1.056   12.577  1.00 26.50 ? 128 ILE A C   1 
ATOM   860  O  O   . ILE A 1 120 ? -8.355  1.490   11.572  1.00 25.59 ? 128 ILE A O   1 
ATOM   861  C  CB  . ILE A 1 120 ? -7.217  0.123   14.247  1.00 24.75 ? 128 ILE A CB  1 
ATOM   862  C  CG1 . ILE A 1 120 ? -6.278  0.602   15.369  1.00 27.15 ? 128 ILE A CG1 1 
ATOM   863  C  CG2 . ILE A 1 120 ? -6.436  -0.233  12.999  1.00 28.40 ? 128 ILE A CG2 1 
ATOM   864  C  CD1 . ILE A 1 120 ? -5.615  -0.525  16.156  1.00 28.23 ? 128 ILE A CD1 1 
ATOM   865  N  N   . SER A 1 121 ? -10.113 0.476   12.509  1.00 29.96 ? 129 SER A N   1 
ATOM   866  C  CA  . SER A 1 121 ? -10.741 0.274   11.199  1.00 27.80 ? 129 SER A CA  1 
ATOM   867  C  C   . SER A 1 121 ? -11.065 1.599   10.510  1.00 28.77 ? 129 SER A C   1 
ATOM   868  O  O   . SER A 1 121 ? -11.296 1.644   9.306   1.00 29.24 ? 129 SER A O   1 
ATOM   869  C  CB  . SER A 1 121 ? -12.002 -0.580  11.313  1.00 29.82 ? 129 SER A CB  1 
ATOM   870  O  OG  . SER A 1 121 ? -13.100 0.195   11.753  1.00 30.88 ? 129 SER A OG  1 
ATOM   871  N  N   . MET A 1 122 ? -11.076 2.686   11.268  1.00 27.25 ? 130 MET A N   1 
ATOM   872  C  CA  . MET A 1 122 ? -11.418 3.983   10.693  1.00 27.78 ? 130 MET A CA  1 
ATOM   873  C  C   . MET A 1 122 ? -10.215 4.703   10.081  1.00 25.24 ? 130 MET A C   1 
ATOM   874  O  O   . MET A 1 122 ? -10.315 5.827   9.607   1.00 25.36 ? 130 MET A O   1 
ATOM   875  C  CB  . MET A 1 122 ? -12.106 4.842   11.758  1.00 29.56 ? 130 MET A CB  1 
ATOM   876  C  CG  . MET A 1 122 ? -13.446 4.247   12.179  1.00 34.00 ? 130 MET A CG  1 
ATOM   877  S  SD  . MET A 1 122 ? -14.015 4.910   13.745  1.00 38.20 ? 130 MET A SD  1 
ATOM   878  C  CE  . MET A 1 122 ? -14.015 6.648   13.345  1.00 39.33 ? 130 MET A CE  1 
ATOM   879  N  N   . ILE A 1 123 ? -9.077  4.024   10.070  1.00 27.27 ? 131 ILE A N   1 
ATOM   880  C  CA  . ILE A 1 123 ? -7.812  4.631   9.670   1.00 22.31 ? 131 ILE A CA  1 
ATOM   881  C  C   . ILE A 1 123 ? -7.838  5.312   8.290   1.00 23.23 ? 131 ILE A C   1 
ATOM   882  O  O   . ILE A 1 123 ? -7.190  6.347   8.073   1.00 22.62 ? 131 ILE A O   1 
ATOM   883  C  CB  . ILE A 1 123 ? -6.682  3.591   9.763   1.00 22.30 ? 131 ILE A CB  1 
ATOM   884  C  CG1 . ILE A 1 123 ? -5.324  4.233   9.472   1.00 23.47 ? 131 ILE A CG1 1 
ATOM   885  C  CG2 . ILE A 1 123 ? -6.969  2.413   8.827   1.00 23.65 ? 131 ILE A CG2 1 
ATOM   886  C  CD1 . ILE A 1 123 ? -4.135  3.312   9.788   1.00 24.06 ? 131 ILE A CD1 1 
ATOM   887  N  N   . GLY A 1 124 ? -8.577  4.733   7.349   1.00 23.96 ? 132 GLY A N   1 
ATOM   888  C  CA  . GLY A 1 124 ? -8.639  5.292   6.008   1.00 25.82 ? 132 GLY A CA  1 
ATOM   889  C  C   . GLY A 1 124 ? -9.320  6.647   5.940   1.00 26.38 ? 132 GLY A C   1 
ATOM   890  O  O   . GLY A 1 124 ? -9.065  7.437   5.023   1.00 26.20 ? 132 GLY A O   1 
ATOM   891  N  N   . GLN A 1 125 ? -10.177 6.928   6.920   1.00 28.67 ? 133 GLN A N   1 
ATOM   892  C  CA  . GLN A 1 125 ? -10.861 8.221   6.977   1.00 31.55 ? 133 GLN A CA  1 
ATOM   893  C  C   . GLN A 1 125 ? -9.873  9.346   7.240   1.00 30.58 ? 133 GLN A C   1 
ATOM   894  O  O   . GLN A 1 125 ? -10.196 10.525  7.070   1.00 32.88 ? 133 GLN A O   1 
ATOM   895  C  CB  . GLN A 1 125 ? -11.967 8.210   8.040   1.00 31.55 ? 133 GLN A CB  1 
ATOM   896  C  CG  . GLN A 1 125 ? -12.945 7.061   7.886   1.00 33.60 ? 133 GLN A CG  1 
ATOM   897  C  CD  . GLN A 1 125 ? -14.157 7.195   8.782   1.00 39.86 ? 133 GLN A CD  1 
ATOM   898  O  OE1 . GLN A 1 125 ? -14.746 8.274   8.890   1.00 43.93 ? 133 GLN A OE1 1 
ATOM   899  N  NE2 . GLN A 1 125 ? -14.536 6.100   9.435   1.00 42.20 ? 133 GLN A NE2 1 
ATOM   900  N  N   . PHE A 1 126 ? -8.652  8.978   7.627   1.00 24.14 ? 134 PHE A N   1 
ATOM   901  C  CA  . PHE A 1 126 ? -7.622  9.967   7.943   1.00 25.54 ? 134 PHE A CA  1 
ATOM   902  C  C   . PHE A 1 126 ? -6.505  9.974   6.917   1.00 27.62 ? 134 PHE A C   1 
ATOM   903  O  O   . PHE A 1 126 ? -5.528  10.713  7.048   1.00 27.73 ? 134 PHE A O   1 
ATOM   904  C  CB  . PHE A 1 126 ? -7.091  9.736   9.357   1.00 22.55 ? 134 PHE A CB  1 
ATOM   905  C  CG  . PHE A 1 126 ? -8.172  9.744   10.395  1.00 25.10 ? 134 PHE A CG  1 
ATOM   906  C  CD1 . PHE A 1 126 ? -8.516  10.921  11.051  1.00 29.25 ? 134 PHE A CD1 1 
ATOM   907  C  CD2 . PHE A 1 126 ? -8.874  8.589   10.686  1.00 24.46 ? 134 PHE A CD2 1 
ATOM   908  C  CE1 . PHE A 1 126 ? -9.533  10.931  11.997  1.00 27.06 ? 134 PHE A CE1 1 
ATOM   909  C  CE2 . PHE A 1 126 ? -9.888  8.586   11.627  1.00 26.48 ? 134 PHE A CE2 1 
ATOM   910  C  CZ  . PHE A 1 126 ? -10.220 9.763   12.284  1.00 29.26 ? 134 PHE A CZ  1 
ATOM   911  N  N   . GLY A 1 127 ? -6.659  9.154   5.882   1.00 27.38 ? 135 GLY A N   1 
ATOM   912  C  CA  . GLY A 1 127 ? -5.723  9.160   4.772   1.00 25.58 ? 135 GLY A CA  1 
ATOM   913  C  C   . GLY A 1 127 ? -4.407  8.447   5.047   1.00 25.02 ? 135 GLY A C   1 
ATOM   914  O  O   . GLY A 1 127 ? -3.450  8.605   4.297   1.00 24.86 ? 135 GLY A O   1 
ATOM   915  N  N   . VAL A 1 128 ? -4.351  7.655   6.113   1.00 24.71 ? 136 VAL A N   1 
ATOM   916  C  CA  . VAL A 1 128 ? -3.109  6.958   6.456   1.00 22.86 ? 136 VAL A CA  1 
ATOM   917  C  C   . VAL A 1 128 ? -3.283  5.438   6.479   1.00 20.73 ? 136 VAL A C   1 
ATOM   918  O  O   . VAL A 1 128 ? -2.577  4.728   7.205   1.00 20.18 ? 136 VAL A O   1 
ATOM   919  C  CB  . VAL A 1 128 ? -2.498  7.497   7.784   1.00 21.22 ? 136 VAL A CB  1 
ATOM   920  C  CG1 . VAL A 1 128 ? -2.145  8.960   7.613   1.00 25.69 ? 136 VAL A CG1 1 
ATOM   921  C  CG2 . VAL A 1 128 ? -3.468  7.345   8.951   1.00 20.23 ? 136 VAL A CG2 1 
ATOM   922  N  N   . GLY A 1 129 ? -4.222  4.957   5.662   1.00 19.27 ? 137 GLY A N   1 
ATOM   923  C  CA  . GLY A 1 129 ? -4.565  3.552   5.599   1.00 20.32 ? 137 GLY A CA  1 
ATOM   924  C  C   . GLY A 1 129 ? -3.427  2.654   5.173   1.00 16.63 ? 137 GLY A C   1 
ATOM   925  O  O   . GLY A 1 129 ? -3.411  1.490   5.536   1.00 17.63 ? 137 GLY A O   1 
ATOM   926  N  N   . PHE A 1 130 ? -2.470  3.185   4.426   1.00 17.34 ? 138 PHE A N   1 
ATOM   927  C  CA  . PHE A 1 130 ? -1.356  2.363   3.974   1.00 16.44 ? 138 PHE A CA  1 
ATOM   928  C  C   . PHE A 1 130 ? -0.709  1.647   5.152   1.00 17.70 ? 138 PHE A C   1 
ATOM   929  O  O   . PHE A 1 130 ? -0.320  0.485   5.055   1.00 16.62 ? 138 PHE A O   1 
ATOM   930  C  CB  . PHE A 1 130 ? -0.312  3.223   3.263   1.00 20.45 ? 138 PHE A CB  1 
ATOM   931  C  CG  . PHE A 1 130 ? 0.970   2.493   2.992   1.00 19.83 ? 138 PHE A CG  1 
ATOM   932  C  CD1 . PHE A 1 130 ? 1.110   1.703   1.865   1.00 18.87 ? 138 PHE A CD1 1 
ATOM   933  C  CD2 . PHE A 1 130 ? 2.024   2.582   3.879   1.00 19.35 ? 138 PHE A CD2 1 
ATOM   934  C  CE1 . PHE A 1 130 ? 2.298   1.031   1.617   1.00 20.12 ? 138 PHE A CE1 1 
ATOM   935  C  CE2 . PHE A 1 130 ? 3.218   1.894   3.648   1.00 21.79 ? 138 PHE A CE2 1 
ATOM   936  C  CZ  . PHE A 1 130 ? 3.348   1.123   2.515   1.00 20.37 ? 138 PHE A CZ  1 
ATOM   937  N  N   . TYR A 1 131 ? -0.598  2.343   6.277   1.00 17.96 ? 139 TYR A N   1 
ATOM   938  C  CA  . TYR A 1 131 ? 0.166   1.803   7.399   1.00 16.24 ? 139 TYR A CA  1 
ATOM   939  C  C   . TYR A 1 131 ? -0.544  0.648   8.085   1.00 16.13 ? 139 TYR A C   1 
ATOM   940  O  O   . TYR A 1 131 ? 0.065   -0.079  8.877   1.00 19.50 ? 139 TYR A O   1 
ATOM   941  C  CB  . TYR A 1 131 ? 0.586   2.920   8.378   1.00 17.72 ? 139 TYR A CB  1 
ATOM   942  C  CG  . TYR A 1 131 ? 1.423   3.952   7.668   1.00 17.72 ? 139 TYR A CG  1 
ATOM   943  C  CD1 . TYR A 1 131 ? 2.794   3.774   7.505   1.00 19.26 ? 139 TYR A CD1 1 
ATOM   944  C  CD2 . TYR A 1 131 ? 0.831   5.062   7.085   1.00 19.32 ? 139 TYR A CD2 1 
ATOM   945  C  CE1 . TYR A 1 131 ? 3.560   4.710   6.805   1.00 20.22 ? 139 TYR A CE1 1 
ATOM   946  C  CE2 . TYR A 1 131 ? 1.582   5.990   6.389   1.00 19.64 ? 139 TYR A CE2 1 
ATOM   947  C  CZ  . TYR A 1 131 ? 2.933   5.812   6.253   1.00 23.67 ? 139 TYR A CZ  1 
ATOM   948  O  OH  . TYR A 1 131 ? 3.652   6.759   5.563   1.00 25.17 ? 139 TYR A OH  1 
ATOM   949  N  N   . SER A 1 132 ? -1.814  0.439   7.743   1.00 16.68 ? 140 SER A N   1 
ATOM   950  C  CA  . SER A 1 132 ? -2.535  -0.726  8.248   1.00 17.46 ? 140 SER A CA  1 
ATOM   951  C  C   . SER A 1 132 ? -1.930  -2.018  7.717   1.00 15.84 ? 140 SER A C   1 
ATOM   952  O  O   . SER A 1 132 ? -2.228  -3.093  8.225   1.00 17.32 ? 140 SER A O   1 
ATOM   953  C  CB  . SER A 1 132 ? -4.037  -0.667  7.916   1.00 18.96 ? 140 SER A CB  1 
ATOM   954  O  OG  . SER A 1 132 ? -4.264  -0.835  6.529   1.00 19.43 ? 140 SER A OG  1 
ATOM   955  N  N   . ALA A 1 133 ? -1.064  -1.904  6.706   1.00 16.36 ? 141 ALA A N   1 
ATOM   956  C  CA  . ALA A 1 133 ? -0.339  -3.065  6.199   1.00 16.76 ? 141 ALA A CA  1 
ATOM   957  C  C   . ALA A 1 133 ? 0.371   -3.786  7.329   1.00 18.07 ? 141 ALA A C   1 
ATOM   958  O  O   . ALA A 1 133 ? 0.512   -5.007  7.311   1.00 17.58 ? 141 ALA A O   1 
ATOM   959  C  CB  . ALA A 1 133 ? 0.671   -2.642  5.114   1.00 16.89 ? 141 ALA A CB  1 
ATOM   960  N  N   . TYR A 1 134 ? 0.825   -3.020  8.317   1.00 16.18 ? 142 TYR A N   1 
ATOM   961  C  CA  . TYR A 1 134 ? 1.605   -3.580  9.425   1.00 18.99 ? 142 TYR A CA  1 
ATOM   962  C  C   . TYR A 1 134 ? 0.751   -4.346  10.451  1.00 19.40 ? 142 TYR A C   1 
ATOM   963  O  O   . TYR A 1 134 ? 1.273   -4.904  11.419  1.00 20.38 ? 142 TYR A O   1 
ATOM   964  C  CB  . TYR A 1 134 ? 2.498   -2.491  10.069  1.00 16.32 ? 142 TYR A CB  1 
ATOM   965  C  CG  . TYR A 1 134 ? 3.611   -2.119  9.110   1.00 15.54 ? 142 TYR A CG  1 
ATOM   966  C  CD1 . TYR A 1 134 ? 4.804   -2.843  9.086   1.00 17.98 ? 142 TYR A CD1 1 
ATOM   967  C  CD2 . TYR A 1 134 ? 3.434   -1.124  8.171   1.00 16.47 ? 142 TYR A CD2 1 
ATOM   968  C  CE1 . TYR A 1 134 ? 5.802   -2.543  8.175   1.00 17.26 ? 142 TYR A CE1 1 
ATOM   969  C  CE2 . TYR A 1 134 ? 4.423   -0.824  7.253   1.00 16.59 ? 142 TYR A CE2 1 
ATOM   970  C  CZ  . TYR A 1 134 ? 5.592   -1.538  7.251   1.00 16.39 ? 142 TYR A CZ  1 
ATOM   971  O  OH  . TYR A 1 134 ? 6.570   -1.223  6.334   1.00 17.37 ? 142 TYR A OH  1 
ATOM   972  N  N   . LEU A 1 135 ? -0.556  -4.405  10.211  1.00 16.69 ? 143 LEU A N   1 
ATOM   973  C  CA  . LEU A 1 135 ? -1.423  -5.309  10.981  1.00 18.94 ? 143 LEU A CA  1 
ATOM   974  C  C   . LEU A 1 135 ? -1.091  -6.756  10.657  1.00 20.50 ? 143 LEU A C   1 
ATOM   975  O  O   . LEU A 1 135 ? -1.226  -7.649  11.500  1.00 21.38 ? 143 LEU A O   1 
ATOM   976  C  CB  . LEU A 1 135 ? -2.900  -5.068  10.649  1.00 19.73 ? 143 LEU A CB  1 
ATOM   977  C  CG  . LEU A 1 135 ? -3.493  -3.740  11.115  1.00 18.76 ? 143 LEU A CG  1 
ATOM   978  C  CD1 . LEU A 1 135 ? -4.872  -3.544  10.499  1.00 19.60 ? 143 LEU A CD1 1 
ATOM   979  C  CD2 . LEU A 1 135 ? -3.559  -3.684  12.650  1.00 20.05 ? 143 LEU A CD2 1 
ATOM   980  N  N   . VAL A 1 136 ? -0.659  -6.992  9.423   1.00 18.99 ? 144 VAL A N   1 
ATOM   981  C  CA  . VAL A 1 136 ? -0.424  -8.356  8.971   1.00 19.35 ? 144 VAL A CA  1 
ATOM   982  C  C   . VAL A 1 136 ? 0.986   -8.640  8.462   1.00 20.29 ? 144 VAL A C   1 
ATOM   983  O  O   . VAL A 1 136 ? 1.359   -9.804  8.331   1.00 20.60 ? 144 VAL A O   1 
ATOM   984  C  CB  . VAL A 1 136 ? -1.430  -8.788  7.868   1.00 17.33 ? 144 VAL A CB  1 
ATOM   985  C  CG1 . VAL A 1 136 ? -2.861  -8.728  8.385   1.00 19.35 ? 144 VAL A CG1 1 
ATOM   986  C  CG2 . VAL A 1 136 ? -1.259  -7.950  6.594   1.00 17.51 ? 144 VAL A CG2 1 
ATOM   987  N  N   . ALA A 1 137 ? 1.757   -7.594  8.152   1.00 19.30 ? 145 ALA A N   1 
ATOM   988  C  CA  . ALA A 1 137 ? 3.068   -7.775  7.529   1.00 19.27 ? 145 ALA A CA  1 
ATOM   989  C  C   . ALA A 1 137 ? 4.189   -7.477  8.507   1.00 20.42 ? 145 ALA A C   1 
ATOM   990  O  O   . ALA A 1 137 ? 4.139   -6.461  9.191   1.00 20.24 ? 145 ALA A O   1 
ATOM   991  C  CB  . ALA A 1 137 ? 3.206   -6.869  6.321   1.00 17.97 ? 145 ALA A CB  1 
ATOM   992  N  N   . GLU A 1 138 ? 5.196   -8.349  8.550   1.00 18.90 ? 146 GLU A N   1 
ATOM   993  C  CA  . GLU A 1 138 ? 6.423   -8.074  9.305   1.00 22.68 ? 146 GLU A CA  1 
ATOM   994  C  C   . GLU A 1 138 ? 7.337   -7.129  8.522   1.00 22.98 ? 146 GLU A C   1 
ATOM   995  O  O   . GLU A 1 138 ? 8.127   -6.392  9.108   1.00 20.89 ? 146 GLU A O   1 
ATOM   996  C  CB  . GLU A 1 138 ? 7.170   -9.375  9.638   1.00 23.02 ? 146 GLU A CB  1 
ATOM   997  C  CG  . GLU A 1 138 ? 7.783   -10.064 8.432   1.00 27.11 ? 146 GLU A CG  1 
ATOM   998  C  CD  . GLU A 1 138 ? 8.322   -11.456 8.753   1.00 35.42 ? 146 GLU A CD  1 
ATOM   999  O  OE1 . GLU A 1 138 ? 8.225   -11.889 9.925   1.00 40.49 ? 146 GLU A OE1 1 
ATOM   1000 O  OE2 . GLU A 1 138 ? 8.839   -12.118 7.828   1.00 39.12 ? 146 GLU A OE2 1 
ATOM   1001 N  N   . LYS A 1 139 ? 7.214   -7.160  7.198   1.00 21.41 ? 147 LYS A N   1 
ATOM   1002 C  CA  . LYS A 1 139 ? 7.987   -6.289  6.319   1.00 19.20 ? 147 LYS A CA  1 
ATOM   1003 C  C   . LYS A 1 139 ? 7.155   -5.948  5.100   1.00 19.43 ? 147 LYS A C   1 
ATOM   1004 O  O   . LYS A 1 139 ? 6.426   -6.797  4.582   1.00 19.49 ? 147 LYS A O   1 
ATOM   1005 C  CB  . LYS A 1 139 ? 9.275   -6.969  5.867   1.00 18.64 ? 147 LYS A CB  1 
ATOM   1006 C  CG  . LYS A 1 139 ? 10.142  -6.075  4.991   1.00 21.44 ? 147 LYS A CG  1 
ATOM   1007 C  CD  . LYS A 1 139 ? 11.520  -6.675  4.741   1.00 22.62 ? 147 LYS A CD  1 
ATOM   1008 C  CE  . LYS A 1 139 ? 11.439  -8.011  4.017   1.00 24.40 ? 147 LYS A CE  1 
ATOM   1009 N  NZ  . LYS A 1 139 ? 12.814  -8.594  3.869   1.00 31.43 ? 147 LYS A NZ  1 
ATOM   1010 N  N   . VAL A 1 140 ? 7.236   -4.696  4.662   1.00 16.35 ? 148 VAL A N   1 
ATOM   1011 C  CA  . VAL A 1 140 ? 6.537   -4.291  3.454   1.00 17.04 ? 148 VAL A CA  1 
ATOM   1012 C  C   . VAL A 1 140 ? 7.571   -3.802  2.450   1.00 17.82 ? 148 VAL A C   1 
ATOM   1013 O  O   . VAL A 1 140 ? 8.407   -2.974  2.781   1.00 17.63 ? 148 VAL A O   1 
ATOM   1014 C  CB  . VAL A 1 140 ? 5.497   -3.190  3.732   1.00 16.36 ? 148 VAL A CB  1 
ATOM   1015 C  CG1 . VAL A 1 140 ? 4.777   -2.808  2.426   1.00 16.50 ? 148 VAL A CG1 1 
ATOM   1016 C  CG2 . VAL A 1 140 ? 4.460   -3.704  4.736   1.00 18.18 ? 148 VAL A CG2 1 
ATOM   1017 N  N   . THR A 1 141 ? 7.521   -4.338  1.235   1.00 17.12 ? 149 THR A N   1 
ATOM   1018 C  CA  . THR A 1 141 ? 8.393   -3.903  0.152   1.00 17.23 ? 149 THR A CA  1 
ATOM   1019 C  C   . THR A 1 141 ? 7.524   -3.314  -0.944  1.00 19.97 ? 149 THR A C   1 
ATOM   1020 O  O   . THR A 1 141 ? 6.574   -3.959  -1.400  1.00 20.22 ? 149 THR A O   1 
ATOM   1021 C  CB  . THR A 1 141 ? 9.171   -5.104  -0.416  1.00 19.19 ? 149 THR A CB  1 
ATOM   1022 O  OG1 . THR A 1 141 ? 9.852   -5.758  0.658   1.00 20.65 ? 149 THR A OG1 1 
ATOM   1023 C  CG2 . THR A 1 141 ? 10.183  -4.657  -1.455  1.00 19.59 ? 149 THR A CG2 1 
ATOM   1024 N  N   . VAL A 1 142 ? 7.836   -2.098  -1.368  1.00 16.70 ? 150 VAL A N   1 
ATOM   1025 C  CA  . VAL A 1 142 ? 7.016   -1.444  -2.380  1.00 17.24 ? 150 VAL A CA  1 
ATOM   1026 C  C   . VAL A 1 142 ? 7.867   -1.123  -3.599  1.00 17.91 ? 150 VAL A C   1 
ATOM   1027 O  O   . VAL A 1 142 ? 8.834   -0.375  -3.512  1.00 19.17 ? 150 VAL A O   1 
ATOM   1028 C  CB  . VAL A 1 142 ? 6.359   -0.153  -1.864  1.00 20.04 ? 150 VAL A CB  1 
ATOM   1029 C  CG1 . VAL A 1 142 ? 5.540   0.488   -2.994  1.00 18.27 ? 150 VAL A CG1 1 
ATOM   1030 C  CG2 . VAL A 1 142 ? 5.470   -0.442  -0.645  1.00 18.73 ? 150 VAL A CG2 1 
ATOM   1031 N  N   . ILE A 1 143 ? 7.515   -1.718  -4.735  1.00 18.67 ? 151 ILE A N   1 
ATOM   1032 C  CA  . ILE A 1 143 ? 8.203   -1.435  -5.994  1.00 19.72 ? 151 ILE A CA  1 
ATOM   1033 C  C   . ILE A 1 143 ? 7.332   -0.446  -6.757  1.00 18.33 ? 151 ILE A C   1 
ATOM   1034 O  O   . ILE A 1 143 ? 6.119   -0.606  -6.812  1.00 19.42 ? 151 ILE A O   1 
ATOM   1035 C  CB  . ILE A 1 143 ? 8.377   -2.707  -6.855  1.00 20.43 ? 151 ILE A CB  1 
ATOM   1036 C  CG1 . ILE A 1 143 ? 8.903   -3.864  -6.011  1.00 21.81 ? 151 ILE A CG1 1 
ATOM   1037 C  CG2 . ILE A 1 143 ? 9.294   -2.431  -8.030  1.00 24.03 ? 151 ILE A CG2 1 
ATOM   1038 C  CD1 . ILE A 1 143 ? 10.205  -3.533  -5.315  1.00 24.93 ? 151 ILE A CD1 1 
ATOM   1039 N  N   . THR A 1 144 ? 7.924   0.593   -7.322  1.00 18.16 ? 152 THR A N   1 
ATOM   1040 C  CA  . THR A 1 144 ? 7.095   1.611   -7.946  1.00 19.63 ? 152 THR A CA  1 
ATOM   1041 C  C   . THR A 1 144 ? 7.781   2.234   -9.153  1.00 19.80 ? 152 THR A C   1 
ATOM   1042 O  O   . THR A 1 144 ? 8.996   2.350   -9.192  1.00 20.11 ? 152 THR A O   1 
ATOM   1043 C  CB  . THR A 1 144 ? 6.678   2.691   -6.921  1.00 19.87 ? 152 THR A CB  1 
ATOM   1044 O  OG1 . THR A 1 144 ? 5.595   3.484   -7.429  1.00 18.62 ? 152 THR A OG1 1 
ATOM   1045 C  CG2 . THR A 1 144 ? 7.853   3.584   -6.564  1.00 21.90 ? 152 THR A CG2 1 
ATOM   1046 N  N   . LYS A 1 145 ? 6.981   2.594   -10.146 1.00 21.10 ? 153 LYS A N   1 
ATOM   1047 C  CA  . LYS A 1 145 ? 7.492   3.222   -11.362 1.00 21.33 ? 153 LYS A CA  1 
ATOM   1048 C  C   . LYS A 1 145 ? 6.550   4.339   -11.811 1.00 22.12 ? 153 LYS A C   1 
ATOM   1049 O  O   . LYS A 1 145 ? 5.386   4.086   -12.127 1.00 21.16 ? 153 LYS A O   1 
ATOM   1050 C  CB  . LYS A 1 145 ? 7.631   2.180   -12.468 1.00 21.04 ? 153 LYS A CB  1 
ATOM   1051 C  CG  . LYS A 1 145 ? 8.095   2.755   -13.817 1.00 23.76 ? 153 LYS A CG  1 
ATOM   1052 C  CD  . LYS A 1 145 ? 9.484   3.350   -13.708 1.00 23.69 ? 153 LYS A CD  1 
ATOM   1053 C  CE  . LYS A 1 145 ? 10.036  3.761   -15.078 1.00 25.82 ? 153 LYS A CE  1 
ATOM   1054 N  NZ  . LYS A 1 145 ? 9.290   4.875   -15.692 1.00 25.29 ? 153 LYS A NZ  1 
ATOM   1055 N  N   . HIS A 1 146 ? 7.061   5.569   -11.821 1.00 21.86 ? 154 HIS A N   1 
ATOM   1056 C  CA  . HIS A 1 146 ? 6.317   6.742   -12.258 1.00 23.87 ? 154 HIS A CA  1 
ATOM   1057 C  C   . HIS A 1 146 ? 6.894   7.168   -13.611 1.00 26.69 ? 154 HIS A C   1 
ATOM   1058 O  O   . HIS A 1 146 ? 8.088   7.015   -13.845 1.00 25.03 ? 154 HIS A O   1 
ATOM   1059 C  CB  . HIS A 1 146 ? 6.506   7.864   -11.229 1.00 24.33 ? 154 HIS A CB  1 
ATOM   1060 C  CG  . HIS A 1 146 ? 5.665   9.082   -11.469 1.00 25.35 ? 154 HIS A CG  1 
ATOM   1061 N  ND1 . HIS A 1 146 ? 5.921   9.980   -12.484 1.00 30.48 ? 154 HIS A ND1 1 
ATOM   1062 C  CD2 . HIS A 1 146 ? 4.594   9.569   -10.799 1.00 25.40 ? 154 HIS A CD2 1 
ATOM   1063 C  CE1 . HIS A 1 146 ? 5.032   10.957  -12.440 1.00 28.16 ? 154 HIS A CE1 1 
ATOM   1064 N  NE2 . HIS A 1 146 ? 4.219   10.734  -11.423 1.00 27.40 ? 154 HIS A NE2 1 
ATOM   1065 N  N   . ASN A 1 147 ? 6.056   7.686   -14.500 1.00 24.33 ? 155 ASN A N   1 
ATOM   1066 C  CA  . ASN A 1 147 ? 6.557   8.196   -15.775 1.00 28.64 ? 155 ASN A CA  1 
ATOM   1067 C  C   . ASN A 1 147 ? 7.674   9.212   -15.528 1.00 30.09 ? 155 ASN A C   1 
ATOM   1068 O  O   . ASN A 1 147 ? 7.623   9.989   -14.570 1.00 28.54 ? 155 ASN A O   1 
ATOM   1069 C  CB  . ASN A 1 147 ? 5.435   8.853   -16.588 1.00 30.40 ? 155 ASN A CB  1 
ATOM   1070 C  CG  . ASN A 1 147 ? 4.418   7.852   -17.132 1.00 27.42 ? 155 ASN A CG  1 
ATOM   1071 O  OD1 . ASN A 1 147 ? 4.740   6.699   -17.439 1.00 28.93 ? 155 ASN A OD1 1 
ATOM   1072 N  ND2 . ASN A 1 147 ? 3.177   8.305   -17.268 1.00 25.94 ? 155 ASN A ND2 1 
ATOM   1073 N  N   . ASP A 1 148 ? 8.689   9.207   -16.385 1.00 32.84 ? 156 ASP A N   1 
ATOM   1074 C  CA  . ASP A 1 148 ? 9.765   10.193  -16.285 1.00 37.75 ? 156 ASP A CA  1 
ATOM   1075 C  C   . ASP A 1 148 ? 10.606  10.058  -15.020 1.00 37.69 ? 156 ASP A C   1 
ATOM   1076 O  O   . ASP A 1 148 ? 11.316  10.993  -14.645 1.00 40.63 ? 156 ASP A O   1 
ATOM   1077 C  CB  . ASP A 1 148 ? 9.188   11.608  -16.344 1.00 42.94 ? 156 ASP A CB  1 
ATOM   1078 C  CG  . ASP A 1 148 ? 8.302   11.821  -17.547 1.00 44.37 ? 156 ASP A CG  1 
ATOM   1079 O  OD1 . ASP A 1 148 ? 8.726   11.450  -18.664 1.00 45.72 ? 156 ASP A OD1 1 
ATOM   1080 O  OD2 . ASP A 1 148 ? 7.176   12.339  -17.369 1.00 51.27 ? 156 ASP A OD2 1 
ATOM   1081 N  N   . ASP A 1 149 ? 10.517  8.915   -14.346 1.00 33.58 ? 157 ASP A N   1 
ATOM   1082 C  CA  . ASP A 1 149 ? 11.391  8.646   -13.211 1.00 30.42 ? 157 ASP A CA  1 
ATOM   1083 C  C   . ASP A 1 149 ? 11.802  7.184   -13.269 1.00 28.04 ? 157 ASP A C   1 
ATOM   1084 O  O   . ASP A 1 149 ? 11.249  6.417   -14.056 1.00 29.39 ? 157 ASP A O   1 
ATOM   1085 C  CB  . ASP A 1 149 ? 10.695  8.979   -11.883 1.00 31.79 ? 157 ASP A CB  1 
ATOM   1086 C  CG  . ASP A 1 149 ? 11.673  9.346   -10.770 1.00 34.13 ? 157 ASP A CG  1 
ATOM   1087 O  OD1 . ASP A 1 149 ? 12.882  9.031   -10.882 1.00 33.65 ? 157 ASP A OD1 1 
ATOM   1088 O  OD2 . ASP A 1 149 ? 11.237  9.955   -9.761  1.00 35.26 ? 157 ASP A OD2 1 
ATOM   1089 N  N   . GLU A 1 150 ? 12.768  6.794   -12.448 1.00 27.32 ? 158 GLU A N   1 
ATOM   1090 C  CA  . GLU A 1 150 ? 13.274  5.426   -12.465 1.00 27.63 ? 158 GLU A CA  1 
ATOM   1091 C  C   . GLU A 1 150 ? 12.420  4.537   -11.577 1.00 26.81 ? 158 GLU A C   1 
ATOM   1092 O  O   . GLU A 1 150 ? 11.610  5.033   -10.803 1.00 25.50 ? 158 GLU A O   1 
ATOM   1093 C  CB  . GLU A 1 150 ? 14.717  5.392   -11.966 1.00 32.37 ? 158 GLU A CB  1 
ATOM   1094 C  CG  . GLU A 1 150 ? 15.658  6.291   -12.756 1.00 37.73 ? 158 GLU A CG  1 
ATOM   1095 C  CD  . GLU A 1 150 ? 17.099  6.129   -12.331 1.00 46.66 ? 158 GLU A CD  1 
ATOM   1096 O  OE1 . GLU A 1 150 ? 17.664  7.095   -11.775 1.00 52.09 ? 158 GLU A OE1 1 
ATOM   1097 O  OE2 . GLU A 1 150 ? 17.664  5.036   -12.552 1.00 49.90 ? 158 GLU A OE2 1 
ATOM   1098 N  N   . GLN A 1 151 ? 12.606  3.225   -11.696 1.00 23.02 ? 159 GLN A N   1 
ATOM   1099 C  CA  . GLN A 1 151 ? 11.903  2.270   -10.842 1.00 20.58 ? 159 GLN A CA  1 
ATOM   1100 C  C   . GLN A 1 151 ? 12.599  2.178   -9.485  1.00 24.43 ? 159 GLN A C   1 
ATOM   1101 O  O   . GLN A 1 151 ? 13.828  1.998   -9.417  1.00 24.12 ? 159 GLN A O   1 
ATOM   1102 C  CB  . GLN A 1 151 ? 11.870  0.898   -11.523 1.00 21.07 ? 159 GLN A CB  1 
ATOM   1103 C  CG  . GLN A 1 151 ? 11.035  -0.140  -10.801 1.00 20.21 ? 159 GLN A CG  1 
ATOM   1104 C  CD  . GLN A 1 151 ? 10.670  -1.282  -11.719 1.00 26.24 ? 159 GLN A CD  1 
ATOM   1105 O  OE1 . GLN A 1 151 ? 10.103  -1.066  -12.789 1.00 28.42 ? 159 GLN A OE1 1 
ATOM   1106 N  NE2 . GLN A 1 151 ? 11.002  -2.501  -11.313 1.00 27.54 ? 159 GLN A NE2 1 
ATOM   1107 N  N   . TYR A 1 152 ? 11.825  2.322   -8.407  1.00 23.42 ? 160 TYR A N   1 
ATOM   1108 C  CA  . TYR A 1 152 ? 12.377  2.314   -7.052  1.00 20.53 ? 160 TYR A CA  1 
ATOM   1109 C  C   . TYR A 1 152 ? 11.819  1.177   -6.218  1.00 23.99 ? 160 TYR A C   1 
ATOM   1110 O  O   . TYR A 1 152 ? 10.715  0.703   -6.465  1.00 20.88 ? 160 TYR A O   1 
ATOM   1111 C  CB  . TYR A 1 152 ? 12.066  3.627   -6.317  1.00 20.46 ? 160 TYR A CB  1 
ATOM   1112 C  CG  . TYR A 1 152 ? 12.673  4.838   -6.964  1.00 22.45 ? 160 TYR A CG  1 
ATOM   1113 C  CD1 . TYR A 1 152 ? 14.038  5.080   -6.874  1.00 25.27 ? 160 TYR A CD1 1 
ATOM   1114 C  CD2 . TYR A 1 152 ? 11.890  5.738   -7.672  1.00 25.18 ? 160 TYR A CD2 1 
ATOM   1115 C  CE1 . TYR A 1 152 ? 14.605  6.185   -7.481  1.00 26.22 ? 160 TYR A CE1 1 
ATOM   1116 C  CE2 . TYR A 1 152 ? 12.453  6.848   -8.285  1.00 26.58 ? 160 TYR A CE2 1 
ATOM   1117 C  CZ  . TYR A 1 152 ? 13.809  7.064   -8.177  1.00 28.31 ? 160 TYR A CZ  1 
ATOM   1118 O  OH  . TYR A 1 152 ? 14.380  8.164   -8.780  1.00 30.50 ? 160 TYR A OH  1 
ATOM   1119 N  N   . ALA A 1 153 ? 12.593  0.759   -5.219  1.00 20.19 ? 161 ALA A N   1 
ATOM   1120 C  CA  . ALA A 1 153 ? 12.117  -0.159  -4.199  1.00 19.84 ? 161 ALA A CA  1 
ATOM   1121 C  C   . ALA A 1 153 ? 12.215  0.542   -2.850  1.00 21.21 ? 161 ALA A C   1 
ATOM   1122 O  O   . ALA A 1 153 ? 13.289  0.994   -2.470  1.00 21.14 ? 161 ALA A O   1 
ATOM   1123 C  CB  . ALA A 1 153 ? 12.962  -1.422  -4.186  1.00 22.34 ? 161 ALA A CB  1 
ATOM   1124 N  N   . TRP A 1 154 ? 11.086  0.637   -2.155  1.00 19.29 ? 162 TRP A N   1 
ATOM   1125 C  CA  . TRP A 1 154 ? 10.997  1.193   -0.802  1.00 18.73 ? 162 TRP A CA  1 
ATOM   1126 C  C   . TRP A 1 154 ? 10.782  -0.003  0.084   1.00 18.85 ? 162 TRP A C   1 
ATOM   1127 O  O   . TRP A 1 154 ? 10.138  -0.982  -0.325  1.00 18.73 ? 162 TRP A O   1 
ATOM   1128 C  CB  . TRP A 1 154 ? 9.761   2.105   -0.748  1.00 16.86 ? 162 TRP A CB  1 
ATOM   1129 C  CG  . TRP A 1 154 ? 9.342   2.701   0.578   1.00 17.84 ? 162 TRP A CG  1 
ATOM   1130 C  CD1 . TRP A 1 154 ? 9.531   3.992   0.986   1.00 19.10 ? 162 TRP A CD1 1 
ATOM   1131 C  CD2 . TRP A 1 154 ? 8.594   2.056   1.622   1.00 16.97 ? 162 TRP A CD2 1 
ATOM   1132 N  NE1 . TRP A 1 154 ? 8.960   4.185   2.220   1.00 17.56 ? 162 TRP A NE1 1 
ATOM   1133 C  CE2 . TRP A 1 154 ? 8.381   3.016   2.633   1.00 17.19 ? 162 TRP A CE2 1 
ATOM   1134 C  CE3 . TRP A 1 154 ? 8.078   0.762   1.795   1.00 17.72 ? 162 TRP A CE3 1 
ATOM   1135 C  CZ2 . TRP A 1 154 ? 7.685   2.726   3.801   1.00 17.38 ? 162 TRP A CZ2 1 
ATOM   1136 C  CZ3 . TRP A 1 154 ? 7.384   0.470   2.976   1.00 17.90 ? 162 TRP A CZ3 1 
ATOM   1137 C  CH2 . TRP A 1 154 ? 7.196   1.452   3.960   1.00 17.39 ? 162 TRP A CH2 1 
ATOM   1138 N  N   . GLU A 1 155 ? 11.294  0.032   1.306   1.00 16.56 ? 163 GLU A N   1 
ATOM   1139 C  CA  . GLU A 1 155 ? 11.094  -1.124  2.165   1.00 17.98 ? 163 GLU A CA  1 
ATOM   1140 C  C   . GLU A 1 155 ? 11.156  -0.746  3.618   1.00 17.89 ? 163 GLU A C   1 
ATOM   1141 O  O   . GLU A 1 155 ? 11.932  0.115   4.003   1.00 19.29 ? 163 GLU A O   1 
ATOM   1142 C  CB  . GLU A 1 155 ? 12.145  -2.192  1.865   1.00 19.92 ? 163 GLU A CB  1 
ATOM   1143 C  CG  . GLU A 1 155 ? 11.906  -3.518  2.546   1.00 20.22 ? 163 GLU A CG  1 
ATOM   1144 C  CD  . GLU A 1 155 ? 12.820  -4.603  1.997   1.00 27.56 ? 163 GLU A CD  1 
ATOM   1145 O  OE1 . GLU A 1 155 ? 14.051  -4.447  2.116   1.00 27.00 ? 163 GLU A OE1 1 
ATOM   1146 O  OE2 . GLU A 1 155 ? 12.314  -5.590  1.421   1.00 26.69 ? 163 GLU A OE2 1 
ATOM   1147 N  N   . SER A 1 156 ? 10.342  -1.389  4.439   1.00 18.38 ? 164 SER A N   1 
ATOM   1148 C  CA  . SER A 1 156 ? 10.438  -1.120  5.857   1.00 18.13 ? 164 SER A CA  1 
ATOM   1149 C  C   . SER A 1 156 ? 9.902   -2.262  6.690   1.00 21.16 ? 164 SER A C   1 
ATOM   1150 O  O   . SER A 1 156 ? 8.868   -2.839  6.384   1.00 18.63 ? 164 SER A O   1 
ATOM   1151 C  CB  . SER A 1 156 ? 9.691   0.162   6.227   1.00 17.94 ? 164 SER A CB  1 
ATOM   1152 O  OG  . SER A 1 156 ? 9.823   0.397   7.626   1.00 17.23 ? 164 SER A OG  1 
ATOM   1153 N  N   . SER A 1 157 ? 10.632  -2.575  7.751   1.00 17.24 ? 165 SER A N   1 
ATOM   1154 C  CA  . SER A 1 157 ? 10.154  -3.487  8.774   1.00 19.04 ? 165 SER A CA  1 
ATOM   1155 C  C   . SER A 1 157 ? 9.762   -2.726  10.026  1.00 21.35 ? 165 SER A C   1 
ATOM   1156 O  O   . SER A 1 157 ? 9.829   -3.265  11.138  1.00 22.32 ? 165 SER A O   1 
ATOM   1157 C  CB  . SER A 1 157 ? 11.242  -4.509  9.111   1.00 22.70 ? 165 SER A CB  1 
ATOM   1158 O  OG  . SER A 1 157 ? 11.468  -5.371  8.017   1.00 20.93 ? 165 SER A OG  1 
ATOM   1159 N  N   . ALA A 1 158 ? 9.334   -1.482  9.838   1.00 19.45 ? 166 ALA A N   1 
ATOM   1160 C  CA  . ALA A 1 158 ? 9.017   -0.591  10.938  1.00 18.95 ? 166 ALA A CA  1 
ATOM   1161 C  C   . ALA A 1 158 ? 10.272  -0.311  11.758  1.00 21.78 ? 166 ALA A C   1 
ATOM   1162 O  O   . ALA A 1 158 ? 11.367  -0.229  11.209  1.00 23.48 ? 166 ALA A O   1 
ATOM   1163 C  CB  . ALA A 1 158 ? 7.897   -1.175  11.808  1.00 19.82 ? 166 ALA A CB  1 
ATOM   1164 N  N   . GLY A 1 159 ? 10.110  -0.131  13.057  1.00 22.82 ? 167 GLY A N   1 
ATOM   1165 C  CA  . GLY A 1 159 ? 11.239  0.194   13.908  1.00 24.66 ? 167 GLY A CA  1 
ATOM   1166 C  C   . GLY A 1 159 ? 11.840  1.566   13.658  1.00 23.74 ? 167 GLY A C   1 
ATOM   1167 O  O   . GLY A 1 159 ? 12.959  1.840   14.104  1.00 24.75 ? 167 GLY A O   1 
ATOM   1168 N  N   . GLY A 1 160 ? 11.102  2.427   12.959  1.00 17.86 ? 168 GLY A N   1 
ATOM   1169 C  CA  . GLY A 1 160 ? 11.458  3.821   12.782  1.00 19.94 ? 168 GLY A CA  1 
ATOM   1170 C  C   . GLY A 1 160 ? 12.210  4.204   11.518  1.00 20.15 ? 168 GLY A C   1 
ATOM   1171 O  O   . GLY A 1 160 ? 12.510  5.377   11.317  1.00 20.39 ? 168 GLY A O   1 
ATOM   1172 N  N   . SER A 1 161 ? 12.497  3.237   10.647  1.00 17.71 ? 169 SER A N   1 
ATOM   1173 C  CA  . SER A 1 161 ? 13.280  3.548   9.459   1.00 17.15 ? 169 SER A CA  1 
ATOM   1174 C  C   . SER A 1 161 ? 12.711  2.834   8.244   1.00 17.30 ? 169 SER A C   1 
ATOM   1175 O  O   . SER A 1 161 ? 11.994  1.846   8.382   1.00 17.88 ? 169 SER A O   1 
ATOM   1176 C  CB  . SER A 1 161 ? 14.747  3.149   9.646   1.00 19.83 ? 169 SER A CB  1 
ATOM   1177 O  OG  . SER A 1 161 ? 14.898  1.743   9.727   1.00 20.36 ? 169 SER A OG  1 
ATOM   1178 N  N   . PHE A 1 162 ? 13.032  3.366   7.072   1.00 16.90 ? 170 PHE A N   1 
ATOM   1179 C  CA  . PHE A 1 162 ? 12.710  2.717   5.809   1.00 17.68 ? 170 PHE A CA  1 
ATOM   1180 C  C   . PHE A 1 162 ? 13.885  2.897   4.854   1.00 17.87 ? 170 PHE A C   1 
ATOM   1181 O  O   . PHE A 1 162 ? 14.746  3.754   5.071   1.00 19.73 ? 170 PHE A O   1 
ATOM   1182 C  CB  . PHE A 1 162 ? 11.408  3.275   5.215   1.00 15.85 ? 170 PHE A CB  1 
ATOM   1183 C  CG  . PHE A 1 162 ? 11.454  4.748   4.841   1.00 17.94 ? 170 PHE A CG  1 
ATOM   1184 C  CD1 . PHE A 1 162 ? 11.801  5.148   3.557   1.00 17.98 ? 170 PHE A CD1 1 
ATOM   1185 C  CD2 . PHE A 1 162 ? 11.093  5.721   5.763   1.00 19.13 ? 170 PHE A CD2 1 
ATOM   1186 C  CE1 . PHE A 1 162 ? 11.805  6.499   3.199   1.00 19.28 ? 170 PHE A CE1 1 
ATOM   1187 C  CE2 . PHE A 1 162 ? 11.094  7.070   5.422   1.00 19.25 ? 170 PHE A CE2 1 
ATOM   1188 C  CZ  . PHE A 1 162 ? 11.454  7.466   4.141   1.00 19.60 ? 170 PHE A CZ  1 
ATOM   1189 N  N   . THR A 1 163 ? 13.949  2.072   3.814   1.00 18.78 ? 171 THR A N   1 
ATOM   1190 C  CA  . THR A 1 163 ? 15.000  2.246   2.826   1.00 16.55 ? 171 THR A CA  1 
ATOM   1191 C  C   . THR A 1 163 ? 14.423  2.556   1.464   1.00 18.28 ? 171 THR A C   1 
ATOM   1192 O  O   . THR A 1 163 ? 13.281  2.202   1.160   1.00 17.98 ? 171 THR A O   1 
ATOM   1193 C  CB  . THR A 1 163 ? 15.890  1.003   2.711   1.00 18.99 ? 171 THR A CB  1 
ATOM   1194 O  OG1 . THR A 1 163 ? 15.095  -0.125  2.308   1.00 21.33 ? 171 THR A OG1 1 
ATOM   1195 C  CG2 . THR A 1 163 ? 16.547  0.692   4.047   1.00 19.82 ? 171 THR A CG2 1 
ATOM   1196 N  N   . VAL A 1 164 ? 15.223  3.206   0.630   1.00 19.61 ? 172 VAL A N   1 
ATOM   1197 C  CA  . VAL A 1 164 ? 14.863  3.370   -0.767  1.00 18.85 ? 172 VAL A CA  1 
ATOM   1198 C  C   . VAL A 1 164 ? 16.085  3.087   -1.625  1.00 23.38 ? 172 VAL A C   1 
ATOM   1199 O  O   . VAL A 1 164 ? 17.185  3.545   -1.313  1.00 21.68 ? 172 VAL A O   1 
ATOM   1200 C  CB  . VAL A 1 164 ? 14.393  4.798   -1.075  1.00 19.50 ? 172 VAL A CB  1 
ATOM   1201 C  CG1 . VAL A 1 164 ? 14.059  4.929   -2.568  1.00 23.58 ? 172 VAL A CG1 1 
ATOM   1202 C  CG2 . VAL A 1 164 ? 13.201  5.192   -0.207  1.00 19.43 ? 172 VAL A CG2 1 
ATOM   1203 N  N   . ARG A 1 165 ? 15.898  2.333   -2.702  1.00 20.30 ? 173 ARG A N   1 
ATOM   1204 C  CA  . ARG A 1 165 ? 16.982  2.135   -3.656  1.00 23.49 ? 173 ARG A CA  1 
ATOM   1205 C  C   . ARG A 1 165 ? 16.410  2.121   -5.056  1.00 26.87 ? 173 ARG A C   1 
ATOM   1206 O  O   . ARG A 1 165 ? 15.219  1.875   -5.229  1.00 23.58 ? 173 ARG A O   1 
ATOM   1207 C  CB  . ARG A 1 165 ? 17.714  0.825   -3.368  1.00 25.56 ? 173 ARG A CB  1 
ATOM   1208 C  CG  . ARG A 1 165 ? 16.837  -0.395  -3.482  1.00 26.35 ? 173 ARG A CG  1 
ATOM   1209 C  CD  . ARG A 1 165 ? 17.633  -1.660  -3.267  1.00 34.80 ? 173 ARG A CD  1 
ATOM   1210 N  NE  . ARG A 1 165 ? 16.814  -2.839  -3.504  1.00 45.05 ? 173 ARG A NE  1 
ATOM   1211 C  CZ  . ARG A 1 165 ? 15.986  -3.376  -2.612  1.00 46.90 ? 173 ARG A CZ  1 
ATOM   1212 N  NH1 . ARG A 1 165 ? 15.866  -2.839  -1.398  1.00 48.18 ? 173 ARG A NH1 1 
ATOM   1213 N  NH2 . ARG A 1 165 ? 15.275  -4.455  -2.935  1.00 49.79 ? 173 ARG A NH2 1 
ATOM   1214 N  N   . THR A 1 166 ? 17.245  2.423   -6.048  1.00 22.78 ? 174 THR A N   1 
ATOM   1215 C  CA  . THR A 1 166 ? 16.833  2.251   -7.433  1.00 25.62 ? 174 THR A CA  1 
ATOM   1216 C  C   . THR A 1 166 ? 16.712  0.747   -7.680  1.00 28.56 ? 174 THR A C   1 
ATOM   1217 O  O   . THR A 1 166 ? 17.576  -0.025  -7.258  1.00 34.38 ? 174 THR A O   1 
ATOM   1218 C  CB  . THR A 1 166 ? 17.847  2.907   -8.401  1.00 26.79 ? 174 THR A CB  1 
ATOM   1219 O  OG1 . THR A 1 166 ? 17.957  4.301   -8.096  1.00 31.56 ? 174 THR A OG1 1 
ATOM   1220 C  CG2 . THR A 1 166 ? 17.378  2.761   -9.828  1.00 32.06 ? 174 THR A CG2 1 
ATOM   1221 N  N   . ASP A 1 167 ? 15.634  0.322   -8.336  1.00 28.58 ? 175 ASP A N   1 
ATOM   1222 C  CA  . ASP A 1 167 ? 15.334  -1.105  -8.457  1.00 29.33 ? 175 ASP A CA  1 
ATOM   1223 C  C   . ASP A 1 167 ? 15.852  -1.661  -9.775  1.00 38.32 ? 175 ASP A C   1 
ATOM   1224 O  O   . ASP A 1 167 ? 15.467  -1.197  -10.849 1.00 35.27 ? 175 ASP A O   1 
ATOM   1225 C  CB  . ASP A 1 167 ? 13.825  -1.359  -8.349  1.00 26.24 ? 175 ASP A CB  1 
ATOM   1226 C  CG  . ASP A 1 167 ? 13.476  -2.834  -8.371  1.00 31.19 ? 175 ASP A CG  1 
ATOM   1227 O  OD1 . ASP A 1 167 ? 14.262  -3.642  -7.831  1.00 40.44 ? 175 ASP A OD1 1 
ATOM   1228 O  OD2 . ASP A 1 167 ? 12.419  -3.197  -8.926  1.00 33.39 ? 175 ASP A OD2 1 
ATOM   1229 N  N   . THR A 1 168 ? 16.719  -2.664  -9.688  1.00 43.87 ? 176 THR A N   1 
ATOM   1230 C  CA  . THR A 1 168 ? 17.280  -3.293  -10.881 1.00 46.61 ? 176 THR A CA  1 
ATOM   1231 C  C   . THR A 1 168 ? 16.601  -4.625  -11.193 1.00 50.83 ? 176 THR A C   1 
ATOM   1232 O  O   . THR A 1 168 ? 17.108  -5.428  -11.981 1.00 53.95 ? 176 THR A O   1 
ATOM   1233 C  CB  . THR A 1 168 ? 18.799  -3.492  -10.754 1.00 46.26 ? 176 THR A CB  1 
ATOM   1234 O  OG1 . THR A 1 168 ? 19.111  -3.976  -9.441  1.00 51.02 ? 176 THR A OG1 1 
ATOM   1235 C  CG2 . THR A 1 168 ? 19.519  -2.176  -10.983 1.00 45.97 ? 176 THR A CG2 1 
ATOM   1236 N  N   . GLY A 1 169 ? 15.448  -4.849  -10.577 1.00 46.13 ? 177 GLY A N   1 
ATOM   1237 C  CA  . GLY A 1 169 ? 14.652  -6.028  -10.857 1.00 47.06 ? 177 GLY A CA  1 
ATOM   1238 C  C   . GLY A 1 169 ? 13.898  -5.886  -12.164 1.00 45.63 ? 177 GLY A C   1 
ATOM   1239 O  O   . GLY A 1 169 ? 14.209  -5.020  -12.986 1.00 48.89 ? 177 GLY A O   1 
ATOM   1240 N  N   . GLU A 1 170 ? 12.901  -6.740  -12.355 1.00 43.26 ? 178 GLU A N   1 
ATOM   1241 C  CA  . GLU A 1 170 ? 12.110  -6.723  -13.572 1.00 45.72 ? 178 GLU A CA  1 
ATOM   1242 C  C   . GLU A 1 170 ? 11.298  -5.440  -13.671 1.00 42.49 ? 178 GLU A C   1 
ATOM   1243 O  O   . GLU A 1 170 ? 10.531  -5.110  -12.766 1.00 42.64 ? 178 GLU A O   1 
ATOM   1244 C  CB  . GLU A 1 170 ? 11.167  -7.924  -13.623 1.00 45.92 ? 178 GLU A CB  1 
ATOM   1245 C  CG  . GLU A 1 170 ? 10.651  -8.226  -15.020 1.00 49.85 ? 178 GLU A CG  1 
ATOM   1246 C  CD  . GLU A 1 170 ? 11.400  -9.369  -15.682 1.00 44.59 ? 178 GLU A CD  1 
ATOM   1247 O  OE1 . GLU A 1 170 ? 12.436  -9.117  -16.354 1.00 43.63 ? 178 GLU A OE1 1 
ATOM   1248 O  OE2 . GLU A 1 170 ? 10.943  -10.524 -15.524 1.00 44.00 ? 178 GLU A OE2 1 
ATOM   1249 N  N   . PRO A 1 171 ? 11.469  -4.714  -14.782 1.00 37.71 ? 179 PRO A N   1 
ATOM   1250 C  CA  . PRO A 1 171 ? 10.764  -3.463  -15.073 1.00 37.80 ? 179 PRO A CA  1 
ATOM   1251 C  C   . PRO A 1 171 ? 9.249   -3.628  -15.026 1.00 39.82 ? 179 PRO A C   1 
ATOM   1252 O  O   . PRO A 1 171 ? 8.734   -4.620  -15.552 1.00 40.70 ? 179 PRO A O   1 
ATOM   1253 C  CB  . PRO A 1 171 ? 11.211  -3.145  -16.504 1.00 37.16 ? 179 PRO A CB  1 
ATOM   1254 C  CG  . PRO A 1 171 ? 12.545  -3.804  -16.630 1.00 40.89 ? 179 PRO A CG  1 
ATOM   1255 C  CD  . PRO A 1 171 ? 12.438  -5.065  -15.836 1.00 39.89 ? 179 PRO A CD  1 
ATOM   1256 N  N   . MET A 1 172 ? 8.557   -2.654  -14.434 1.00 31.22 ? 180 MET A N   1 
ATOM   1257 C  CA  . MET A 1 172 ? 7.097   -2.671  -14.293 1.00 29.30 ? 180 MET A CA  1 
ATOM   1258 C  C   . MET A 1 172 ? 6.302   -1.927  -15.362 1.00 33.41 ? 180 MET A C   1 
ATOM   1259 O  O   . MET A 1 172 ? 5.121   -2.198  -15.547 1.00 44.05 ? 180 MET A O   1 
ATOM   1260 C  CB  . MET A 1 172 ? 6.696   -2.036  -12.957 1.00 32.86 ? 180 MET A CB  1 
ATOM   1261 C  CG  . MET A 1 172 ? 7.076   -2.816  -11.735 1.00 36.32 ? 180 MET A CG  1 
ATOM   1262 S  SD  . MET A 1 172 ? 6.543   -1.895  -10.275 1.00 33.57 ? 180 MET A SD  1 
ATOM   1263 C  CE  . MET A 1 172 ? 4.820   -1.612  -10.676 1.00 28.37 ? 180 MET A CE  1 
ATOM   1264 N  N   . GLY A 1 173 ? 6.902   -0.936  -16.001 1.00 36.51 ? 181 GLY A N   1 
ATOM   1265 C  CA  . GLY A 1 173 ? 6.146   -0.116  -16.932 1.00 36.47 ? 181 GLY A CA  1 
ATOM   1266 C  C   . GLY A 1 173 ? 5.602   1.144   -16.278 1.00 27.85 ? 181 GLY A C   1 
ATOM   1267 O  O   . GLY A 1 173 ? 6.048   2.241   -16.584 1.00 34.02 ? 181 GLY A O   1 
ATOM   1268 N  N   . ARG A 1 174 ? 4.633   0.983   -15.386 1.00 24.17 ? 182 ARG A N   1 
ATOM   1269 C  CA  . ARG A 1 174 ? 4.123   2.089   -14.581 1.00 22.80 ? 182 ARG A CA  1 
ATOM   1270 C  C   . ARG A 1 174 ? 3.189   1.527   -13.512 1.00 20.49 ? 182 ARG A C   1 
ATOM   1271 O  O   . ARG A 1 174 ? 2.361   0.669   -13.798 1.00 22.94 ? 182 ARG A O   1 
ATOM   1272 C  CB  . ARG A 1 174 ? 3.345   3.095   -15.443 1.00 23.73 ? 182 ARG A CB  1 
ATOM   1273 C  CG  . ARG A 1 174 ? 2.907   4.353   -14.679 1.00 22.15 ? 182 ARG A CG  1 
ATOM   1274 C  CD  . ARG A 1 174 ? 1.728   5.047   -15.361 1.00 21.63 ? 182 ARG A CD  1 
ATOM   1275 N  NE  . ARG A 1 174 ? 0.542   4.200   -15.421 1.00 21.77 ? 182 ARG A NE  1 
ATOM   1276 C  CZ  . ARG A 1 174 ? 0.045   3.657   -16.530 1.00 24.24 ? 182 ARG A CZ  1 
ATOM   1277 N  NH1 . ARG A 1 174 ? 0.626   3.872   -17.707 1.00 25.45 ? 182 ARG A NH1 1 
ATOM   1278 N  NH2 . ARG A 1 174 ? -1.038  2.889   -16.465 1.00 21.35 ? 182 ARG A NH2 1 
ATOM   1279 N  N   . GLY A 1 175 ? 3.319   2.018   -12.287 1.00 19.68 ? 183 GLY A N   1 
ATOM   1280 C  CA  . GLY A 1 175 ? 2.424   1.598   -11.233 1.00 20.09 ? 183 GLY A CA  1 
ATOM   1281 C  C   . GLY A 1 175 ? 3.158   1.297   -9.953  1.00 19.53 ? 183 GLY A C   1 
ATOM   1282 O  O   . GLY A 1 175 ? 4.312   1.685   -9.758  1.00 19.30 ? 183 GLY A O   1 
ATOM   1283 N  N   . THR A 1 176 ? 2.483   0.565   -9.087  1.00 18.13 ? 184 THR A N   1 
ATOM   1284 C  CA  . THR A 1 176 ? 3.010   0.276   -7.771  1.00 18.80 ? 184 THR A CA  1 
ATOM   1285 C  C   . THR A 1 176 ? 2.652   -1.147  -7.381  1.00 19.15 ? 184 THR A C   1 
ATOM   1286 O  O   . THR A 1 176 ? 1.540   -1.622  -7.619  1.00 18.29 ? 184 THR A O   1 
ATOM   1287 C  CB  . THR A 1 176 ? 2.441   1.254   -6.750  1.00 20.71 ? 184 THR A CB  1 
ATOM   1288 O  OG1 . THR A 1 176 ? 2.867   2.569   -7.096  1.00 19.54 ? 184 THR A OG1 1 
ATOM   1289 C  CG2 . THR A 1 176 ? 2.935   0.926   -5.336  1.00 18.38 ? 184 THR A CG2 1 
ATOM   1290 N  N   . LYS A 1 177 ? 3.621   -1.825  -6.798  1.00 17.89 ? 185 LYS A N   1 
ATOM   1291 C  CA  . LYS A 1 177 ? 3.454   -3.174  -6.296  1.00 18.79 ? 185 LYS A CA  1 
ATOM   1292 C  C   . LYS A 1 177 ? 3.781   -3.137  -4.805  1.00 17.04 ? 185 LYS A C   1 
ATOM   1293 O  O   . LYS A 1 177 ? 4.910   -2.840  -4.431  1.00 19.51 ? 185 LYS A O   1 
ATOM   1294 C  CB  . LYS A 1 177 ? 4.440   -4.065  -7.054  1.00 23.50 ? 185 LYS A CB  1 
ATOM   1295 C  CG  . LYS A 1 177 ? 4.658   -5.441  -6.516  1.00 28.72 ? 185 LYS A CG  1 
ATOM   1296 C  CD  . LYS A 1 177 ? 5.222   -6.344  -7.631  1.00 29.57 ? 185 LYS A CD  1 
ATOM   1297 C  CE  . LYS A 1 177 ? 6.328   -5.659  -8.424  1.00 34.65 ? 185 LYS A CE  1 
ATOM   1298 N  NZ  . LYS A 1 177 ? 6.815   -6.549  -9.535  1.00 41.03 ? 185 LYS A NZ  1 
ATOM   1299 N  N   . VAL A 1 178 ? 2.789   -3.408  -3.962  1.00 16.42 ? 186 VAL A N   1 
ATOM   1300 C  CA  . VAL A 1 178 ? 2.985   -3.508  -2.512  1.00 16.27 ? 186 VAL A CA  1 
ATOM   1301 C  C   . VAL A 1 178 ? 3.106   -4.958  -2.111  1.00 17.47 ? 186 VAL A C   1 
ATOM   1302 O  O   . VAL A 1 178 ? 2.150   -5.728  -2.207  1.00 18.79 ? 186 VAL A O   1 
ATOM   1303 C  CB  . VAL A 1 178 ? 1.833   -2.851  -1.722  1.00 17.24 ? 186 VAL A CB  1 
ATOM   1304 C  CG1 . VAL A 1 178 ? 2.019   -3.047  -0.211  1.00 15.91 ? 186 VAL A CG1 1 
ATOM   1305 C  CG2 . VAL A 1 178 ? 1.764   -1.370  -2.030  1.00 17.68 ? 186 VAL A CG2 1 
ATOM   1306 N  N   . ILE A 1 179 ? 4.301   -5.345  -1.689  1.00 16.70 ? 187 ILE A N   1 
ATOM   1307 C  CA  . ILE A 1 179 ? 4.549   -6.731  -1.324  1.00 17.31 ? 187 ILE A CA  1 
ATOM   1308 C  C   . ILE A 1 179 ? 4.516   -6.898  0.184   1.00 16.91 ? 187 ILE A C   1 
ATOM   1309 O  O   . ILE A 1 179 ? 5.377   -6.374  0.897   1.00 18.54 ? 187 ILE A O   1 
ATOM   1310 C  CB  . ILE A 1 179 ? 5.912   -7.197  -1.867  1.00 18.18 ? 187 ILE A CB  1 
ATOM   1311 C  CG1 . ILE A 1 179 ? 6.013   -6.884  -3.360  1.00 18.04 ? 187 ILE A CG1 1 
ATOM   1312 C  CG2 . ILE A 1 179 ? 6.129   -8.685  -1.584  1.00 18.58 ? 187 ILE A CG2 1 
ATOM   1313 C  CD1 . ILE A 1 179 ? 7.408   -7.089  -3.932  1.00 21.60 ? 187 ILE A CD1 1 
ATOM   1314 N  N   . LEU A 1 180 ? 3.508   -7.612  0.672   1.00 15.05 ? 188 LEU A N   1 
ATOM   1315 C  CA  . LEU A 1 180 ? 3.351   -7.835  2.097   1.00 18.05 ? 188 LEU A CA  1 
ATOM   1316 C  C   . LEU A 1 180 ? 4.044   -9.135  2.505   1.00 21.42 ? 188 LEU A C   1 
ATOM   1317 O  O   . LEU A 1 180 ? 3.597   -10.216 2.133   1.00 19.99 ? 188 LEU A O   1 
ATOM   1318 C  CB  . LEU A 1 180 ? 1.865   -7.910  2.457   1.00 16.38 ? 188 LEU A CB  1 
ATOM   1319 C  CG  . LEU A 1 180 ? 1.027   -6.700  2.027   1.00 17.04 ? 188 LEU A CG  1 
ATOM   1320 C  CD1 . LEU A 1 180 ? -0.437  -6.947  2.395   1.00 17.98 ? 188 LEU A CD1 1 
ATOM   1321 C  CD2 . LEU A 1 180 ? 1.535   -5.404  2.669   1.00 16.96 ? 188 LEU A CD2 1 
ATOM   1322 N  N   . HIS A 1 181 ? 5.135   -9.026  3.263   1.00 17.19 ? 189 HIS A N   1 
ATOM   1323 C  CA  . HIS A 1 181 ? 5.770   -10.211 3.844   1.00 20.56 ? 189 HIS A CA  1 
ATOM   1324 C  C   . HIS A 1 181 ? 5.016   -10.539 5.137   1.00 20.93 ? 189 HIS A C   1 
ATOM   1325 O  O   . HIS A 1 181 ? 5.214   -9.905  6.181   1.00 20.04 ? 189 HIS A O   1 
ATOM   1326 C  CB  . HIS A 1 181 ? 7.249   -9.926  4.121   1.00 19.77 ? 189 HIS A CB  1 
ATOM   1327 C  CG  . HIS A 1 181 ? 8.046   -9.654  2.885   1.00 22.30 ? 189 HIS A CG  1 
ATOM   1328 N  ND1 . HIS A 1 181 ? 8.264   -8.383  2.397   1.00 24.48 ? 189 HIS A ND1 1 
ATOM   1329 C  CD2 . HIS A 1 181 ? 8.674   -10.497 2.032   1.00 25.45 ? 189 HIS A CD2 1 
ATOM   1330 C  CE1 . HIS A 1 181 ? 8.984   -8.456  1.292   1.00 20.42 ? 189 HIS A CE1 1 
ATOM   1331 N  NE2 . HIS A 1 181 ? 9.254   -9.726  1.053   1.00 26.68 ? 189 HIS A NE2 1 
ATOM   1332 N  N   . LEU A 1 182 ? 4.117   -11.509 5.065   1.00 19.98 ? 190 LEU A N   1 
ATOM   1333 C  CA  . LEU A 1 182 ? 3.174   -11.727 6.146   1.00 19.93 ? 190 LEU A CA  1 
ATOM   1334 C  C   . LEU A 1 182 ? 3.821   -12.300 7.394   1.00 24.50 ? 190 LEU A C   1 
ATOM   1335 O  O   . LEU A 1 182 ? 4.767   -13.101 7.315   1.00 24.01 ? 190 LEU A O   1 
ATOM   1336 C  CB  . LEU A 1 182 ? 2.036   -12.644 5.691   1.00 20.80 ? 190 LEU A CB  1 
ATOM   1337 C  CG  . LEU A 1 182 ? 1.149   -12.153 4.551   1.00 23.17 ? 190 LEU A CG  1 
ATOM   1338 C  CD1 . LEU A 1 182 ? 0.112   -13.227 4.270   1.00 21.42 ? 190 LEU A CD1 1 
ATOM   1339 C  CD2 . LEU A 1 182 ? 0.462   -10.843 4.913   1.00 22.95 ? 190 LEU A CD2 1 
ATOM   1340 N  N   . LYS A 1 183 ? 3.303   -11.872 8.542   1.00 22.80 ? 191 LYS A N   1 
ATOM   1341 C  CA  . LYS A 1 183 ? 3.660   -12.468 9.828   1.00 23.58 ? 191 LYS A CA  1 
ATOM   1342 C  C   . LYS A 1 183 ? 3.287   -13.946 9.828   1.00 29.61 ? 191 LYS A C   1 
ATOM   1343 O  O   . LYS A 1 183 ? 2.360   -14.365 9.122   1.00 24.49 ? 191 LYS A O   1 
ATOM   1344 C  CB  . LYS A 1 183 ? 2.927   -11.752 10.962  1.00 23.26 ? 191 LYS A CB  1 
ATOM   1345 C  CG  . LYS A 1 183 ? 3.288   -10.270 11.135  1.00 26.66 ? 191 LYS A CG  1 
ATOM   1346 C  CD  . LYS A 1 183 ? 2.362   -9.595  12.177  1.00 27.57 ? 191 LYS A CD  1 
ATOM   1347 C  CE  . LYS A 1 183 ? 2.467   -8.063  12.153  1.00 32.15 ? 191 LYS A CE  1 
ATOM   1348 N  NZ  . LYS A 1 183 ? 1.629   -7.332  13.184  1.00 33.04 ? 191 LYS A NZ  1 
ATOM   1349 N  N   . GLU A 1 184 ? 3.997   -14.729 10.637  1.00 29.13 ? 192 GLU A N   1 
ATOM   1350 C  CA  . GLU A 1 184 ? 3.819   -16.179 10.670  1.00 31.93 ? 192 GLU A CA  1 
ATOM   1351 C  C   . GLU A 1 184 ? 2.379   -16.615 10.939  1.00 30.04 ? 192 GLU A C   1 
ATOM   1352 O  O   . GLU A 1 184 ? 1.915   -17.601 10.374  1.00 31.42 ? 192 GLU A O   1 
ATOM   1353 C  CB  . GLU A 1 184 ? 4.759   -16.808 11.708  1.00 35.35 ? 192 GLU A CB  1 
ATOM   1354 C  CG  . GLU A 1 184 ? 4.727   -18.324 11.719  1.00 44.95 ? 192 GLU A CG  1 
ATOM   1355 C  CD  . GLU A 1 184 ? 6.038   -18.934 12.189  1.00 55.00 ? 192 GLU A CD  1 
ATOM   1356 O  OE1 . GLU A 1 184 ? 6.635   -18.403 13.155  1.00 54.72 ? 192 GLU A OE1 1 
ATOM   1357 O  OE2 . GLU A 1 184 ? 6.473   -19.938 11.580  1.00 56.84 ? 192 GLU A OE2 1 
ATOM   1358 N  N   . ASP A 1 185 ? 1.679   -15.887 11.804  1.00 27.28 ? 193 ASP A N   1 
ATOM   1359 C  CA  . ASP A 1 185 ? 0.311   -16.243 12.160  1.00 29.04 ? 193 ASP A CA  1 
ATOM   1360 C  C   . ASP A 1 185 ? -0.744  -15.544 11.304  1.00 27.81 ? 193 ASP A C   1 
ATOM   1361 O  O   . ASP A 1 185 ? -1.929  -15.560 11.640  1.00 26.93 ? 193 ASP A O   1 
ATOM   1362 C  CB  . ASP A 1 185 ? 0.045   -15.956 13.642  1.00 31.06 ? 193 ASP A CB  1 
ATOM   1363 C  CG  . ASP A 1 185 ? 0.256   -14.499 14.003  1.00 34.62 ? 193 ASP A CG  1 
ATOM   1364 O  OD1 . ASP A 1 185 ? 0.845   -13.757 13.186  1.00 37.62 ? 193 ASP A OD1 1 
ATOM   1365 O  OD2 . ASP A 1 185 ? -0.150  -14.097 15.115  1.00 40.76 ? 193 ASP A OD2 1 
ATOM   1366 N  N   . GLN A 1 186 ? -0.323  -14.930 10.203  1.00 24.74 ? 194 GLN A N   1 
ATOM   1367 C  CA  . GLN A 1 186 ? -1.268  -14.213 9.351   1.00 24.29 ? 194 GLN A CA  1 
ATOM   1368 C  C   . GLN A 1 186 ? -1.344  -14.809 7.946   1.00 26.03 ? 194 GLN A C   1 
ATOM   1369 O  O   . GLN A 1 186 ? -1.707  -14.119 6.989   1.00 23.10 ? 194 GLN A O   1 
ATOM   1370 C  CB  . GLN A 1 186 ? -0.927  -12.714 9.296   1.00 24.46 ? 194 GLN A CB  1 
ATOM   1371 C  CG  . GLN A 1 186 ? -0.947  -12.034 10.661  1.00 25.28 ? 194 GLN A CG  1 
ATOM   1372 C  CD  . GLN A 1 186 ? -2.308  -12.109 11.343  1.00 26.77 ? 194 GLN A CD  1 
ATOM   1373 O  OE1 . GLN A 1 186 ? -3.350  -12.051 10.686  1.00 26.77 ? 194 GLN A OE1 1 
ATOM   1374 N  NE2 . GLN A 1 186 ? -2.303  -12.234 12.669  1.00 26.57 ? 194 GLN A NE2 1 
ATOM   1375 N  N   . THR A 1 187 ? -1.006  -16.092 7.823   1.00 23.85 ? 195 THR A N   1 
ATOM   1376 C  CA  . THR A 1 187 ? -0.986  -16.742 6.519   1.00 23.76 ? 195 THR A CA  1 
ATOM   1377 C  C   . THR A 1 187 ? -2.376  -17.001 5.942   1.00 23.47 ? 195 THR A C   1 
ATOM   1378 O  O   . THR A 1 187 ? -2.491  -17.431 4.804   1.00 24.01 ? 195 THR A O   1 
ATOM   1379 C  CB  . THR A 1 187 ? -0.204  -18.078 6.532   1.00 28.73 ? 195 THR A CB  1 
ATOM   1380 O  OG1 . THR A 1 187 ? -0.819  -18.993 7.448   1.00 31.75 ? 195 THR A OG1 1 
ATOM   1381 C  CG2 . THR A 1 187 ? 1.235   -17.854 6.937   1.00 31.58 ? 195 THR A CG2 1 
ATOM   1382 N  N   . GLU A 1 188 ? -3.432  -16.737 6.706   1.00 23.01 ? 196 GLU A N   1 
ATOM   1383 C  CA  . GLU A 1 188 ? -4.776  -16.866 6.149   1.00 25.03 ? 196 GLU A CA  1 
ATOM   1384 C  C   . GLU A 1 188 ? -4.969  -15.946 4.952   1.00 22.47 ? 196 GLU A C   1 
ATOM   1385 O  O   . GLU A 1 188 ? -5.813  -16.206 4.099   1.00 24.71 ? 196 GLU A O   1 
ATOM   1386 C  CB  . GLU A 1 188 ? -5.847  -16.572 7.192   1.00 26.28 ? 196 GLU A CB  1 
ATOM   1387 C  CG  . GLU A 1 188 ? -5.944  -15.108 7.612   1.00 22.89 ? 196 GLU A CG  1 
ATOM   1388 C  CD  . GLU A 1 188 ? -6.785  -14.939 8.850   1.00 27.96 ? 196 GLU A CD  1 
ATOM   1389 O  OE1 . GLU A 1 188 ? -6.240  -15.170 9.950   1.00 29.55 ? 196 GLU A OE1 1 
ATOM   1390 O  OE2 . GLU A 1 188 ? -7.982  -14.585 8.733   1.00 23.50 ? 196 GLU A OE2 1 
ATOM   1391 N  N   . TYR A 1 189 ? -4.198  -14.861 4.895   1.00 22.28 ? 197 TYR A N   1 
ATOM   1392 C  CA  . TYR A 1 189 ? -4.373  -13.894 3.802   1.00 24.46 ? 197 TYR A CA  1 
ATOM   1393 C  C   . TYR A 1 189 ? -3.681  -14.345 2.512   1.00 25.46 ? 197 TYR A C   1 
ATOM   1394 O  O   . TYR A 1 189 ? -3.615  -13.601 1.538   1.00 25.97 ? 197 TYR A O   1 
ATOM   1395 C  CB  . TYR A 1 189 ? -3.997  -12.466 4.246   1.00 19.37 ? 197 TYR A CB  1 
ATOM   1396 C  CG  . TYR A 1 189 ? -4.800  -12.053 5.453   1.00 21.08 ? 197 TYR A CG  1 
ATOM   1397 C  CD1 . TYR A 1 189 ? -6.162  -11.802 5.340   1.00 20.92 ? 197 TYR A CD1 1 
ATOM   1398 C  CD2 . TYR A 1 189 ? -4.220  -11.969 6.711   1.00 22.03 ? 197 TYR A CD2 1 
ATOM   1399 C  CE1 . TYR A 1 189 ? -6.923  -11.470 6.441   1.00 21.18 ? 197 TYR A CE1 1 
ATOM   1400 C  CE2 . TYR A 1 189 ? -4.969  -11.622 7.822   1.00 22.01 ? 197 TYR A CE2 1 
ATOM   1401 C  CZ  . TYR A 1 189 ? -6.319  -11.372 7.678   1.00 21.82 ? 197 TYR A CZ  1 
ATOM   1402 O  OH  . TYR A 1 189 ? -7.092  -11.046 8.765   1.00 23.70 ? 197 TYR A OH  1 
ATOM   1403 N  N   . LEU A 1 190 ? -3.185  -15.584 2.512   1.00 22.87 ? 198 LEU A N   1 
ATOM   1404 C  CA  . LEU A 1 190 ? -2.690  -16.234 1.303   1.00 25.32 ? 198 LEU A CA  1 
ATOM   1405 C  C   . LEU A 1 190 ? -3.734  -17.167 0.689   1.00 25.16 ? 198 LEU A C   1 
ATOM   1406 O  O   . LEU A 1 190 ? -3.517  -17.698 -0.404  1.00 27.47 ? 198 LEU A O   1 
ATOM   1407 C  CB  . LEU A 1 190 ? -1.424  -17.043 1.603   1.00 24.66 ? 198 LEU A CB  1 
ATOM   1408 C  CG  . LEU A 1 190 ? -0.279  -16.222 2.203   1.00 26.00 ? 198 LEU A CG  1 
ATOM   1409 C  CD1 . LEU A 1 190 ? 0.883   -17.133 2.582   1.00 31.18 ? 198 LEU A CD1 1 
ATOM   1410 C  CD2 . LEU A 1 190 ? 0.171   -15.142 1.239   1.00 26.67 ? 198 LEU A CD2 1 
ATOM   1411 N  N   . GLU A 1 191 ? -4.845  -17.379 1.393   1.00 25.44 ? 199 GLU A N   1 
ATOM   1412 C  CA  . GLU A 1 191 ? -5.873  -18.336 0.960   1.00 27.99 ? 199 GLU A CA  1 
ATOM   1413 C  C   . GLU A 1 191 ? -6.887  -17.707 0.021   1.00 27.68 ? 199 GLU A C   1 
ATOM   1414 O  O   . GLU A 1 191 ? -7.438  -16.650 0.312   1.00 23.95 ? 199 GLU A O   1 
ATOM   1415 C  CB  . GLU A 1 191 ? -6.633  -18.907 2.167   1.00 31.17 ? 199 GLU A CB  1 
ATOM   1416 C  CG  . GLU A 1 191 ? -5.766  -19.580 3.216   1.00 38.57 ? 199 GLU A CG  1 
ATOM   1417 C  CD  . GLU A 1 191 ? -5.209  -20.911 2.753   1.00 46.78 ? 199 GLU A CD  1 
ATOM   1418 O  OE1 . GLU A 1 191 ? -5.779  -21.496 1.805   1.00 48.54 ? 199 GLU A OE1 1 
ATOM   1419 O  OE2 . GLU A 1 191 ? -4.200  -21.370 3.339   1.00 50.28 ? 199 GLU A OE2 1 
ATOM   1420 N  N   . GLU A 1 192 ? -7.159  -18.375 -1.096  1.00 28.89 ? 200 GLU A N   1 
ATOM   1421 C  CA  . GLU A 1 192 ? -8.100  -17.852 -2.082  1.00 30.51 ? 200 GLU A CA  1 
ATOM   1422 C  C   . GLU A 1 192 ? -9.447  -17.471 -1.484  1.00 24.35 ? 200 GLU A C   1 
ATOM   1423 O  O   . GLU A 1 192 ? -9.961  -16.375 -1.717  1.00 24.14 ? 200 GLU A O   1 
ATOM   1424 C  CB  . GLU A 1 192 ? -8.337  -18.866 -3.207  1.00 31.42 ? 200 GLU A CB  1 
ATOM   1425 C  CG  . GLU A 1 192 ? -9.359  -18.366 -4.221  1.00 33.22 ? 200 GLU A CG  1 
ATOM   1426 C  CD  . GLU A 1 192 ? -9.446  -19.230 -5.456  1.00 41.58 ? 200 GLU A CD  1 
ATOM   1427 O  OE1 . GLU A 1 192 ? -9.032  -20.411 -5.400  1.00 42.49 ? 200 GLU A OE1 1 
ATOM   1428 O  OE2 . GLU A 1 192 ? -9.935  -18.720 -6.485  1.00 42.73 ? 200 GLU A OE2 1 
ATOM   1429 N  N   . ARG A 1 193 ? -10.039 -18.385 -0.732  1.00 24.99 ? 201 ARG A N   1 
ATOM   1430 C  CA  . ARG A 1 193 ? -11.377 -18.131 -0.235  1.00 27.66 ? 201 ARG A CA  1 
ATOM   1431 C  C   . ARG A 1 193 ? -11.384 -16.960 0.734   1.00 23.77 ? 201 ARG A C   1 
ATOM   1432 O  O   . ARG A 1 193 ? -12.356 -16.207 0.797   1.00 23.02 ? 201 ARG A O   1 
ATOM   1433 C  CB  . ARG A 1 193 ? -11.975 -19.386 0.406   1.00 31.10 ? 201 ARG A CB  1 
ATOM   1434 C  CG  . ARG A 1 193 ? -11.149 -19.974 1.528   1.00 32.78 ? 201 ARG A CG  1 
ATOM   1435 C  CD  . ARG A 1 193 ? -11.650 -21.374 1.844   1.00 39.18 ? 201 ARG A CD  1 
ATOM   1436 N  NE  . ARG A 1 193 ? -11.120 -21.863 3.110   1.00 45.06 ? 201 ARG A NE  1 
ATOM   1437 C  CZ  . ARG A 1 193 ? -11.647 -22.873 3.794   1.00 42.87 ? 201 ARG A CZ  1 
ATOM   1438 N  NH1 . ARG A 1 193 ? -12.723 -23.501 3.330   1.00 44.95 ? 201 ARG A NH1 1 
ATOM   1439 N  NH2 . ARG A 1 193 ? -11.102 -23.249 4.943   1.00 46.99 ? 201 ARG A NH2 1 
ATOM   1440 N  N   . ARG A 1 194 ? -10.291 -16.795 1.471   1.00 22.91 ? 202 ARG A N   1 
ATOM   1441 C  CA  . ARG A 1 194 ? -10.214 -15.711 2.455   1.00 21.16 ? 202 ARG A CA  1 
ATOM   1442 C  C   . ARG A 1 194 ? -10.105 -14.358 1.749   1.00 21.78 ? 202 ARG A C   1 
ATOM   1443 O  O   . ARG A 1 194 ? -10.810 -13.408 2.081   1.00 18.34 ? 202 ARG A O   1 
ATOM   1444 C  CB  . ARG A 1 194 ? -9.027  -15.918 3.389   1.00 21.60 ? 202 ARG A CB  1 
ATOM   1445 C  CG  . ARG A 1 194 ? -8.901  -14.850 4.470   1.00 18.58 ? 202 ARG A CG  1 
ATOM   1446 C  CD  . ARG A 1 194 ? -10.069 -14.896 5.463   1.00 22.40 ? 202 ARG A CD  1 
ATOM   1447 N  NE  . ARG A 1 194 ? -9.773  -14.055 6.624   1.00 20.99 ? 202 ARG A NE  1 
ATOM   1448 C  CZ  . ARG A 1 194 ? -10.516 -13.029 7.020   1.00 20.73 ? 202 ARG A CZ  1 
ATOM   1449 N  NH1 . ARG A 1 194 ? -11.634 -12.723 6.375   1.00 23.62 ? 202 ARG A NH1 1 
ATOM   1450 N  NH2 . ARG A 1 194 ? -10.155 -12.323 8.083   1.00 23.90 ? 202 ARG A NH2 1 
ATOM   1451 N  N   . ILE A 1 195 ? -9.215  -14.262 0.769   1.00 19.71 ? 203 ILE A N   1 
ATOM   1452 C  CA  . ILE A 1 195 ? -9.091  -13.012 0.032   1.00 19.36 ? 203 ILE A CA  1 
ATOM   1453 C  C   . ILE A 1 195 ? -10.385 -12.644 -0.699  1.00 19.55 ? 203 ILE A C   1 
ATOM   1454 O  O   . ILE A 1 195 ? -10.806 -11.490 -0.684  1.00 19.82 ? 203 ILE A O   1 
ATOM   1455 C  CB  . ILE A 1 195 ? -7.915  -13.044 -0.951  1.00 20.43 ? 203 ILE A CB  1 
ATOM   1456 C  CG1 . ILE A 1 195 ? -6.612  -13.326 -0.206  1.00 21.47 ? 203 ILE A CG1 1 
ATOM   1457 C  CG2 . ILE A 1 195 ? -7.788  -11.703 -1.691  1.00 18.97 ? 203 ILE A CG2 1 
ATOM   1458 C  CD1 . ILE A 1 195 ? -5.487  -13.838 -1.103  1.00 23.37 ? 203 ILE A CD1 1 
ATOM   1459 N  N   . LYS A 1 196 ? -11.013 -13.622 -1.343  1.00 19.60 ? 204 LYS A N   1 
ATOM   1460 C  CA  . LYS A 1 196 ? -12.288 -13.390 -2.031  1.00 20.49 ? 204 LYS A CA  1 
ATOM   1461 C  C   . LYS A 1 196 ? -13.331 -12.838 -1.081  1.00 21.66 ? 204 LYS A C   1 
ATOM   1462 O  O   . LYS A 1 196 ? -14.067 -11.908 -1.404  1.00 22.23 ? 204 LYS A O   1 
ATOM   1463 C  CB  . LYS A 1 196 ? -12.834 -14.702 -2.597  1.00 25.18 ? 204 LYS A CB  1 
ATOM   1464 C  CG  . LYS A 1 196 ? -12.495 -14.975 -4.036  1.00 34.71 ? 204 LYS A CG  1 
ATOM   1465 C  CD  . LYS A 1 196 ? -13.177 -16.267 -4.499  1.00 37.91 ? 204 LYS A CD  1 
ATOM   1466 C  CE  . LYS A 1 196 ? -12.618 -16.743 -5.830  1.00 42.43 ? 204 LYS A CE  1 
ATOM   1467 N  NZ  . LYS A 1 196 ? -12.819 -18.213 -6.009  1.00 41.16 ? 204 LYS A NZ  1 
ATOM   1468 N  N   . GLU A 1 197 ? -13.416 -13.456 0.090   1.00 20.60 ? 205 GLU A N   1 
ATOM   1469 C  CA  . GLU A 1 197 ? -14.343 -13.008 1.121   1.00 20.78 ? 205 GLU A CA  1 
ATOM   1470 C  C   . GLU A 1 197 ? -14.122 -11.536 1.478   1.00 21.51 ? 205 GLU A C   1 
ATOM   1471 O  O   . GLU A 1 197 ? -15.080 -10.748 1.586   1.00 19.76 ? 205 GLU A O   1 
ATOM   1472 C  CB  . GLU A 1 197 ? -14.188 -13.883 2.362   1.00 20.13 ? 205 GLU A CB  1 
ATOM   1473 C  CG  . GLU A 1 197 ? -15.062 -13.458 3.539   1.00 21.35 ? 205 GLU A CG  1 
ATOM   1474 C  CD  . GLU A 1 197 ? -14.760 -14.280 4.761   1.00 22.80 ? 205 GLU A CD  1 
ATOM   1475 O  OE1 . GLU A 1 197 ? -13.559 -14.453 5.063   1.00 23.76 ? 205 GLU A OE1 1 
ATOM   1476 O  OE2 . GLU A 1 197 ? -15.714 -14.784 5.399   1.00 22.69 ? 205 GLU A OE2 1 
ATOM   1477 N  N   . ILE A 1 198 ? -12.858 -11.163 1.661   1.00 19.39 ? 206 ILE A N   1 
ATOM   1478 C  CA  . ILE A 1 198 ? -12.539 -9.803  2.102   1.00 19.29 ? 206 ILE A CA  1 
ATOM   1479 C  C   . ILE A 1 198 ? -12.820 -8.779  1.018   1.00 22.40 ? 206 ILE A C   1 
ATOM   1480 O  O   . ILE A 1 198 ? -13.361 -7.710  1.295   1.00 22.56 ? 206 ILE A O   1 
ATOM   1481 C  CB  . ILE A 1 198 ? -11.072 -9.678  2.546   1.00 20.63 ? 206 ILE A CB  1 
ATOM   1482 C  CG1 . ILE A 1 198 ? -10.806 -10.603 3.735   1.00 23.82 ? 206 ILE A CG1 1 
ATOM   1483 C  CG2 . ILE A 1 198 ? -10.742 -8.220  2.898   1.00 22.69 ? 206 ILE A CG2 1 
ATOM   1484 C  CD1 . ILE A 1 198 ? -9.315  -10.938 3.927   1.00 22.12 ? 206 ILE A CD1 1 
ATOM   1485 N  N   . VAL A 1 199 ? -12.440 -9.103  -0.218  1.00 20.32 ? 207 VAL A N   1 
ATOM   1486 C  CA  . VAL A 1 199 ? -12.695 -8.197  -1.334  1.00 21.31 ? 207 VAL A CA  1 
ATOM   1487 C  C   . VAL A 1 199 ? -14.201 -7.975  -1.511  1.00 23.40 ? 207 VAL A C   1 
ATOM   1488 O  O   . VAL A 1 199 ? -14.650 -6.844  -1.659  1.00 23.18 ? 207 VAL A O   1 
ATOM   1489 C  CB  . VAL A 1 199 ? -12.088 -8.713  -2.641  1.00 22.67 ? 207 VAL A CB  1 
ATOM   1490 C  CG1 . VAL A 1 199 ? -12.561 -7.846  -3.807  1.00 22.37 ? 207 VAL A CG1 1 
ATOM   1491 C  CG2 . VAL A 1 199 ? -10.562 -8.718  -2.558  1.00 20.25 ? 207 VAL A CG2 1 
ATOM   1492 N  N   . LYS A 1 200 ? -14.973 -9.058  -1.463  1.00 24.72 ? 208 LYS A N   1 
ATOM   1493 C  CA  . LYS A 1 200 ? -16.436 -8.977  -1.551  1.00 27.03 ? 208 LYS A CA  1 
ATOM   1494 C  C   . LYS A 1 200 ? -17.048 -8.123  -0.441  1.00 27.91 ? 208 LYS A C   1 
ATOM   1495 O  O   . LYS A 1 200 ? -17.991 -7.359  -0.672  1.00 28.80 ? 208 LYS A O   1 
ATOM   1496 C  CB  . LYS A 1 200 ? -17.039 -10.380 -1.529  1.00 27.71 ? 208 LYS A CB  1 
ATOM   1497 C  CG  . LYS A 1 200 ? -18.565 -10.427 -1.577  1.00 38.44 ? 208 LYS A CG  1 
ATOM   1498 C  CD  . LYS A 1 200 ? -19.063 -11.871 -1.666  1.00 41.52 ? 208 LYS A CD  1 
ATOM   1499 C  CE  . LYS A 1 200 ? -20.569 -11.939 -1.901  1.00 50.30 ? 208 LYS A CE  1 
ATOM   1500 N  NZ  . LYS A 1 200 ? -21.016 -13.297 -2.355  1.00 54.43 ? 208 LYS A NZ  1 
ATOM   1501 N  N   . LYS A 1 201 ? -16.503 -8.247  0.766   1.00 26.68 ? 209 LYS A N   1 
ATOM   1502 C  CA  . LYS A 1 201 ? -17.023 -7.523  1.923   1.00 30.49 ? 209 LYS A CA  1 
ATOM   1503 C  C   . LYS A 1 201 ? -16.727 -6.016  1.885   1.00 31.65 ? 209 LYS A C   1 
ATOM   1504 O  O   . LYS A 1 201 ? -17.614 -5.194  2.149   1.00 30.38 ? 209 LYS A O   1 
ATOM   1505 C  CB  . LYS A 1 201 ? -16.477 -8.153  3.213   1.00 27.70 ? 209 LYS A CB  1 
ATOM   1506 C  CG  . LYS A 1 201 ? -16.998 -7.543  4.501   1.00 34.53 ? 209 LYS A CG  1 
ATOM   1507 C  CD  . LYS A 1 201 ? -16.352 -8.218  5.711   1.00 38.86 ? 209 LYS A CD  1 
ATOM   1508 C  CE  . LYS A 1 201 ? -17.046 -7.816  7.011   1.00 45.28 ? 209 LYS A CE  1 
ATOM   1509 N  NZ  . LYS A 1 201 ? -16.553 -8.600  8.195   1.00 45.17 ? 209 LYS A NZ  1 
ATOM   1510 N  N   . HIS A 1 202 ? -15.491 -5.653  1.531   1.00 26.65 ? 210 HIS A N   1 
ATOM   1511 C  CA  . HIS A 1 202 ? -15.011 -4.278  1.702   1.00 29.12 ? 210 HIS A CA  1 
ATOM   1512 C  C   . HIS A 1 202 ? -14.686 -3.497  0.426   1.00 28.77 ? 210 HIS A C   1 
ATOM   1513 O  O   . HIS A 1 202 ? -14.528 -2.272  0.474   1.00 31.16 ? 210 HIS A O   1 
ATOM   1514 C  CB  . HIS A 1 202 ? -13.752 -4.277  2.585   1.00 29.73 ? 210 HIS A CB  1 
ATOM   1515 C  CG  . HIS A 1 202 ? -13.981 -4.790  3.971   1.00 32.05 ? 210 HIS A CG  1 
ATOM   1516 N  ND1 . HIS A 1 202 ? -14.791 -4.141  4.880   1.00 33.46 ? 210 HIS A ND1 1 
ATOM   1517 C  CD2 . HIS A 1 202 ? -13.505 -5.886  4.608   1.00 33.64 ? 210 HIS A CD2 1 
ATOM   1518 C  CE1 . HIS A 1 202 ? -14.804 -4.815  6.015   1.00 34.97 ? 210 HIS A CE1 1 
ATOM   1519 N  NE2 . HIS A 1 202 ? -14.031 -5.878  5.878   1.00 30.81 ? 210 HIS A NE2 1 
ATOM   1520 N  N   . SER A 1 203 ? -14.557 -4.189  -0.701  1.00 25.50 ? 211 SER A N   1 
ATOM   1521 C  CA  . SER A 1 203 ? -14.025 -3.562  -1.912  1.00 24.14 ? 211 SER A CA  1 
ATOM   1522 C  C   . SER A 1 203 ? -14.885 -3.882  -3.131  1.00 28.52 ? 211 SER A C   1 
ATOM   1523 O  O   . SER A 1 203 ? -14.401 -3.914  -4.268  1.00 26.51 ? 211 SER A O   1 
ATOM   1524 C  CB  . SER A 1 203 ? -12.576 -4.016  -2.146  1.00 24.69 ? 211 SER A CB  1 
ATOM   1525 O  OG  . SER A 1 203 ? -11.749 -3.676  -1.034  1.00 28.34 ? 211 SER A OG  1 
ATOM   1526 N  N   . GLN A 1 204 ? -16.172 -4.086  -2.880  1.00 29.00 ? 212 GLN A N   1 
ATOM   1527 C  CA  . GLN A 1 204 ? -17.106 -4.564  -3.892  1.00 36.31 ? 212 GLN A CA  1 
ATOM   1528 C  C   . GLN A 1 204 ? -17.292 -3.612  -5.077  1.00 34.18 ? 212 GLN A C   1 
ATOM   1529 O  O   . GLN A 1 204 ? -17.481 -4.052  -6.213  1.00 35.00 ? 212 GLN A O   1 
ATOM   1530 C  CB  . GLN A 1 204 ? -18.461 -4.839  -3.227  1.00 37.40 ? 212 GLN A CB  1 
ATOM   1531 C  CG  . GLN A 1 204 ? -19.458 -5.544  -4.114  1.00 44.78 ? 212 GLN A CG  1 
ATOM   1532 C  CD  . GLN A 1 204 ? -20.835 -5.603  -3.486  1.00 46.66 ? 212 GLN A CD  1 
ATOM   1533 O  OE1 . GLN A 1 204 ? -21.045 -5.106  -2.375  1.00 51.05 ? 212 GLN A OE1 1 
ATOM   1534 N  NE2 . GLN A 1 204 ? -21.786 -6.202  -4.196  1.00 51.81 ? 212 GLN A NE2 1 
ATOM   1535 N  N   . PHE A 1 205 ? -17.237 -2.311  -4.820  1.00 31.29 ? 213 PHE A N   1 
ATOM   1536 C  CA  . PHE A 1 205 ? -17.542 -1.336  -5.870  1.00 32.37 ? 213 PHE A CA  1 
ATOM   1537 C  C   . PHE A 1 205 ? -16.350 -0.552  -6.421  1.00 32.35 ? 213 PHE A C   1 
ATOM   1538 O  O   . PHE A 1 205 ? -16.526 0.478   -7.075  1.00 30.83 ? 213 PHE A O   1 
ATOM   1539 C  CB  . PHE A 1 205 ? -18.641 -0.385  -5.402  1.00 35.54 ? 213 PHE A CB  1 
ATOM   1540 C  CG  . PHE A 1 205 ? -19.903 -1.089  -5.011  1.00 35.65 ? 213 PHE A CG  1 
ATOM   1541 C  CD1 . PHE A 1 205 ? -20.566 -1.888  -5.925  1.00 35.86 ? 213 PHE A CD1 1 
ATOM   1542 C  CD2 . PHE A 1 205 ? -20.426 -0.957  -3.735  1.00 39.96 ? 213 PHE A CD2 1 
ATOM   1543 C  CE1 . PHE A 1 205 ? -21.730 -2.553  -5.574  1.00 39.96 ? 213 PHE A CE1 1 
ATOM   1544 C  CE2 . PHE A 1 205 ? -21.591 -1.614  -3.380  1.00 40.61 ? 213 PHE A CE2 1 
ATOM   1545 C  CZ  . PHE A 1 205 ? -22.242 -2.415  -4.298  1.00 37.43 ? 213 PHE A CZ  1 
ATOM   1546 N  N   . ILE A 1 206 ? -15.143 -1.043  -6.172  1.00 25.77 ? 214 ILE A N   1 
ATOM   1547 C  CA  . ILE A 1 206 ? -13.955 -0.447  -6.784  1.00 26.23 ? 214 ILE A CA  1 
ATOM   1548 C  C   . ILE A 1 206 ? -14.080 -0.374  -8.318  1.00 29.09 ? 214 ILE A C   1 
ATOM   1549 O  O   . ILE A 1 206 ? -14.461 -1.351  -8.970  1.00 29.88 ? 214 ILE A O   1 
ATOM   1550 C  CB  . ILE A 1 206 ? -12.697 -1.241  -6.397  1.00 25.79 ? 214 ILE A CB  1 
ATOM   1551 C  CG1 . ILE A 1 206 ? -12.426 -1.094  -4.896  1.00 25.36 ? 214 ILE A CG1 1 
ATOM   1552 C  CG2 . ILE A 1 206 ? -11.495 -0.777  -7.213  1.00 25.39 ? 214 ILE A CG2 1 
ATOM   1553 C  CD1 . ILE A 1 206 ? -11.964 0.287   -4.479  1.00 27.72 ? 214 ILE A CD1 1 
ATOM   1554 N  N   . GLY A 1 207 ? -13.748 0.778   -8.889  1.00 27.91 ? 215 GLY A N   1 
ATOM   1555 C  CA  . GLY A 1 207 ? -14.009 1.045   -10.292 1.00 30.48 ? 215 GLY A CA  1 
ATOM   1556 C  C   . GLY A 1 207 ? -12.954 0.560   -11.272 1.00 32.01 ? 215 GLY A C   1 
ATOM   1557 O  O   . GLY A 1 207 ? -12.788 1.136   -12.349 1.00 29.97 ? 215 GLY A O   1 
ATOM   1558 N  N   . TYR A 1 208 ? -12.250 -0.502  -10.898 1.00 26.38 ? 216 TYR A N   1 
ATOM   1559 C  CA  . TYR A 1 208 ? -11.214 -1.093  -11.740 1.00 25.61 ? 216 TYR A CA  1 
ATOM   1560 C  C   . TYR A 1 208 ? -11.246 -2.597  -11.532 1.00 22.79 ? 216 TYR A C   1 
ATOM   1561 O  O   . TYR A 1 208 ? -11.551 -3.060  -10.441 1.00 25.40 ? 216 TYR A O   1 
ATOM   1562 C  CB  . TYR A 1 208 ? -9.830  -0.520  -11.366 1.00 25.31 ? 216 TYR A CB  1 
ATOM   1563 C  CG  . TYR A 1 208 ? -9.740  0.975   -11.565 1.00 24.60 ? 216 TYR A CG  1 
ATOM   1564 C  CD1 . TYR A 1 208 ? -9.500  1.512   -12.828 1.00 26.98 ? 216 TYR A CD1 1 
ATOM   1565 C  CD2 . TYR A 1 208 ? -9.900  1.850   -10.496 1.00 23.53 ? 216 TYR A CD2 1 
ATOM   1566 C  CE1 . TYR A 1 208 ? -9.431  2.871   -13.025 1.00 26.33 ? 216 TYR A CE1 1 
ATOM   1567 C  CE2 . TYR A 1 208 ? -9.833  3.223   -10.685 1.00 22.97 ? 216 TYR A CE2 1 
ATOM   1568 C  CZ  . TYR A 1 208 ? -9.602  3.721   -11.956 1.00 26.09 ? 216 TYR A CZ  1 
ATOM   1569 O  OH  . TYR A 1 208 ? -9.533  5.076   -12.160 1.00 27.79 ? 216 TYR A OH  1 
ATOM   1570 N  N   . PRO A 1 209 ? -10.943 -3.370  -12.586 1.00 25.51 ? 217 PRO A N   1 
ATOM   1571 C  CA  . PRO A 1 209 ? -10.896 -4.831  -12.466 1.00 26.84 ? 217 PRO A CA  1 
ATOM   1572 C  C   . PRO A 1 209 ? -9.912  -5.234  -11.374 1.00 24.63 ? 217 PRO A C   1 
ATOM   1573 O  O   . PRO A 1 209 ? -8.780  -4.738  -11.363 1.00 24.51 ? 217 PRO A O   1 
ATOM   1574 C  CB  . PRO A 1 209 ? -10.356 -5.281  -13.832 1.00 25.24 ? 217 PRO A CB  1 
ATOM   1575 C  CG  . PRO A 1 209 ? -10.597 -4.133  -14.753 1.00 30.31 ? 217 PRO A CG  1 
ATOM   1576 C  CD  . PRO A 1 209 ? -10.484 -2.903  -13.904 1.00 25.04 ? 217 PRO A CD  1 
ATOM   1577 N  N   . ILE A 1 210 ? -10.354 -6.093  -10.462 1.00 21.09 ? 218 ILE A N   1 
ATOM   1578 C  CA  . ILE A 1 210 ? -9.475  -6.682  -9.462  1.00 20.36 ? 218 ILE A CA  1 
ATOM   1579 C  C   . ILE A 1 210 ? -9.381  -8.170  -9.769  1.00 22.71 ? 218 ILE A C   1 
ATOM   1580 O  O   . ILE A 1 210 ? -10.380 -8.889  -9.719  1.00 24.99 ? 218 ILE A O   1 
ATOM   1581 C  CB  . ILE A 1 210 ? -10.030 -6.510  -8.040  1.00 20.90 ? 218 ILE A CB  1 
ATOM   1582 C  CG1 . ILE A 1 210 ? -10.193 -5.025  -7.697  1.00 23.46 ? 218 ILE A CG1 1 
ATOM   1583 C  CG2 . ILE A 1 210 ? -9.117  -7.204  -7.017  1.00 24.63 ? 218 ILE A CG2 1 
ATOM   1584 C  CD1 . ILE A 1 210 ? -10.930 -4.774  -6.364  1.00 24.45 ? 218 ILE A CD1 1 
ATOM   1585 N  N   . THR A 1 211 ? -8.182  -8.631  -10.098 1.00 18.92 ? 219 THR A N   1 
ATOM   1586 C  CA  . THR A 1 211 ? -8.001  -10.036 -10.436 1.00 19.17 ? 219 THR A CA  1 
ATOM   1587 C  C   . THR A 1 211 ? -7.286  -10.726 -9.306  1.00 19.85 ? 219 THR A C   1 
ATOM   1588 O  O   . THR A 1 211 ? -6.168  -10.345 -8.954  1.00 17.89 ? 219 THR A O   1 
ATOM   1589 C  CB  . THR A 1 211 ? -7.167  -10.188 -11.711 1.00 21.03 ? 219 THR A CB  1 
ATOM   1590 O  OG1 . THR A 1 211 ? -7.848  -9.535  -12.787 1.00 22.21 ? 219 THR A OG1 1 
ATOM   1591 C  CG2 . THR A 1 211 ? -6.967  -11.673 -12.044 1.00 21.65 ? 219 THR A CG2 1 
ATOM   1592 N  N   . LEU A 1 212 ? -7.939  -11.721 -8.710  1.00 19.70 ? 220 LEU A N   1 
ATOM   1593 C  CA  . LEU A 1 212 ? -7.302  -12.490 -7.652  1.00 19.17 ? 220 LEU A CA  1 
ATOM   1594 C  C   . LEU A 1 212 ? -6.620  -13.702 -8.264  1.00 23.79 ? 220 LEU A C   1 
ATOM   1595 O  O   . LEU A 1 212 ? -7.296  -14.611 -8.740  1.00 22.28 ? 220 LEU A O   1 
ATOM   1596 C  CB  . LEU A 1 212 ? -8.325  -12.938 -6.602  1.00 23.88 ? 220 LEU A CB  1 
ATOM   1597 C  CG  . LEU A 1 212 ? -7.765  -13.893 -5.539  1.00 25.03 ? 220 LEU A CG  1 
ATOM   1598 C  CD1 . LEU A 1 212 ? -6.536  -13.303 -4.815  1.00 22.27 ? 220 LEU A CD1 1 
ATOM   1599 C  CD2 . LEU A 1 212 ? -8.847  -14.303 -4.528  1.00 29.50 ? 220 LEU A CD2 1 
ATOM   1600 N  N   . PHE A 1 213 ? -5.289  -13.712 -8.262  1.00 19.71 ? 221 PHE A N   1 
ATOM   1601 C  CA  . PHE A 1 213 ? -4.537  -14.866 -8.767  1.00 20.51 ? 221 PHE A CA  1 
ATOM   1602 C  C   . PHE A 1 213 ? -4.684  -16.018 -7.782  1.00 25.45 ? 221 PHE A C   1 
ATOM   1603 O  O   . PHE A 1 213 ? -4.841  -15.798 -6.572  1.00 24.31 ? 221 PHE A O   1 
ATOM   1604 C  CB  . PHE A 1 213 ? -3.037  -14.561 -8.912  1.00 18.99 ? 221 PHE A CB  1 
ATOM   1605 C  CG  . PHE A 1 213 ? -2.687  -13.608 -10.019 1.00 17.13 ? 221 PHE A CG  1 
ATOM   1606 C  CD1 . PHE A 1 213 ? -3.562  -12.607 -10.425 1.00 19.38 ? 221 PHE A CD1 1 
ATOM   1607 C  CD2 . PHE A 1 213 ? -1.457  -13.706 -10.644 1.00 17.97 ? 221 PHE A CD2 1 
ATOM   1608 C  CE1 . PHE A 1 213 ? -3.210  -11.726 -11.443 1.00 18.28 ? 221 PHE A CE1 1 
ATOM   1609 C  CE2 . PHE A 1 213 ? -1.098  -12.837 -11.655 1.00 18.27 ? 221 PHE A CE2 1 
ATOM   1610 C  CZ  . PHE A 1 213 ? -1.977  -11.853 -12.069 1.00 18.77 ? 221 PHE A CZ  1 
ATOM   1611 N  N   . VAL A 1 214 ? -4.608  -17.245 -8.295  1.00 21.76 ? 222 VAL A N   1 
ATOM   1612 C  CA  . VAL A 1 214 ? -4.598  -18.431 -7.449  1.00 25.00 ? 222 VAL A CA  1 
ATOM   1613 C  C   . VAL A 1 214 ? -3.235  -19.123 -7.525  1.00 30.35 ? 222 VAL A C   1 
ATOM   1614 O  O   . VAL A 1 214 ? -2.411  -18.787 -8.367  1.00 29.34 ? 222 VAL A O   1 
ATOM   1615 C  CB  . VAL A 1 214 ? -5.695  -19.398 -7.880  1.00 33.95 ? 222 VAL A CB  1 
ATOM   1616 C  CG1 . VAL A 1 214 ? -7.059  -18.763 -7.669  1.00 37.09 ? 222 VAL A CG1 1 
ATOM   1617 C  CG2 . VAL A 1 214 ? -5.522  -19.740 -9.320  1.00 29.50 ? 222 VAL A CG2 1 
ATOM   1618 N  N   . GLU A 1 215 ? -2.984  -20.085 -6.649  1.00 36.37 ? 223 GLU A N   1 
ATOM   1619 C  CA  . GLU A 1 215 ? -1.705  -20.796 -6.709  1.00 35.73 ? 223 GLU A CA  1 
ATOM   1620 C  C   . GLU A 1 215 ? -1.806  -22.205 -7.273  1.00 41.38 ? 223 GLU A C   1 
ATOM   1621 O  O   . GLU A 1 215 ? -2.750  -22.927 -6.978  1.00 44.41 ? 223 GLU A O   1 
ATOM   1622 C  CB  . GLU A 1 215 ? -1.035  -20.814 -5.352  1.00 40.43 ? 223 GLU A CB  1 
ATOM   1623 C  CG  . GLU A 1 215 ? -0.251  -19.563 -5.069  1.00 37.97 ? 223 GLU A CG  1 
ATOM   1624 C  CD  . GLU A 1 215 ? 0.480   -19.651 -3.756  1.00 35.53 ? 223 GLU A CD  1 
ATOM   1625 O  OE1 . GLU A 1 215 ? -0.127  -19.300 -2.725  1.00 42.10 ? 223 GLU A OE1 1 
ATOM   1626 O  OE2 . GLU A 1 215 ? 1.652   -20.080 -3.761  1.00 42.57 ? 223 GLU A OE2 1 
HETATM 1627 C  C01 . X29 B 2 .   ? 4.239   4.078   0.280   1.00 25.22 ? 301 X29 A C01 1 
HETATM 1628 C  C02 . X29 B 2 .   ? 4.103   4.777   1.499   1.00 26.44 ? 301 X29 A C02 1 
HETATM 1629 C  C03 . X29 B 2 .   ? 2.834   5.278   1.804   1.00 27.01 ? 301 X29 A C03 1 
HETATM 1630 C  C04 . X29 B 2 .   ? 3.185   3.884   -0.607  1.00 22.34 ? 301 X29 A C04 1 
HETATM 1631 N  N05 . X29 B 2 .   ? 1.974   4.392   -0.264  1.00 25.50 ? 301 X29 A N05 1 
HETATM 1632 C  C06 . X29 B 2 .   ? 1.778   5.072   0.894   1.00 24.15 ? 301 X29 A C06 1 
HETATM 1633 N  N07 . X29 B 2 .   ? 0.461   5.445   0.951   1.00 24.43 ? 301 X29 A N07 1 
HETATM 1634 N  N08 . X29 B 2 .   ? -0.136  5.013   -0.156  1.00 25.40 ? 301 X29 A N08 1 
HETATM 1635 C  C09 . X29 B 2 .   ? 0.730   4.344   -0.918  1.00 24.09 ? 301 X29 A C09 1 
HETATM 1636 BR BR1 . X29 B 2 .   ? 5.939   3.326   -0.210  1.00 29.75 ? 301 X29 A BR1 1 
HETATM 1637 C  C11 . X29 B 2 .   ? 0.446   3.837   -2.285  1.00 18.33 ? 301 X29 A C11 1 
HETATM 1638 C  C12 . X29 B 2 .   ? -0.266  2.679   -2.538  1.00 18.58 ? 301 X29 A C12 1 
HETATM 1639 C  C13 . X29 B 2 .   ? -0.572  2.345   -3.853  1.00 20.55 ? 301 X29 A C13 1 
HETATM 1640 C  C14 . X29 B 2 .   ? -0.191  3.203   -4.879  1.00 19.68 ? 301 X29 A C14 1 
HETATM 1641 C  C15 . X29 B 2 .   ? 0.465   4.395   -4.615  1.00 19.41 ? 301 X29 A C15 1 
HETATM 1642 C  C16 . X29 B 2 .   ? 0.761   4.720   -3.305  1.00 21.99 ? 301 X29 A C16 1 
HETATM 1643 O  O17 . X29 B 2 .   ? -0.532  2.883   -6.168  1.00 19.60 ? 301 X29 A O17 1 
HETATM 1644 O  O18 . X29 B 2 .   ? -0.621  1.798   -1.538  1.00 21.58 ? 301 X29 A O18 1 
HETATM 1645 CL CL1 . X29 B 2 .   ? 0.956   5.445   -5.906  1.00 23.31 ? 301 X29 A CL1 1 
HETATM 1646 O  O   . HOH C 3 .   ? 7.857   9.588   7.046   1.00 19.23 ? 401 HOH A O   1 
HETATM 1647 O  O   . HOH C 3 .   ? 0.623   3.419   -8.652  1.00 20.06 ? 402 HOH A O   1 
HETATM 1648 O  O   . HOH C 3 .   ? 8.447   2.561   12.020  1.00 21.58 ? 403 HOH A O   1 
HETATM 1649 O  O   . HOH C 3 .   ? 3.039   -12.280 -3.705  1.00 20.56 ? 404 HOH A O   1 
HETATM 1650 O  O   . HOH C 3 .   ? 14.711  -0.434  -0.398  1.00 23.02 ? 405 HOH A O   1 
HETATM 1651 O  O   . HOH C 3 .   ? 7.896   -0.240  15.261  1.00 24.62 ? 406 HOH A O   1 
HETATM 1652 O  O   . HOH C 3 .   ? -0.317  -1.296  -4.952  1.00 18.71 ? 407 HOH A O   1 
HETATM 1653 O  O   . HOH C 3 .   ? 9.303   6.412   -10.324 1.00 23.45 ? 408 HOH A O   1 
HETATM 1654 O  O   . HOH C 3 .   ? 2.778   10.759  -15.335 1.00 25.01 ? 409 HOH A O   1 
HETATM 1655 O  O   . HOH C 3 .   ? 3.368   7.971   -14.042 1.00 23.56 ? 410 HOH A O   1 
HETATM 1656 O  O   . HOH C 3 .   ? -7.979  -16.449 -10.631 1.00 22.60 ? 411 HOH A O   1 
HETATM 1657 O  O   . HOH C 3 .   ? -11.055 -0.959  -1.055  1.00 23.68 ? 412 HOH A O   1 
HETATM 1658 O  O   . HOH C 3 .   ? -1.721  -0.555  -2.476  1.00 22.87 ? 413 HOH A O   1 
HETATM 1659 O  O   . HOH C 3 .   ? 12.648  -1.134  8.993   1.00 21.42 ? 414 HOH A O   1 
HETATM 1660 O  O   . HOH C 3 .   ? -0.245  -17.703 -9.032  1.00 24.12 ? 415 HOH A O   1 
HETATM 1661 O  O   . HOH C 3 .   ? -7.144  -7.049  -12.867 1.00 26.01 ? 416 HOH A O   1 
HETATM 1662 O  O   . HOH C 3 .   ? 21.748  2.692   4.168   1.00 29.70 ? 417 HOH A O   1 
HETATM 1663 O  O   . HOH C 3 .   ? 3.829   -15.334 -7.415  1.00 27.12 ? 418 HOH A O   1 
HETATM 1664 O  O   . HOH C 3 .   ? 0.946   -8.207  -12.144 1.00 20.86 ? 419 HOH A O   1 
HETATM 1665 O  O   . HOH C 3 .   ? 15.061  0.182   7.423   1.00 25.82 ? 420 HOH A O   1 
HETATM 1666 O  O   . HOH C 3 .   ? 6.467   4.802   -16.160 1.00 28.71 ? 421 HOH A O   1 
HETATM 1667 O  O   . HOH C 3 .   ? -3.311  -3.484  15.923  1.00 22.35 ? 422 HOH A O   1 
HETATM 1668 O  O   . HOH C 3 .   ? 7.156   -12.990 5.858   1.00 30.77 ? 423 HOH A O   1 
HETATM 1669 O  O   . HOH C 3 .   ? -6.449  3.703   2.615   1.00 23.89 ? 424 HOH A O   1 
HETATM 1670 O  O   . HOH C 3 .   ? -9.975  -9.769  10.339  1.00 24.40 ? 425 HOH A O   1 
HETATM 1671 O  O   . HOH C 3 .   ? 7.738   2.771   14.680  1.00 24.81 ? 426 HOH A O   1 
HETATM 1672 O  O   . HOH C 3 .   ? -7.207  -11.584 18.000  1.00 28.84 ? 427 HOH A O   1 
HETATM 1673 O  O   . HOH C 3 .   ? -3.898  -6.065  15.282  1.00 23.72 ? 428 HOH A O   1 
HETATM 1674 O  O   . HOH C 3 .   ? 4.283   -5.554  11.643  1.00 28.41 ? 429 HOH A O   1 
HETATM 1675 O  O   . HOH C 3 .   ? -14.786 -17.016 -0.179  1.00 28.42 ? 430 HOH A O   1 
HETATM 1676 O  O   . HOH C 3 .   ? -0.212  7.302   3.007   1.00 28.05 ? 431 HOH A O   1 
HETATM 1677 O  O   . HOH C 3 .   ? 4.397   -13.253 -5.960  1.00 28.12 ? 432 HOH A O   1 
HETATM 1678 O  O   . HOH C 3 .   ? -3.820  -16.548 9.704   1.00 24.59 ? 433 HOH A O   1 
HETATM 1679 O  O   . HOH C 3 .   ? -10.870 3.116   6.867   1.00 28.30 ? 434 HOH A O   1 
HETATM 1680 O  O   . HOH C 3 .   ? -5.727  6.144   3.437   1.00 25.33 ? 435 HOH A O   1 
HETATM 1681 O  O   . HOH C 3 .   ? -7.241  5.539   -0.252  1.00 26.72 ? 436 HOH A O   1 
HETATM 1682 O  O   . HOH C 3 .   ? -2.588  5.747   3.147   1.00 22.12 ? 437 HOH A O   1 
HETATM 1683 O  O   . HOH C 3 .   ? 7.278   14.264  -6.961  1.00 32.10 ? 438 HOH A O   1 
HETATM 1684 O  O   . HOH C 3 .   ? -12.793 3.131   -7.603  1.00 28.38 ? 439 HOH A O   1 
HETATM 1685 O  O   . HOH C 3 .   ? -3.971  -7.722  17.688  1.00 31.52 ? 440 HOH A O   1 
HETATM 1686 O  O   . HOH C 3 .   ? 2.675   4.627   19.490  1.00 29.86 ? 441 HOH A O   1 
HETATM 1687 O  O   . HOH C 3 .   ? -5.953  -11.835 11.081  1.00 28.34 ? 442 HOH A O   1 
HETATM 1688 O  O   . HOH C 3 .   ? -10.395 5.850   -5.944  1.00 26.75 ? 443 HOH A O   1 
HETATM 1689 O  O   . HOH C 3 .   ? 8.416   8.514   17.339  1.00 39.24 ? 444 HOH A O   1 
HETATM 1690 O  O   . HOH C 3 .   ? -17.665 -15.767 3.940   1.00 25.66 ? 445 HOH A O   1 
HETATM 1691 O  O   . HOH C 3 .   ? 7.157   9.981   2.104   1.00 29.48 ? 446 HOH A O   1 
HETATM 1692 O  O   . HOH C 3 .   ? 15.309  -2.498  3.561   1.00 27.80 ? 447 HOH A O   1 
HETATM 1693 O  O   . HOH C 3 .   ? -1.674  15.563  -17.580 1.00 34.39 ? 448 HOH A O   1 
HETATM 1694 O  O   . HOH C 3 .   ? 10.486  -8.440  -1.617  1.00 27.44 ? 449 HOH A O   1 
HETATM 1695 O  O   . HOH C 3 .   ? -16.520 -13.113 7.505   1.00 27.84 ? 450 HOH A O   1 
HETATM 1696 O  O   . HOH C 3 .   ? -9.942  9.848   -12.649 1.00 32.67 ? 451 HOH A O   1 
HETATM 1697 O  O   . HOH C 3 .   ? 1.486   -0.069  -16.498 1.00 28.18 ? 452 HOH A O   1 
HETATM 1698 O  O   . HOH C 3 .   ? -3.218  13.637  6.232   1.00 37.10 ? 453 HOH A O   1 
HETATM 1699 O  O   . HOH C 3 .   ? -17.929 -14.315 1.206   1.00 35.55 ? 454 HOH A O   1 
HETATM 1700 O  O   . HOH C 3 .   ? 10.892  0.305   -15.192 1.00 34.55 ? 455 HOH A O   1 
HETATM 1701 O  O   . HOH C 3 .   ? 8.150   6.707   3.297   1.00 34.46 ? 456 HOH A O   1 
HETATM 1702 O  O   . HOH C 3 .   ? -12.787 5.055   -9.689  1.00 30.26 ? 457 HOH A O   1 
HETATM 1703 O  O   . HOH C 3 .   ? -12.042 1.026   -14.955 1.00 32.49 ? 458 HOH A O   1 
HETATM 1704 O  O   . HOH C 3 .   ? -0.719  -18.419 9.993   1.00 31.22 ? 459 HOH A O   1 
HETATM 1705 O  O   . HOH C 3 .   ? 5.599   -9.895  -5.681  1.00 28.82 ? 460 HOH A O   1 
HETATM 1706 O  O   . HOH C 3 .   ? 15.170  3.592   13.323  1.00 30.80 ? 461 HOH A O   1 
HETATM 1707 O  O   . HOH C 3 .   ? -9.575  9.755   -6.553  1.00 33.33 ? 462 HOH A O   1 
HETATM 1708 O  O   . HOH C 3 .   ? -13.613 -4.479  -9.407  1.00 33.54 ? 463 HOH A O   1 
HETATM 1709 O  O   . HOH C 3 .   ? -14.481 -11.363 -4.247  1.00 28.15 ? 464 HOH A O   1 
HETATM 1710 O  O   . HOH C 3 .   ? 2.256   -2.078  -12.262 1.00 28.98 ? 465 HOH A O   1 
HETATM 1711 O  O   . HOH C 3 .   ? -5.911  -20.996 -1.530  1.00 37.11 ? 466 HOH A O   1 
HETATM 1712 O  O   . HOH C 3 .   ? 11.944  -7.946  8.659   1.00 32.22 ? 467 HOH A O   1 
HETATM 1713 O  O   . HOH C 3 .   ? -2.225  10.992  3.820   1.00 32.48 ? 468 HOH A O   1 
HETATM 1714 O  O   . HOH C 3 .   ? -4.885  -10.351 17.083  1.00 29.30 ? 469 HOH A O   1 
HETATM 1715 O  O   . HOH C 3 .   ? -10.401 -12.622 -9.736  1.00 27.68 ? 470 HOH A O   1 
HETATM 1716 O  O   . HOH C 3 .   ? -6.868  -11.298 13.984  1.00 37.50 ? 471 HOH A O   1 
HETATM 1717 O  O   . HOH C 3 .   ? -0.664  -5.641  14.815  1.00 27.29 ? 472 HOH A O   1 
HETATM 1718 O  O   . HOH C 3 .   ? 13.744  -4.401  6.977   1.00 29.19 ? 473 HOH A O   1 
HETATM 1719 O  O   . HOH C 3 .   ? 8.677   7.164   -18.641 1.00 40.68 ? 474 HOH A O   1 
HETATM 1720 O  O   . HOH C 3 .   ? 7.125   -12.412 -3.249  1.00 32.02 ? 475 HOH A O   1 
HETATM 1721 O  O   . HOH C 3 .   ? -11.146 -5.602  0.769   1.00 28.25 ? 476 HOH A O   1 
HETATM 1722 O  O   . HOH C 3 .   ? 10.150  -10.871 5.789   1.00 36.60 ? 477 HOH A O   1 
HETATM 1723 O  O   . HOH C 3 .   ? 1.448   -16.791 -7.077  1.00 26.52 ? 478 HOH A O   1 
HETATM 1724 O  O   . HOH C 3 .   ? 18.235  5.413   -2.881  1.00 32.98 ? 479 HOH A O   1 
HETATM 1725 O  O   . HOH C 3 .   ? 11.467  11.683  7.025   1.00 37.99 ? 480 HOH A O   1 
HETATM 1726 O  O   . HOH C 3 .   ? 4.387   -10.027 -8.504  1.00 38.47 ? 481 HOH A O   1 
HETATM 1727 O  O   . HOH C 3 .   ? -13.367 3.777   -12.413 1.00 36.69 ? 482 HOH A O   1 
HETATM 1728 O  O   . HOH C 3 .   ? 15.017  -6.859  3.058   1.00 32.44 ? 483 HOH A O   1 
HETATM 1729 O  O   . HOH C 3 .   ? 14.874  10.055  -12.211 1.00 43.36 ? 484 HOH A O   1 
HETATM 1730 O  O   . HOH C 3 .   ? 0.387   -11.483 14.286  1.00 37.83 ? 485 HOH A O   1 
HETATM 1731 O  O   . HOH C 3 .   ? 9.776   3.427   16.063  1.00 32.93 ? 486 HOH A O   1 
HETATM 1732 O  O   . HOH C 3 .   ? 20.080  2.983   -5.347  1.00 30.57 ? 487 HOH A O   1 
HETATM 1733 O  O   . HOH C 3 .   ? -10.490 -11.958 14.105  1.00 30.64 ? 488 HOH A O   1 
HETATM 1734 O  O   . HOH C 3 .   ? -2.838  14.453  -5.775  1.00 36.65 ? 489 HOH A O   1 
HETATM 1735 O  O   . HOH C 3 .   ? 9.306   -11.154 -2.294  1.00 33.24 ? 490 HOH A O   1 
HETATM 1736 O  O   . HOH C 3 .   ? 11.858  -3.395  13.001  1.00 34.20 ? 491 HOH A O   1 
HETATM 1737 O  O   . HOH C 3 .   ? 19.031  0.301   6.745   1.00 32.03 ? 492 HOH A O   1 
HETATM 1738 O  O   . HOH C 3 .   ? 11.626  12.941  -7.234  1.00 28.65 ? 493 HOH A O   1 
HETATM 1739 O  O   . HOH C 3 .   ? -0.788  -0.716  -17.783 1.00 29.43 ? 494 HOH A O   1 
HETATM 1740 O  O   . HOH C 3 .   ? -5.905  -17.001 -4.274  1.00 32.06 ? 495 HOH A O   1 
HETATM 1741 O  O   . HOH C 3 .   ? 6.236   -13.424 12.148  1.00 37.53 ? 496 HOH A O   1 
HETATM 1742 O  O   . HOH C 3 .   ? -17.729 -11.604 1.919   1.00 25.09 ? 497 HOH A O   1 
HETATM 1743 O  O   . HOH C 3 .   ? 0.971   -20.905 4.101   1.00 40.37 ? 498 HOH A O   1 
HETATM 1744 O  O   . HOH C 3 .   ? 6.378   7.560   5.404   1.00 29.31 ? 499 HOH A O   1 
HETATM 1745 O  O   . HOH C 3 .   ? 2.488   1.637   20.856  1.00 35.38 ? 500 HOH A O   1 
HETATM 1746 O  O   . HOH C 3 .   ? 13.842  -1.818  5.750   1.00 30.42 ? 501 HOH A O   1 
HETATM 1747 O  O   . HOH C 3 .   ? -8.018  -0.314  -18.511 1.00 32.58 ? 502 HOH A O   1 
HETATM 1748 O  O   . HOH C 3 .   ? 8.497   -5.904  11.641  1.00 31.93 ? 503 HOH A O   1 
HETATM 1749 O  O   . HOH C 3 .   ? -10.124 4.036   2.973   1.00 31.36 ? 504 HOH A O   1 
HETATM 1750 O  O   . HOH C 3 .   ? 15.405  -6.056  5.679   1.00 37.32 ? 505 HOH A O   1 
HETATM 1751 O  O   . HOH C 3 .   ? -3.601  -3.010  23.395  1.00 37.73 ? 506 HOH A O   1 
HETATM 1752 O  O   . HOH C 3 .   ? -8.653  0.067   17.658  1.00 32.23 ? 507 HOH A O   1 
HETATM 1753 O  O   . HOH C 3 .   ? -2.780  6.426   -3.785  1.00 27.63 ? 508 HOH A O   1 
HETATM 1754 O  O   . HOH C 3 .   ? 2.715   10.157  -7.398  1.00 31.56 ? 509 HOH A O   1 
HETATM 1755 O  O   . HOH C 3 .   ? -10.077 -17.872 -9.488  1.00 34.52 ? 510 HOH A O   1 
HETATM 1756 O  O   . HOH C 3 .   ? 3.412   -19.177 3.651   1.00 35.76 ? 511 HOH A O   1 
HETATM 1757 O  O   . HOH C 3 .   ? -9.865  -0.413  -16.266 1.00 32.77 ? 512 HOH A O   1 
HETATM 1758 O  O   . HOH C 3 .   ? 7.980   -13.099 3.149   1.00 31.46 ? 513 HOH A O   1 
HETATM 1759 O  O   . HOH C 3 .   ? -1.053  -6.334  17.556  1.00 32.99 ? 514 HOH A O   1 
HETATM 1760 O  O   . HOH C 3 .   ? 10.548  -7.939  12.031  1.00 46.06 ? 515 HOH A O   1 
HETATM 1761 O  O   . HOH C 3 .   ? 14.053  2.342   -13.987 1.00 35.21 ? 516 HOH A O   1 
HETATM 1762 O  O   . HOH C 3 .   ? -6.273  16.012  -17.120 1.00 35.65 ? 517 HOH A O   1 
HETATM 1763 O  O   . HOH C 3 .   ? -14.588 -3.238  9.448   1.00 37.27 ? 518 HOH A O   1 
HETATM 1764 O  O   . HOH C 3 .   ? -6.753  -13.420 20.167  1.00 36.80 ? 519 HOH A O   1 
HETATM 1765 O  O   . HOH C 3 .   ? 9.291   11.429  5.184   1.00 36.09 ? 520 HOH A O   1 
HETATM 1766 O  O   . HOH C 3 .   ? 7.738   2.385   -18.279 1.00 36.74 ? 521 HOH A O   1 
HETATM 1767 O  O   . HOH C 3 .   ? 15.622  -3.564  -5.499  1.00 44.28 ? 522 HOH A O   1 
HETATM 1768 O  O   . HOH C 3 .   ? -16.569 -15.167 -0.859  1.00 34.35 ? 523 HOH A O   1 
HETATM 1769 O  O   . HOH C 3 .   ? 5.630   -16.367 -9.193  1.00 35.28 ? 524 HOH A O   1 
HETATM 1770 O  O   . HOH C 3 .   ? -3.531  16.844  -15.613 1.00 41.58 ? 525 HOH A O   1 
HETATM 1771 O  O   . HOH C 3 .   ? -4.439  -18.980 -3.679  1.00 36.48 ? 526 HOH A O   1 
HETATM 1772 O  O   . HOH C 3 .   ? -14.367 -5.413  -6.498  1.00 33.43 ? 527 HOH A O   1 
HETATM 1773 O  O   . HOH C 3 .   ? -6.800  3.453   -20.586 1.00 38.48 ? 528 HOH A O   1 
HETATM 1774 O  O   . HOH C 3 .   ? 13.813  0.928   16.327  1.00 40.72 ? 529 HOH A O   1 
# 
loop_
_pdbx_poly_seq_scheme.asym_id 
_pdbx_poly_seq_scheme.entity_id 
_pdbx_poly_seq_scheme.seq_id 
_pdbx_poly_seq_scheme.mon_id 
_pdbx_poly_seq_scheme.ndb_seq_num 
_pdbx_poly_seq_scheme.pdb_seq_num 
_pdbx_poly_seq_scheme.auth_seq_num 
_pdbx_poly_seq_scheme.pdb_mon_id 
_pdbx_poly_seq_scheme.auth_mon_id 
_pdbx_poly_seq_scheme.pdb_strand_id 
_pdbx_poly_seq_scheme.pdb_ins_code 
_pdbx_poly_seq_scheme.hetero 
A 1 1   ASP 1   9   ?   ?   ?   A . n 
A 1 2   GLN 2   10  ?   ?   ?   A . n 
A 1 3   PRO 3   11  ?   ?   ?   A . n 
A 1 4   MET 4   12  ?   ?   ?   A . n 
A 1 5   GLU 5   13  ?   ?   ?   A . n 
A 1 6   GLU 6   14  ?   ?   ?   A . n 
A 1 7   GLU 7   15  ?   ?   ?   A . n 
A 1 8   GLU 8   16  ?   ?   ?   A . n 
A 1 9   VAL 9   17  17  VAL VAL A . n 
A 1 10  GLU 10  18  18  GLU GLU A . n 
A 1 11  THR 11  19  19  THR THR A . n 
A 1 12  PHE 12  20  20  PHE PHE A . n 
A 1 13  ALA 13  21  21  ALA ALA A . n 
A 1 14  PHE 14  22  22  PHE PHE A . n 
A 1 15  GLN 15  23  23  GLN GLN A . n 
A 1 16  ALA 16  24  24  ALA ALA A . n 
A 1 17  GLU 17  25  25  GLU GLU A . n 
A 1 18  ILE 18  26  26  ILE ILE A . n 
A 1 19  ALA 19  27  27  ALA ALA A . n 
A 1 20  GLN 20  28  28  GLN GLN A . n 
A 1 21  LEU 21  29  29  LEU LEU A . n 
A 1 22  MET 22  30  30  MET MET A . n 
A 1 23  SER 23  31  31  SER SER A . n 
A 1 24  LEU 24  32  32  LEU LEU A . n 
A 1 25  ILE 25  33  33  ILE ILE A . n 
A 1 26  ILE 26  34  34  ILE ILE A . n 
A 1 27  ASN 27  35  35  ASN ASN A . n 
A 1 28  THR 28  36  36  THR THR A . n 
A 1 29  PHE 29  37  37  PHE PHE A . n 
A 1 30  TYR 30  38  38  TYR TYR A . n 
A 1 31  SER 31  39  39  SER SER A . n 
A 1 32  ASN 32  40  40  ASN ASN A . n 
A 1 33  LYS 33  41  41  LYS LYS A . n 
A 1 34  GLU 34  42  42  GLU GLU A . n 
A 1 35  ILE 35  43  43  ILE ILE A . n 
A 1 36  PHE 36  44  44  PHE PHE A . n 
A 1 37  LEU 37  45  45  LEU LEU A . n 
A 1 38  ARG 38  46  46  ARG ARG A . n 
A 1 39  GLU 39  47  47  GLU GLU A . n 
A 1 40  LEU 40  48  48  LEU LEU A . n 
A 1 41  ILE 41  49  49  ILE ILE A . n 
A 1 42  SER 42  50  50  SER SER A . n 
A 1 43  ASN 43  51  51  ASN ASN A . n 
A 1 44  SER 44  52  52  SER SER A . n 
A 1 45  SER 45  53  53  SER SER A . n 
A 1 46  ASP 46  54  54  ASP ASP A . n 
A 1 47  ALA 47  55  55  ALA ALA A . n 
A 1 48  LEU 48  56  56  LEU LEU A . n 
A 1 49  ASP 49  57  57  ASP ASP A . n 
A 1 50  LYS 50  58  58  LYS LYS A . n 
A 1 51  ILE 51  59  59  ILE ILE A . n 
A 1 52  ARG 52  60  60  ARG ARG A . n 
A 1 53  TYR 53  61  61  TYR TYR A . n 
A 1 54  GLU 54  62  62  GLU GLU A . n 
A 1 55  SER 55  63  63  SER SER A . n 
A 1 56  LEU 56  64  64  LEU LEU A . n 
A 1 57  THR 57  65  65  THR THR A . n 
A 1 58  ASP 58  66  66  ASP ASP A . n 
A 1 59  PRO 59  67  67  PRO PRO A . n 
A 1 60  SER 60  68  68  SER SER A . n 
A 1 61  LYS 61  69  69  LYS LYS A . n 
A 1 62  LEU 62  70  70  LEU LEU A . n 
A 1 63  ASP 63  71  71  ASP ASP A . n 
A 1 64  SER 64  72  72  SER SER A . n 
A 1 65  GLY 65  73  73  GLY GLY A . n 
A 1 66  LYS 66  74  74  LYS LYS A . n 
A 1 67  GLU 67  75  75  GLU GLU A . n 
A 1 68  LEU 68  76  76  LEU LEU A . n 
A 1 69  HIS 69  77  77  HIS HIS A . n 
A 1 70  ILE 70  78  78  ILE ILE A . n 
A 1 71  ASN 71  79  79  ASN ASN A . n 
A 1 72  LEU 72  80  80  LEU LEU A . n 
A 1 73  ILE 73  81  81  ILE ILE A . n 
A 1 74  PRO 74  82  82  PRO PRO A . n 
A 1 75  ASN 75  83  83  ASN ASN A . n 
A 1 76  LYS 76  84  84  LYS LYS A . n 
A 1 77  GLN 77  85  85  GLN GLN A . n 
A 1 78  ASP 78  86  86  ASP ASP A . n 
A 1 79  ARG 79  87  87  ARG ARG A . n 
A 1 80  THR 80  88  88  THR THR A . n 
A 1 81  LEU 81  89  89  LEU LEU A . n 
A 1 82  THR 82  90  90  THR THR A . n 
A 1 83  ILE 83  91  91  ILE ILE A . n 
A 1 84  VAL 84  92  92  VAL VAL A . n 
A 1 85  ASP 85  93  93  ASP ASP A . n 
A 1 86  THR 86  94  94  THR THR A . n 
A 1 87  GLY 87  95  95  GLY GLY A . n 
A 1 88  ILE 88  96  96  ILE ILE A . n 
A 1 89  GLY 89  97  97  GLY GLY A . n 
A 1 90  MET 90  98  98  MET MET A . n 
A 1 91  THR 91  99  99  THR THR A . n 
A 1 92  LYS 92  100 100 LYS LYS A . n 
A 1 93  ALA 93  101 101 ALA ALA A . n 
A 1 94  ASP 94  102 102 ASP ASP A . n 
A 1 95  LEU 95  103 103 LEU LEU A . n 
A 1 96  ILE 96  104 104 ILE ILE A . n 
A 1 97  ASN 97  105 105 ASN ASN A . n 
A 1 98  ASN 98  106 106 ASN ASN A . n 
A 1 99  LEU 99  107 107 LEU LEU A . n 
A 1 100 GLY 100 108 108 GLY GLY A . n 
A 1 101 THR 101 109 109 THR THR A . n 
A 1 102 ILE 102 110 110 ILE ILE A . n 
A 1 103 ALA 103 111 111 ALA ALA A . n 
A 1 104 LYS 104 112 112 LYS LYS A . n 
A 1 105 SER 105 113 113 SER SER A . n 
A 1 106 GLY 106 114 114 GLY GLY A . n 
A 1 107 THR 107 115 115 THR THR A . n 
A 1 108 LYS 108 116 116 LYS LYS A . n 
A 1 109 ALA 109 117 117 ALA ALA A . n 
A 1 110 PHE 110 118 118 PHE PHE A . n 
A 1 111 MET 111 119 119 MET MET A . n 
A 1 112 GLU 112 120 120 GLU GLU A . n 
A 1 113 ALA 113 121 121 ALA ALA A . n 
A 1 114 LEU 114 122 122 LEU LEU A . n 
A 1 115 GLN 115 123 123 GLN GLN A . n 
A 1 116 ALA 116 124 124 ALA ALA A . n 
A 1 117 GLY 117 125 125 GLY GLY A . n 
A 1 118 ALA 118 126 126 ALA ALA A . n 
A 1 119 ASP 119 127 127 ASP ASP A . n 
A 1 120 ILE 120 128 128 ILE ILE A . n 
A 1 121 SER 121 129 129 SER SER A . n 
A 1 122 MET 122 130 130 MET MET A . n 
A 1 123 ILE 123 131 131 ILE ILE A . n 
A 1 124 GLY 124 132 132 GLY GLY A . n 
A 1 125 GLN 125 133 133 GLN GLN A . n 
A 1 126 PHE 126 134 134 PHE PHE A . n 
A 1 127 GLY 127 135 135 GLY GLY A . n 
A 1 128 VAL 128 136 136 VAL VAL A . n 
A 1 129 GLY 129 137 137 GLY GLY A . n 
A 1 130 PHE 130 138 138 PHE PHE A . n 
A 1 131 TYR 131 139 139 TYR TYR A . n 
A 1 132 SER 132 140 140 SER SER A . n 
A 1 133 ALA 133 141 141 ALA ALA A . n 
A 1 134 TYR 134 142 142 TYR TYR A . n 
A 1 135 LEU 135 143 143 LEU LEU A . n 
A 1 136 VAL 136 144 144 VAL VAL A . n 
A 1 137 ALA 137 145 145 ALA ALA A . n 
A 1 138 GLU 138 146 146 GLU GLU A . n 
A 1 139 LYS 139 147 147 LYS LYS A . n 
A 1 140 VAL 140 148 148 VAL VAL A . n 
A 1 141 THR 141 149 149 THR THR A . n 
A 1 142 VAL 142 150 150 VAL VAL A . n 
A 1 143 ILE 143 151 151 ILE ILE A . n 
A 1 144 THR 144 152 152 THR THR A . n 
A 1 145 LYS 145 153 153 LYS LYS A . n 
A 1 146 HIS 146 154 154 HIS HIS A . n 
A 1 147 ASN 147 155 155 ASN ASN A . n 
A 1 148 ASP 148 156 156 ASP ASP A . n 
A 1 149 ASP 149 157 157 ASP ASP A . n 
A 1 150 GLU 150 158 158 GLU GLU A . n 
A 1 151 GLN 151 159 159 GLN GLN A . n 
A 1 152 TYR 152 160 160 TYR TYR A . n 
A 1 153 ALA 153 161 161 ALA ALA A . n 
A 1 154 TRP 154 162 162 TRP TRP A . n 
A 1 155 GLU 155 163 163 GLU GLU A . n 
A 1 156 SER 156 164 164 SER SER A . n 
A 1 157 SER 157 165 165 SER SER A . n 
A 1 158 ALA 158 166 166 ALA ALA A . n 
A 1 159 GLY 159 167 167 GLY GLY A . n 
A 1 160 GLY 160 168 168 GLY GLY A . n 
A 1 161 SER 161 169 169 SER SER A . n 
A 1 162 PHE 162 170 170 PHE PHE A . n 
A 1 163 THR 163 171 171 THR THR A . n 
A 1 164 VAL 164 172 172 VAL VAL A . n 
A 1 165 ARG 165 173 173 ARG ARG A . n 
A 1 166 THR 166 174 174 THR THR A . n 
A 1 167 ASP 167 175 175 ASP ASP A . n 
A 1 168 THR 168 176 176 THR THR A . n 
A 1 169 GLY 169 177 177 GLY GLY A . n 
A 1 170 GLU 170 178 178 GLU GLU A . n 
A 1 171 PRO 171 179 179 PRO PRO A . n 
A 1 172 MET 172 180 180 MET MET A . n 
A 1 173 GLY 173 181 181 GLY GLY A . n 
A 1 174 ARG 174 182 182 ARG ARG A . n 
A 1 175 GLY 175 183 183 GLY GLY A . n 
A 1 176 THR 176 184 184 THR THR A . n 
A 1 177 LYS 177 185 185 LYS LYS A . n 
A 1 178 VAL 178 186 186 VAL VAL A . n 
A 1 179 ILE 179 187 187 ILE ILE A . n 
A 1 180 LEU 180 188 188 LEU LEU A . n 
A 1 181 HIS 181 189 189 HIS HIS A . n 
A 1 182 LEU 182 190 190 LEU LEU A . n 
A 1 183 LYS 183 191 191 LYS LYS A . n 
A 1 184 GLU 184 192 192 GLU GLU A . n 
A 1 185 ASP 185 193 193 ASP ASP A . n 
A 1 186 GLN 186 194 194 GLN GLN A . n 
A 1 187 THR 187 195 195 THR THR A . n 
A 1 188 GLU 188 196 196 GLU GLU A . n 
A 1 189 TYR 189 197 197 TYR TYR A . n 
A 1 190 LEU 190 198 198 LEU LEU A . n 
A 1 191 GLU 191 199 199 GLU GLU A . n 
A 1 192 GLU 192 200 200 GLU GLU A . n 
A 1 193 ARG 193 201 201 ARG ARG A . n 
A 1 194 ARG 194 202 202 ARG ARG A . n 
A 1 195 ILE 195 203 203 ILE ILE A . n 
A 1 196 LYS 196 204 204 LYS LYS A . n 
A 1 197 GLU 197 205 205 GLU GLU A . n 
A 1 198 ILE 198 206 206 ILE ILE A . n 
A 1 199 VAL 199 207 207 VAL VAL A . n 
A 1 200 LYS 200 208 208 LYS LYS A . n 
A 1 201 LYS 201 209 209 LYS LYS A . n 
A 1 202 HIS 202 210 210 HIS HIS A . n 
A 1 203 SER 203 211 211 SER SER A . n 
A 1 204 GLN 204 212 212 GLN GLN A . n 
A 1 205 PHE 205 213 213 PHE PHE A . n 
A 1 206 ILE 206 214 214 ILE ILE A . n 
A 1 207 GLY 207 215 215 GLY GLY A . n 
A 1 208 TYR 208 216 216 TYR TYR A . n 
A 1 209 PRO 209 217 217 PRO PRO A . n 
A 1 210 ILE 210 218 218 ILE ILE A . n 
A 1 211 THR 211 219 219 THR THR A . n 
A 1 212 LEU 212 220 220 LEU LEU A . n 
A 1 213 PHE 213 221 221 PHE PHE A . n 
A 1 214 VAL 214 222 222 VAL VAL A . n 
A 1 215 GLU 215 223 223 GLU GLU A . n 
A 1 216 LYS 216 224 ?   ?   ?   A . n 
A 1 217 GLU 217 225 ?   ?   ?   A . n 
A 1 218 ARG 218 226 ?   ?   ?   A . n 
A 1 219 ASP 219 227 ?   ?   ?   A . n 
A 1 220 LYS 220 228 ?   ?   ?   A . n 
A 1 221 GLU 221 229 ?   ?   ?   A . n 
A 1 222 VAL 222 230 ?   ?   ?   A . n 
A 1 223 SER 223 231 ?   ?   ?   A . n 
A 1 224 ASP 224 232 ?   ?   ?   A . n 
A 1 225 ASP 225 233 ?   ?   ?   A . n 
A 1 226 GLU 226 234 ?   ?   ?   A . n 
A 1 227 ALA 227 235 ?   ?   ?   A . n 
A 1 228 GLU 228 236 ?   ?   ?   A . n 
# 
loop_
_pdbx_nonpoly_scheme.asym_id 
_pdbx_nonpoly_scheme.entity_id 
_pdbx_nonpoly_scheme.mon_id 
_pdbx_nonpoly_scheme.ndb_seq_num 
_pdbx_nonpoly_scheme.pdb_seq_num 
_pdbx_nonpoly_scheme.auth_seq_num 
_pdbx_nonpoly_scheme.pdb_mon_id 
_pdbx_nonpoly_scheme.auth_mon_id 
_pdbx_nonpoly_scheme.pdb_strand_id 
_pdbx_nonpoly_scheme.pdb_ins_code 
B 2 X29 1   301 301 X29 X29 A . 
C 3 HOH 1   401 1   HOH HOH A . 
C 3 HOH 2   402 2   HOH HOH A . 
C 3 HOH 3   403 3   HOH HOH A . 
C 3 HOH 4   404 4   HOH HOH A . 
C 3 HOH 5   405 5   HOH HOH A . 
C 3 HOH 6   406 6   HOH HOH A . 
C 3 HOH 7   407 7   HOH HOH A . 
C 3 HOH 8   408 8   HOH HOH A . 
C 3 HOH 9   409 9   HOH HOH A . 
C 3 HOH 10  410 10  HOH HOH A . 
C 3 HOH 11  411 11  HOH HOH A . 
C 3 HOH 12  412 12  HOH HOH A . 
C 3 HOH 13  413 13  HOH HOH A . 
C 3 HOH 14  414 14  HOH HOH A . 
C 3 HOH 15  415 15  HOH HOH A . 
C 3 HOH 16  416 16  HOH HOH A . 
C 3 HOH 17  417 17  HOH HOH A . 
C 3 HOH 18  418 18  HOH HOH A . 
C 3 HOH 19  419 19  HOH HOH A . 
C 3 HOH 20  420 20  HOH HOH A . 
C 3 HOH 21  421 21  HOH HOH A . 
C 3 HOH 22  422 22  HOH HOH A . 
C 3 HOH 23  423 23  HOH HOH A . 
C 3 HOH 24  424 24  HOH HOH A . 
C 3 HOH 25  425 25  HOH HOH A . 
C 3 HOH 26  426 26  HOH HOH A . 
C 3 HOH 27  427 27  HOH HOH A . 
C 3 HOH 28  428 28  HOH HOH A . 
C 3 HOH 29  429 29  HOH HOH A . 
C 3 HOH 30  430 30  HOH HOH A . 
C 3 HOH 31  431 31  HOH HOH A . 
C 3 HOH 32  432 32  HOH HOH A . 
C 3 HOH 33  433 33  HOH HOH A . 
C 3 HOH 34  434 34  HOH HOH A . 
C 3 HOH 35  435 35  HOH HOH A . 
C 3 HOH 36  436 36  HOH HOH A . 
C 3 HOH 37  437 37  HOH HOH A . 
C 3 HOH 38  438 38  HOH HOH A . 
C 3 HOH 39  439 39  HOH HOH A . 
C 3 HOH 40  440 40  HOH HOH A . 
C 3 HOH 41  441 41  HOH HOH A . 
C 3 HOH 42  442 42  HOH HOH A . 
C 3 HOH 43  443 43  HOH HOH A . 
C 3 HOH 44  444 44  HOH HOH A . 
C 3 HOH 45  445 45  HOH HOH A . 
C 3 HOH 46  446 46  HOH HOH A . 
C 3 HOH 47  447 47  HOH HOH A . 
C 3 HOH 48  448 48  HOH HOH A . 
C 3 HOH 49  449 49  HOH HOH A . 
C 3 HOH 50  450 50  HOH HOH A . 
C 3 HOH 51  451 51  HOH HOH A . 
C 3 HOH 52  452 52  HOH HOH A . 
C 3 HOH 53  453 53  HOH HOH A . 
C 3 HOH 54  454 54  HOH HOH A . 
C 3 HOH 55  455 55  HOH HOH A . 
C 3 HOH 56  456 56  HOH HOH A . 
C 3 HOH 57  457 57  HOH HOH A . 
C 3 HOH 58  458 58  HOH HOH A . 
C 3 HOH 59  459 59  HOH HOH A . 
C 3 HOH 60  460 60  HOH HOH A . 
C 3 HOH 61  461 61  HOH HOH A . 
C 3 HOH 62  462 62  HOH HOH A . 
C 3 HOH 63  463 63  HOH HOH A . 
C 3 HOH 64  464 64  HOH HOH A . 
C 3 HOH 65  465 65  HOH HOH A . 
C 3 HOH 66  466 66  HOH HOH A . 
C 3 HOH 67  467 67  HOH HOH A . 
C 3 HOH 68  468 68  HOH HOH A . 
C 3 HOH 69  469 69  HOH HOH A . 
C 3 HOH 70  470 70  HOH HOH A . 
C 3 HOH 71  471 71  HOH HOH A . 
C 3 HOH 72  472 72  HOH HOH A . 
C 3 HOH 73  473 73  HOH HOH A . 
C 3 HOH 74  474 74  HOH HOH A . 
C 3 HOH 75  475 75  HOH HOH A . 
C 3 HOH 76  476 76  HOH HOH A . 
C 3 HOH 77  477 77  HOH HOH A . 
C 3 HOH 78  478 78  HOH HOH A . 
C 3 HOH 79  479 79  HOH HOH A . 
C 3 HOH 80  480 80  HOH HOH A . 
C 3 HOH 81  481 81  HOH HOH A . 
C 3 HOH 82  482 82  HOH HOH A . 
C 3 HOH 83  483 83  HOH HOH A . 
C 3 HOH 84  484 84  HOH HOH A . 
C 3 HOH 85  485 85  HOH HOH A . 
C 3 HOH 86  486 86  HOH HOH A . 
C 3 HOH 87  487 87  HOH HOH A . 
C 3 HOH 88  488 88  HOH HOH A . 
C 3 HOH 89  489 89  HOH HOH A . 
C 3 HOH 90  490 90  HOH HOH A . 
C 3 HOH 91  491 91  HOH HOH A . 
C 3 HOH 92  492 92  HOH HOH A . 
C 3 HOH 93  493 93  HOH HOH A . 
C 3 HOH 94  494 94  HOH HOH A . 
C 3 HOH 95  495 95  HOH HOH A . 
C 3 HOH 96  496 96  HOH HOH A . 
C 3 HOH 97  497 97  HOH HOH A . 
C 3 HOH 98  498 98  HOH HOH A . 
C 3 HOH 99  499 99  HOH HOH A . 
C 3 HOH 100 500 100 HOH HOH A . 
C 3 HOH 101 501 101 HOH HOH A . 
C 3 HOH 102 502 102 HOH HOH A . 
C 3 HOH 103 503 103 HOH HOH A . 
C 3 HOH 104 504 104 HOH HOH A . 
C 3 HOH 105 505 105 HOH HOH A . 
C 3 HOH 106 506 106 HOH HOH A . 
C 3 HOH 107 507 107 HOH HOH A . 
C 3 HOH 108 508 108 HOH HOH A . 
C 3 HOH 109 509 109 HOH HOH A . 
C 3 HOH 110 510 110 HOH HOH A . 
C 3 HOH 111 511 111 HOH HOH A . 
C 3 HOH 112 512 112 HOH HOH A . 
C 3 HOH 113 513 113 HOH HOH A . 
C 3 HOH 114 514 114 HOH HOH A . 
C 3 HOH 115 515 115 HOH HOH A . 
C 3 HOH 116 516 116 HOH HOH A . 
C 3 HOH 117 517 117 HOH HOH A . 
C 3 HOH 118 518 118 HOH HOH A . 
C 3 HOH 119 519 119 HOH HOH A . 
C 3 HOH 120 520 120 HOH HOH A . 
C 3 HOH 121 521 121 HOH HOH A . 
C 3 HOH 122 522 122 HOH HOH A . 
C 3 HOH 123 523 123 HOH HOH A . 
C 3 HOH 124 524 124 HOH HOH A . 
C 3 HOH 125 525 125 HOH HOH A . 
C 3 HOH 126 526 126 HOH HOH A . 
C 3 HOH 127 527 127 HOH HOH A . 
C 3 HOH 128 528 128 HOH HOH A . 
C 3 HOH 129 529 129 HOH HOH A . 
# 
_pdbx_struct_assembly.id                   1 
_pdbx_struct_assembly.details              author_and_software_defined_assembly 
_pdbx_struct_assembly.method_details       PISA 
_pdbx_struct_assembly.oligomeric_details   monomeric 
_pdbx_struct_assembly.oligomeric_count     1 
# 
_pdbx_struct_assembly_gen.assembly_id       1 
_pdbx_struct_assembly_gen.oper_expression   1 
_pdbx_struct_assembly_gen.asym_id_list      A,B,C 
# 
_pdbx_struct_oper_list.id                   1 
_pdbx_struct_oper_list.type                 'identity operation' 
_pdbx_struct_oper_list.name                 1_555 
_pdbx_struct_oper_list.symmetry_operation   x,y,z 
_pdbx_struct_oper_list.matrix[1][1]         1.0000000000 
_pdbx_struct_oper_list.matrix[1][2]         0.0000000000 
_pdbx_struct_oper_list.matrix[1][3]         0.0000000000 
_pdbx_struct_oper_list.vector[1]            0.0000000000 
_pdbx_struct_oper_list.matrix[2][1]         0.0000000000 
_pdbx_struct_oper_list.matrix[2][2]         1.0000000000 
_pdbx_struct_oper_list.matrix[2][3]         0.0000000000 
_pdbx_struct_oper_list.vector[2]            0.0000000000 
_pdbx_struct_oper_list.matrix[3][1]         0.0000000000 
_pdbx_struct_oper_list.matrix[3][2]         0.0000000000 
_pdbx_struct_oper_list.matrix[3][3]         1.0000000000 
_pdbx_struct_oper_list.vector[3]            0.0000000000 
# 
loop_
_pdbx_audit_revision_history.ordinal 
_pdbx_audit_revision_history.data_content_type 
_pdbx_audit_revision_history.major_revision 
_pdbx_audit_revision_history.minor_revision 
_pdbx_audit_revision_history.revision_date 
1 'Structure model' 1 0 2014-06-18 
2 'Structure model' 1 1 2023-11-08 
# 
_pdbx_audit_revision_details.ordinal             1 
_pdbx_audit_revision_details.revision_ordinal    1 
_pdbx_audit_revision_details.data_content_type   'Structure model' 
_pdbx_audit_revision_details.provider            repository 
_pdbx_audit_revision_details.type                'Initial release' 
_pdbx_audit_revision_details.description         ? 
_pdbx_audit_revision_details.details             ? 
# 
loop_
_pdbx_audit_revision_group.ordinal 
_pdbx_audit_revision_group.revision_ordinal 
_pdbx_audit_revision_group.data_content_type 
_pdbx_audit_revision_group.group 
1 2 'Structure model' 'Data collection'        
2 2 'Structure model' 'Database references'    
3 2 'Structure model' 'Derived calculations'   
4 2 'Structure model' 'Refinement description' 
# 
loop_
_pdbx_audit_revision_category.ordinal 
_pdbx_audit_revision_category.revision_ordinal 
_pdbx_audit_revision_category.data_content_type 
_pdbx_audit_revision_category.category 
1 2 'Structure model' chem_comp_atom                
2 2 'Structure model' chem_comp_bond                
3 2 'Structure model' database_2                    
4 2 'Structure model' pdbx_initial_refinement_model 
5 2 'Structure model' struct_site                   
# 
loop_
_pdbx_audit_revision_item.ordinal 
_pdbx_audit_revision_item.revision_ordinal 
_pdbx_audit_revision_item.data_content_type 
_pdbx_audit_revision_item.item 
1 2 'Structure model' '_database_2.pdbx_DOI'                
2 2 'Structure model' '_database_2.pdbx_database_accession' 
3 2 'Structure model' '_struct_site.pdbx_auth_asym_id'      
4 2 'Structure model' '_struct_site.pdbx_auth_comp_id'      
5 2 'Structure model' '_struct_site.pdbx_auth_seq_id'       
# 
loop_
_software.name 
_software.classification 
_software.version 
_software.citation_id 
_software.pdbx_ordinal 
HKL-2000 'data collection' .                            ? 1 
PHENIX   'model building'  .                            ? 2 
PHENIX   refinement        '(phenix.refine: 1.6.2_432)' ? 3 
HKL-2000 'data reduction'  .                            ? 4 
HKL-2000 'data scaling'    .                            ? 5 
PHENIX   phasing           .                            ? 6 
# 
loop_
_pdbx_validate_torsion.id 
_pdbx_validate_torsion.PDB_model_num 
_pdbx_validate_torsion.auth_comp_id 
_pdbx_validate_torsion.auth_asym_id 
_pdbx_validate_torsion.auth_seq_id 
_pdbx_validate_torsion.PDB_ins_code 
_pdbx_validate_torsion.label_alt_id 
_pdbx_validate_torsion.phi 
_pdbx_validate_torsion.psi 
1 1 THR A 94  ? ? -108.80 40.13   
2 1 ALA A 166 ? ? 63.62   -146.79 
3 1 ARG A 182 ? ? -170.95 136.25  
# 
loop_
_pdbx_unobs_or_zero_occ_residues.id 
_pdbx_unobs_or_zero_occ_residues.PDB_model_num 
_pdbx_unobs_or_zero_occ_residues.polymer_flag 
_pdbx_unobs_or_zero_occ_residues.occupancy_flag 
_pdbx_unobs_or_zero_occ_residues.auth_asym_id 
_pdbx_unobs_or_zero_occ_residues.auth_comp_id 
_pdbx_unobs_or_zero_occ_residues.auth_seq_id 
_pdbx_unobs_or_zero_occ_residues.PDB_ins_code 
_pdbx_unobs_or_zero_occ_residues.label_asym_id 
_pdbx_unobs_or_zero_occ_residues.label_comp_id 
_pdbx_unobs_or_zero_occ_residues.label_seq_id 
1  1 Y 1 A ASP 9   ? A ASP 1   
2  1 Y 1 A GLN 10  ? A GLN 2   
3  1 Y 1 A PRO 11  ? A PRO 3   
4  1 Y 1 A MET 12  ? A MET 4   
5  1 Y 1 A GLU 13  ? A GLU 5   
6  1 Y 1 A GLU 14  ? A GLU 6   
7  1 Y 1 A GLU 15  ? A GLU 7   
8  1 Y 1 A GLU 16  ? A GLU 8   
9  1 Y 1 A LYS 224 ? A LYS 216 
10 1 Y 1 A GLU 225 ? A GLU 217 
11 1 Y 1 A ARG 226 ? A ARG 218 
12 1 Y 1 A ASP 227 ? A ASP 219 
13 1 Y 1 A LYS 228 ? A LYS 220 
14 1 Y 1 A GLU 229 ? A GLU 221 
15 1 Y 1 A VAL 230 ? A VAL 222 
16 1 Y 1 A SER 231 ? A SER 223 
17 1 Y 1 A ASP 232 ? A ASP 224 
18 1 Y 1 A ASP 233 ? A ASP 225 
19 1 Y 1 A GLU 234 ? A GLU 226 
20 1 Y 1 A ALA 235 ? A ALA 227 
21 1 Y 1 A GLU 236 ? A GLU 228 
# 
loop_
_chem_comp_atom.comp_id 
_chem_comp_atom.atom_id 
_chem_comp_atom.type_symbol 
_chem_comp_atom.pdbx_aromatic_flag 
_chem_comp_atom.pdbx_stereo_config 
_chem_comp_atom.pdbx_ordinal 
ALA N    N  N N 1   
ALA CA   C  N S 2   
ALA C    C  N N 3   
ALA O    O  N N 4   
ALA CB   C  N N 5   
ALA OXT  O  N N 6   
ALA H    H  N N 7   
ALA H2   H  N N 8   
ALA HA   H  N N 9   
ALA HB1  H  N N 10  
ALA HB2  H  N N 11  
ALA HB3  H  N N 12  
ALA HXT  H  N N 13  
ARG N    N  N N 14  
ARG CA   C  N S 15  
ARG C    C  N N 16  
ARG O    O  N N 17  
ARG CB   C  N N 18  
ARG CG   C  N N 19  
ARG CD   C  N N 20  
ARG NE   N  N N 21  
ARG CZ   C  N N 22  
ARG NH1  N  N N 23  
ARG NH2  N  N N 24  
ARG OXT  O  N N 25  
ARG H    H  N N 26  
ARG H2   H  N N 27  
ARG HA   H  N N 28  
ARG HB2  H  N N 29  
ARG HB3  H  N N 30  
ARG HG2  H  N N 31  
ARG HG3  H  N N 32  
ARG HD2  H  N N 33  
ARG HD3  H  N N 34  
ARG HE   H  N N 35  
ARG HH11 H  N N 36  
ARG HH12 H  N N 37  
ARG HH21 H  N N 38  
ARG HH22 H  N N 39  
ARG HXT  H  N N 40  
ASN N    N  N N 41  
ASN CA   C  N S 42  
ASN C    C  N N 43  
ASN O    O  N N 44  
ASN CB   C  N N 45  
ASN CG   C  N N 46  
ASN OD1  O  N N 47  
ASN ND2  N  N N 48  
ASN OXT  O  N N 49  
ASN H    H  N N 50  
ASN H2   H  N N 51  
ASN HA   H  N N 52  
ASN HB2  H  N N 53  
ASN HB3  H  N N 54  
ASN HD21 H  N N 55  
ASN HD22 H  N N 56  
ASN HXT  H  N N 57  
ASP N    N  N N 58  
ASP CA   C  N S 59  
ASP C    C  N N 60  
ASP O    O  N N 61  
ASP CB   C  N N 62  
ASP CG   C  N N 63  
ASP OD1  O  N N 64  
ASP OD2  O  N N 65  
ASP OXT  O  N N 66  
ASP H    H  N N 67  
ASP H2   H  N N 68  
ASP HA   H  N N 69  
ASP HB2  H  N N 70  
ASP HB3  H  N N 71  
ASP HD2  H  N N 72  
ASP HXT  H  N N 73  
GLN N    N  N N 74  
GLN CA   C  N S 75  
GLN C    C  N N 76  
GLN O    O  N N 77  
GLN CB   C  N N 78  
GLN CG   C  N N 79  
GLN CD   C  N N 80  
GLN OE1  O  N N 81  
GLN NE2  N  N N 82  
GLN OXT  O  N N 83  
GLN H    H  N N 84  
GLN H2   H  N N 85  
GLN HA   H  N N 86  
GLN HB2  H  N N 87  
GLN HB3  H  N N 88  
GLN HG2  H  N N 89  
GLN HG3  H  N N 90  
GLN HE21 H  N N 91  
GLN HE22 H  N N 92  
GLN HXT  H  N N 93  
GLU N    N  N N 94  
GLU CA   C  N S 95  
GLU C    C  N N 96  
GLU O    O  N N 97  
GLU CB   C  N N 98  
GLU CG   C  N N 99  
GLU CD   C  N N 100 
GLU OE1  O  N N 101 
GLU OE2  O  N N 102 
GLU OXT  O  N N 103 
GLU H    H  N N 104 
GLU H2   H  N N 105 
GLU HA   H  N N 106 
GLU HB2  H  N N 107 
GLU HB3  H  N N 108 
GLU HG2  H  N N 109 
GLU HG3  H  N N 110 
GLU HE2  H  N N 111 
GLU HXT  H  N N 112 
GLY N    N  N N 113 
GLY CA   C  N N 114 
GLY C    C  N N 115 
GLY O    O  N N 116 
GLY OXT  O  N N 117 
GLY H    H  N N 118 
GLY H2   H  N N 119 
GLY HA2  H  N N 120 
GLY HA3  H  N N 121 
GLY HXT  H  N N 122 
HIS N    N  N N 123 
HIS CA   C  N S 124 
HIS C    C  N N 125 
HIS O    O  N N 126 
HIS CB   C  N N 127 
HIS CG   C  Y N 128 
HIS ND1  N  Y N 129 
HIS CD2  C  Y N 130 
HIS CE1  C  Y N 131 
HIS NE2  N  Y N 132 
HIS OXT  O  N N 133 
HIS H    H  N N 134 
HIS H2   H  N N 135 
HIS HA   H  N N 136 
HIS HB2  H  N N 137 
HIS HB3  H  N N 138 
HIS HD1  H  N N 139 
HIS HD2  H  N N 140 
HIS HE1  H  N N 141 
HIS HE2  H  N N 142 
HIS HXT  H  N N 143 
HOH O    O  N N 144 
HOH H1   H  N N 145 
HOH H2   H  N N 146 
ILE N    N  N N 147 
ILE CA   C  N S 148 
ILE C    C  N N 149 
ILE O    O  N N 150 
ILE CB   C  N S 151 
ILE CG1  C  N N 152 
ILE CG2  C  N N 153 
ILE CD1  C  N N 154 
ILE OXT  O  N N 155 
ILE H    H  N N 156 
ILE H2   H  N N 157 
ILE HA   H  N N 158 
ILE HB   H  N N 159 
ILE HG12 H  N N 160 
ILE HG13 H  N N 161 
ILE HG21 H  N N 162 
ILE HG22 H  N N 163 
ILE HG23 H  N N 164 
ILE HD11 H  N N 165 
ILE HD12 H  N N 166 
ILE HD13 H  N N 167 
ILE HXT  H  N N 168 
LEU N    N  N N 169 
LEU CA   C  N S 170 
LEU C    C  N N 171 
LEU O    O  N N 172 
LEU CB   C  N N 173 
LEU CG   C  N N 174 
LEU CD1  C  N N 175 
LEU CD2  C  N N 176 
LEU OXT  O  N N 177 
LEU H    H  N N 178 
LEU H2   H  N N 179 
LEU HA   H  N N 180 
LEU HB2  H  N N 181 
LEU HB3  H  N N 182 
LEU HG   H  N N 183 
LEU HD11 H  N N 184 
LEU HD12 H  N N 185 
LEU HD13 H  N N 186 
LEU HD21 H  N N 187 
LEU HD22 H  N N 188 
LEU HD23 H  N N 189 
LEU HXT  H  N N 190 
LYS N    N  N N 191 
LYS CA   C  N S 192 
LYS C    C  N N 193 
LYS O    O  N N 194 
LYS CB   C  N N 195 
LYS CG   C  N N 196 
LYS CD   C  N N 197 
LYS CE   C  N N 198 
LYS NZ   N  N N 199 
LYS OXT  O  N N 200 
LYS H    H  N N 201 
LYS H2   H  N N 202 
LYS HA   H  N N 203 
LYS HB2  H  N N 204 
LYS HB3  H  N N 205 
LYS HG2  H  N N 206 
LYS HG3  H  N N 207 
LYS HD2  H  N N 208 
LYS HD3  H  N N 209 
LYS HE2  H  N N 210 
LYS HE3  H  N N 211 
LYS HZ1  H  N N 212 
LYS HZ2  H  N N 213 
LYS HZ3  H  N N 214 
LYS HXT  H  N N 215 
MET N    N  N N 216 
MET CA   C  N S 217 
MET C    C  N N 218 
MET O    O  N N 219 
MET CB   C  N N 220 
MET CG   C  N N 221 
MET SD   S  N N 222 
MET CE   C  N N 223 
MET OXT  O  N N 224 
MET H    H  N N 225 
MET H2   H  N N 226 
MET HA   H  N N 227 
MET HB2  H  N N 228 
MET HB3  H  N N 229 
MET HG2  H  N N 230 
MET HG3  H  N N 231 
MET HE1  H  N N 232 
MET HE2  H  N N 233 
MET HE3  H  N N 234 
MET HXT  H  N N 235 
PHE N    N  N N 236 
PHE CA   C  N S 237 
PHE C    C  N N 238 
PHE O    O  N N 239 
PHE CB   C  N N 240 
PHE CG   C  Y N 241 
PHE CD1  C  Y N 242 
PHE CD2  C  Y N 243 
PHE CE1  C  Y N 244 
PHE CE2  C  Y N 245 
PHE CZ   C  Y N 246 
PHE OXT  O  N N 247 
PHE H    H  N N 248 
PHE H2   H  N N 249 
PHE HA   H  N N 250 
PHE HB2  H  N N 251 
PHE HB3  H  N N 252 
PHE HD1  H  N N 253 
PHE HD2  H  N N 254 
PHE HE1  H  N N 255 
PHE HE2  H  N N 256 
PHE HZ   H  N N 257 
PHE HXT  H  N N 258 
PRO N    N  N N 259 
PRO CA   C  N S 260 
PRO C    C  N N 261 
PRO O    O  N N 262 
PRO CB   C  N N 263 
PRO CG   C  N N 264 
PRO CD   C  N N 265 
PRO OXT  O  N N 266 
PRO H    H  N N 267 
PRO HA   H  N N 268 
PRO HB2  H  N N 269 
PRO HB3  H  N N 270 
PRO HG2  H  N N 271 
PRO HG3  H  N N 272 
PRO HD2  H  N N 273 
PRO HD3  H  N N 274 
PRO HXT  H  N N 275 
SER N    N  N N 276 
SER CA   C  N S 277 
SER C    C  N N 278 
SER O    O  N N 279 
SER CB   C  N N 280 
SER OG   O  N N 281 
SER OXT  O  N N 282 
SER H    H  N N 283 
SER H2   H  N N 284 
SER HA   H  N N 285 
SER HB2  H  N N 286 
SER HB3  H  N N 287 
SER HG   H  N N 288 
SER HXT  H  N N 289 
THR N    N  N N 290 
THR CA   C  N S 291 
THR C    C  N N 292 
THR O    O  N N 293 
THR CB   C  N R 294 
THR OG1  O  N N 295 
THR CG2  C  N N 296 
THR OXT  O  N N 297 
THR H    H  N N 298 
THR H2   H  N N 299 
THR HA   H  N N 300 
THR HB   H  N N 301 
THR HG1  H  N N 302 
THR HG21 H  N N 303 
THR HG22 H  N N 304 
THR HG23 H  N N 305 
THR HXT  H  N N 306 
TRP N    N  N N 307 
TRP CA   C  N S 308 
TRP C    C  N N 309 
TRP O    O  N N 310 
TRP CB   C  N N 311 
TRP CG   C  Y N 312 
TRP CD1  C  Y N 313 
TRP CD2  C  Y N 314 
TRP NE1  N  Y N 315 
TRP CE2  C  Y N 316 
TRP CE3  C  Y N 317 
TRP CZ2  C  Y N 318 
TRP CZ3  C  Y N 319 
TRP CH2  C  Y N 320 
TRP OXT  O  N N 321 
TRP H    H  N N 322 
TRP H2   H  N N 323 
TRP HA   H  N N 324 
TRP HB2  H  N N 325 
TRP HB3  H  N N 326 
TRP HD1  H  N N 327 
TRP HE1  H  N N 328 
TRP HE3  H  N N 329 
TRP HZ2  H  N N 330 
TRP HZ3  H  N N 331 
TRP HH2  H  N N 332 
TRP HXT  H  N N 333 
TYR N    N  N N 334 
TYR CA   C  N S 335 
TYR C    C  N N 336 
TYR O    O  N N 337 
TYR CB   C  N N 338 
TYR CG   C  Y N 339 
TYR CD1  C  Y N 340 
TYR CD2  C  Y N 341 
TYR CE1  C  Y N 342 
TYR CE2  C  Y N 343 
TYR CZ   C  Y N 344 
TYR OH   O  N N 345 
TYR OXT  O  N N 346 
TYR H    H  N N 347 
TYR H2   H  N N 348 
TYR HA   H  N N 349 
TYR HB2  H  N N 350 
TYR HB3  H  N N 351 
TYR HD1  H  N N 352 
TYR HD2  H  N N 353 
TYR HE1  H  N N 354 
TYR HE2  H  N N 355 
TYR HH   H  N N 356 
TYR HXT  H  N N 357 
VAL N    N  N N 358 
VAL CA   C  N S 359 
VAL C    C  N N 360 
VAL O    O  N N 361 
VAL CB   C  N N 362 
VAL CG1  C  N N 363 
VAL CG2  C  N N 364 
VAL OXT  O  N N 365 
VAL H    H  N N 366 
VAL H2   H  N N 367 
VAL HA   H  N N 368 
VAL HB   H  N N 369 
VAL HG11 H  N N 370 
VAL HG12 H  N N 371 
VAL HG13 H  N N 372 
VAL HG21 H  N N 373 
VAL HG22 H  N N 374 
VAL HG23 H  N N 375 
VAL HXT  H  N N 376 
X29 C01  C  Y N 377 
X29 C02  C  Y N 378 
X29 C03  C  Y N 379 
X29 C04  C  Y N 380 
X29 N05  N  Y N 381 
X29 C06  C  Y N 382 
X29 N07  N  Y N 383 
X29 N08  N  Y N 384 
X29 C09  C  Y N 385 
X29 BR1  BR N N 386 
X29 C11  C  Y N 387 
X29 C12  C  Y N 388 
X29 C13  C  Y N 389 
X29 C14  C  Y N 390 
X29 C15  C  Y N 391 
X29 C16  C  Y N 392 
X29 O17  O  N N 393 
X29 O18  O  N N 394 
X29 CL1  CL N N 395 
X29 H1   H  N N 396 
X29 H2   H  N N 397 
X29 H3   H  N N 398 
X29 H4   H  N N 399 
X29 H5   H  N N 400 
X29 H6   H  N N 401 
X29 H7   H  N N 402 
# 
loop_
_chem_comp_bond.comp_id 
_chem_comp_bond.atom_id_1 
_chem_comp_bond.atom_id_2 
_chem_comp_bond.value_order 
_chem_comp_bond.pdbx_aromatic_flag 
_chem_comp_bond.pdbx_stereo_config 
_chem_comp_bond.pdbx_ordinal 
ALA N   CA   sing N N 1   
ALA N   H    sing N N 2   
ALA N   H2   sing N N 3   
ALA CA  C    sing N N 4   
ALA CA  CB   sing N N 5   
ALA CA  HA   sing N N 6   
ALA C   O    doub N N 7   
ALA C   OXT  sing N N 8   
ALA CB  HB1  sing N N 9   
ALA CB  HB2  sing N N 10  
ALA CB  HB3  sing N N 11  
ALA OXT HXT  sing N N 12  
ARG N   CA   sing N N 13  
ARG N   H    sing N N 14  
ARG N   H2   sing N N 15  
ARG CA  C    sing N N 16  
ARG CA  CB   sing N N 17  
ARG CA  HA   sing N N 18  
ARG C   O    doub N N 19  
ARG C   OXT  sing N N 20  
ARG CB  CG   sing N N 21  
ARG CB  HB2  sing N N 22  
ARG CB  HB3  sing N N 23  
ARG CG  CD   sing N N 24  
ARG CG  HG2  sing N N 25  
ARG CG  HG3  sing N N 26  
ARG CD  NE   sing N N 27  
ARG CD  HD2  sing N N 28  
ARG CD  HD3  sing N N 29  
ARG NE  CZ   sing N N 30  
ARG NE  HE   sing N N 31  
ARG CZ  NH1  sing N N 32  
ARG CZ  NH2  doub N N 33  
ARG NH1 HH11 sing N N 34  
ARG NH1 HH12 sing N N 35  
ARG NH2 HH21 sing N N 36  
ARG NH2 HH22 sing N N 37  
ARG OXT HXT  sing N N 38  
ASN N   CA   sing N N 39  
ASN N   H    sing N N 40  
ASN N   H2   sing N N 41  
ASN CA  C    sing N N 42  
ASN CA  CB   sing N N 43  
ASN CA  HA   sing N N 44  
ASN C   O    doub N N 45  
ASN C   OXT  sing N N 46  
ASN CB  CG   sing N N 47  
ASN CB  HB2  sing N N 48  
ASN CB  HB3  sing N N 49  
ASN CG  OD1  doub N N 50  
ASN CG  ND2  sing N N 51  
ASN ND2 HD21 sing N N 52  
ASN ND2 HD22 sing N N 53  
ASN OXT HXT  sing N N 54  
ASP N   CA   sing N N 55  
ASP N   H    sing N N 56  
ASP N   H2   sing N N 57  
ASP CA  C    sing N N 58  
ASP CA  CB   sing N N 59  
ASP CA  HA   sing N N 60  
ASP C   O    doub N N 61  
ASP C   OXT  sing N N 62  
ASP CB  CG   sing N N 63  
ASP CB  HB2  sing N N 64  
ASP CB  HB3  sing N N 65  
ASP CG  OD1  doub N N 66  
ASP CG  OD2  sing N N 67  
ASP OD2 HD2  sing N N 68  
ASP OXT HXT  sing N N 69  
GLN N   CA   sing N N 70  
GLN N   H    sing N N 71  
GLN N   H2   sing N N 72  
GLN CA  C    sing N N 73  
GLN CA  CB   sing N N 74  
GLN CA  HA   sing N N 75  
GLN C   O    doub N N 76  
GLN C   OXT  sing N N 77  
GLN CB  CG   sing N N 78  
GLN CB  HB2  sing N N 79  
GLN CB  HB3  sing N N 80  
GLN CG  CD   sing N N 81  
GLN CG  HG2  sing N N 82  
GLN CG  HG3  sing N N 83  
GLN CD  OE1  doub N N 84  
GLN CD  NE2  sing N N 85  
GLN NE2 HE21 sing N N 86  
GLN NE2 HE22 sing N N 87  
GLN OXT HXT  sing N N 88  
GLU N   CA   sing N N 89  
GLU N   H    sing N N 90  
GLU N   H2   sing N N 91  
GLU CA  C    sing N N 92  
GLU CA  CB   sing N N 93  
GLU CA  HA   sing N N 94  
GLU C   O    doub N N 95  
GLU C   OXT  sing N N 96  
GLU CB  CG   sing N N 97  
GLU CB  HB2  sing N N 98  
GLU CB  HB3  sing N N 99  
GLU CG  CD   sing N N 100 
GLU CG  HG2  sing N N 101 
GLU CG  HG3  sing N N 102 
GLU CD  OE1  doub N N 103 
GLU CD  OE2  sing N N 104 
GLU OE2 HE2  sing N N 105 
GLU OXT HXT  sing N N 106 
GLY N   CA   sing N N 107 
GLY N   H    sing N N 108 
GLY N   H2   sing N N 109 
GLY CA  C    sing N N 110 
GLY CA  HA2  sing N N 111 
GLY CA  HA3  sing N N 112 
GLY C   O    doub N N 113 
GLY C   OXT  sing N N 114 
GLY OXT HXT  sing N N 115 
HIS N   CA   sing N N 116 
HIS N   H    sing N N 117 
HIS N   H2   sing N N 118 
HIS CA  C    sing N N 119 
HIS CA  CB   sing N N 120 
HIS CA  HA   sing N N 121 
HIS C   O    doub N N 122 
HIS C   OXT  sing N N 123 
HIS CB  CG   sing N N 124 
HIS CB  HB2  sing N N 125 
HIS CB  HB3  sing N N 126 
HIS CG  ND1  sing Y N 127 
HIS CG  CD2  doub Y N 128 
HIS ND1 CE1  doub Y N 129 
HIS ND1 HD1  sing N N 130 
HIS CD2 NE2  sing Y N 131 
HIS CD2 HD2  sing N N 132 
HIS CE1 NE2  sing Y N 133 
HIS CE1 HE1  sing N N 134 
HIS NE2 HE2  sing N N 135 
HIS OXT HXT  sing N N 136 
HOH O   H1   sing N N 137 
HOH O   H2   sing N N 138 
ILE N   CA   sing N N 139 
ILE N   H    sing N N 140 
ILE N   H2   sing N N 141 
ILE CA  C    sing N N 142 
ILE CA  CB   sing N N 143 
ILE CA  HA   sing N N 144 
ILE C   O    doub N N 145 
ILE C   OXT  sing N N 146 
ILE CB  CG1  sing N N 147 
ILE CB  CG2  sing N N 148 
ILE CB  HB   sing N N 149 
ILE CG1 CD1  sing N N 150 
ILE CG1 HG12 sing N N 151 
ILE CG1 HG13 sing N N 152 
ILE CG2 HG21 sing N N 153 
ILE CG2 HG22 sing N N 154 
ILE CG2 HG23 sing N N 155 
ILE CD1 HD11 sing N N 156 
ILE CD1 HD12 sing N N 157 
ILE CD1 HD13 sing N N 158 
ILE OXT HXT  sing N N 159 
LEU N   CA   sing N N 160 
LEU N   H    sing N N 161 
LEU N   H2   sing N N 162 
LEU CA  C    sing N N 163 
LEU CA  CB   sing N N 164 
LEU CA  HA   sing N N 165 
LEU C   O    doub N N 166 
LEU C   OXT  sing N N 167 
LEU CB  CG   sing N N 168 
LEU CB  HB2  sing N N 169 
LEU CB  HB3  sing N N 170 
LEU CG  CD1  sing N N 171 
LEU CG  CD2  sing N N 172 
LEU CG  HG   sing N N 173 
LEU CD1 HD11 sing N N 174 
LEU CD1 HD12 sing N N 175 
LEU CD1 HD13 sing N N 176 
LEU CD2 HD21 sing N N 177 
LEU CD2 HD22 sing N N 178 
LEU CD2 HD23 sing N N 179 
LEU OXT HXT  sing N N 180 
LYS N   CA   sing N N 181 
LYS N   H    sing N N 182 
LYS N   H2   sing N N 183 
LYS CA  C    sing N N 184 
LYS CA  CB   sing N N 185 
LYS CA  HA   sing N N 186 
LYS C   O    doub N N 187 
LYS C   OXT  sing N N 188 
LYS CB  CG   sing N N 189 
LYS CB  HB2  sing N N 190 
LYS CB  HB3  sing N N 191 
LYS CG  CD   sing N N 192 
LYS CG  HG2  sing N N 193 
LYS CG  HG3  sing N N 194 
LYS CD  CE   sing N N 195 
LYS CD  HD2  sing N N 196 
LYS CD  HD3  sing N N 197 
LYS CE  NZ   sing N N 198 
LYS CE  HE2  sing N N 199 
LYS CE  HE3  sing N N 200 
LYS NZ  HZ1  sing N N 201 
LYS NZ  HZ2  sing N N 202 
LYS NZ  HZ3  sing N N 203 
LYS OXT HXT  sing N N 204 
MET N   CA   sing N N 205 
MET N   H    sing N N 206 
MET N   H2   sing N N 207 
MET CA  C    sing N N 208 
MET CA  CB   sing N N 209 
MET CA  HA   sing N N 210 
MET C   O    doub N N 211 
MET C   OXT  sing N N 212 
MET CB  CG   sing N N 213 
MET CB  HB2  sing N N 214 
MET CB  HB3  sing N N 215 
MET CG  SD   sing N N 216 
MET CG  HG2  sing N N 217 
MET CG  HG3  sing N N 218 
MET SD  CE   sing N N 219 
MET CE  HE1  sing N N 220 
MET CE  HE2  sing N N 221 
MET CE  HE3  sing N N 222 
MET OXT HXT  sing N N 223 
PHE N   CA   sing N N 224 
PHE N   H    sing N N 225 
PHE N   H2   sing N N 226 
PHE CA  C    sing N N 227 
PHE CA  CB   sing N N 228 
PHE CA  HA   sing N N 229 
PHE C   O    doub N N 230 
PHE C   OXT  sing N N 231 
PHE CB  CG   sing N N 232 
PHE CB  HB2  sing N N 233 
PHE CB  HB3  sing N N 234 
PHE CG  CD1  doub Y N 235 
PHE CG  CD2  sing Y N 236 
PHE CD1 CE1  sing Y N 237 
PHE CD1 HD1  sing N N 238 
PHE CD2 CE2  doub Y N 239 
PHE CD2 HD2  sing N N 240 
PHE CE1 CZ   doub Y N 241 
PHE CE1 HE1  sing N N 242 
PHE CE2 CZ   sing Y N 243 
PHE CE2 HE2  sing N N 244 
PHE CZ  HZ   sing N N 245 
PHE OXT HXT  sing N N 246 
PRO N   CA   sing N N 247 
PRO N   CD   sing N N 248 
PRO N   H    sing N N 249 
PRO CA  C    sing N N 250 
PRO CA  CB   sing N N 251 
PRO CA  HA   sing N N 252 
PRO C   O    doub N N 253 
PRO C   OXT  sing N N 254 
PRO CB  CG   sing N N 255 
PRO CB  HB2  sing N N 256 
PRO CB  HB3  sing N N 257 
PRO CG  CD   sing N N 258 
PRO CG  HG2  sing N N 259 
PRO CG  HG3  sing N N 260 
PRO CD  HD2  sing N N 261 
PRO CD  HD3  sing N N 262 
PRO OXT HXT  sing N N 263 
SER N   CA   sing N N 264 
SER N   H    sing N N 265 
SER N   H2   sing N N 266 
SER CA  C    sing N N 267 
SER CA  CB   sing N N 268 
SER CA  HA   sing N N 269 
SER C   O    doub N N 270 
SER C   OXT  sing N N 271 
SER CB  OG   sing N N 272 
SER CB  HB2  sing N N 273 
SER CB  HB3  sing N N 274 
SER OG  HG   sing N N 275 
SER OXT HXT  sing N N 276 
THR N   CA   sing N N 277 
THR N   H    sing N N 278 
THR N   H2   sing N N 279 
THR CA  C    sing N N 280 
THR CA  CB   sing N N 281 
THR CA  HA   sing N N 282 
THR C   O    doub N N 283 
THR C   OXT  sing N N 284 
THR CB  OG1  sing N N 285 
THR CB  CG2  sing N N 286 
THR CB  HB   sing N N 287 
THR OG1 HG1  sing N N 288 
THR CG2 HG21 sing N N 289 
THR CG2 HG22 sing N N 290 
THR CG2 HG23 sing N N 291 
THR OXT HXT  sing N N 292 
TRP N   CA   sing N N 293 
TRP N   H    sing N N 294 
TRP N   H2   sing N N 295 
TRP CA  C    sing N N 296 
TRP CA  CB   sing N N 297 
TRP CA  HA   sing N N 298 
TRP C   O    doub N N 299 
TRP C   OXT  sing N N 300 
TRP CB  CG   sing N N 301 
TRP CB  HB2  sing N N 302 
TRP CB  HB3  sing N N 303 
TRP CG  CD1  doub Y N 304 
TRP CG  CD2  sing Y N 305 
TRP CD1 NE1  sing Y N 306 
TRP CD1 HD1  sing N N 307 
TRP CD2 CE2  doub Y N 308 
TRP CD2 CE3  sing Y N 309 
TRP NE1 CE2  sing Y N 310 
TRP NE1 HE1  sing N N 311 
TRP CE2 CZ2  sing Y N 312 
TRP CE3 CZ3  doub Y N 313 
TRP CE3 HE3  sing N N 314 
TRP CZ2 CH2  doub Y N 315 
TRP CZ2 HZ2  sing N N 316 
TRP CZ3 CH2  sing Y N 317 
TRP CZ3 HZ3  sing N N 318 
TRP CH2 HH2  sing N N 319 
TRP OXT HXT  sing N N 320 
TYR N   CA   sing N N 321 
TYR N   H    sing N N 322 
TYR N   H2   sing N N 323 
TYR CA  C    sing N N 324 
TYR CA  CB   sing N N 325 
TYR CA  HA   sing N N 326 
TYR C   O    doub N N 327 
TYR C   OXT  sing N N 328 
TYR CB  CG   sing N N 329 
TYR CB  HB2  sing N N 330 
TYR CB  HB3  sing N N 331 
TYR CG  CD1  doub Y N 332 
TYR CG  CD2  sing Y N 333 
TYR CD1 CE1  sing Y N 334 
TYR CD1 HD1  sing N N 335 
TYR CD2 CE2  doub Y N 336 
TYR CD2 HD2  sing N N 337 
TYR CE1 CZ   doub Y N 338 
TYR CE1 HE1  sing N N 339 
TYR CE2 CZ   sing Y N 340 
TYR CE2 HE2  sing N N 341 
TYR CZ  OH   sing N N 342 
TYR OH  HH   sing N N 343 
TYR OXT HXT  sing N N 344 
VAL N   CA   sing N N 345 
VAL N   H    sing N N 346 
VAL N   H2   sing N N 347 
VAL CA  C    sing N N 348 
VAL CA  CB   sing N N 349 
VAL CA  HA   sing N N 350 
VAL C   O    doub N N 351 
VAL C   OXT  sing N N 352 
VAL CB  CG1  sing N N 353 
VAL CB  CG2  sing N N 354 
VAL CB  HB   sing N N 355 
VAL CG1 HG11 sing N N 356 
VAL CG1 HG12 sing N N 357 
VAL CG1 HG13 sing N N 358 
VAL CG2 HG21 sing N N 359 
VAL CG2 HG22 sing N N 360 
VAL CG2 HG23 sing N N 361 
VAL OXT HXT  sing N N 362 
X29 O18 C12  sing N N 363 
X29 N07 N08  sing Y N 364 
X29 N07 C06  doub Y N 365 
X29 N08 C09  doub Y N 366 
X29 C12 C13  doub Y N 367 
X29 C12 C11  sing Y N 368 
X29 C06 C03  sing Y N 369 
X29 C06 N05  sing Y N 370 
X29 C13 C14  sing Y N 371 
X29 C09 C11  sing N N 372 
X29 C09 N05  sing Y N 373 
X29 C03 C02  doub Y N 374 
X29 C11 C16  doub Y N 375 
X29 N05 C04  sing Y N 376 
X29 C02 C01  sing Y N 377 
X29 C04 C01  doub Y N 378 
X29 C14 O17  sing N N 379 
X29 C14 C15  doub Y N 380 
X29 C01 BR1  sing N N 381 
X29 C16 C15  sing Y N 382 
X29 C15 CL1  sing N N 383 
X29 C02 H1   sing N N 384 
X29 C03 H2   sing N N 385 
X29 C04 H3   sing N N 386 
X29 C13 H4   sing N N 387 
X29 C16 H5   sing N N 388 
X29 O17 H6   sing N N 389 
X29 O18 H7   sing N N 390 
# 
loop_
_pdbx_entity_nonpoly.entity_id 
_pdbx_entity_nonpoly.name 
_pdbx_entity_nonpoly.comp_id 
2 '4-(6-bromo[1,2,4]triazolo[4,3-a]pyridin-3-yl)-6-chlorobenzene-1,3-diol' X29 
3 water                                                                    HOH 
# 
_pdbx_initial_refinement_model.id               1 
_pdbx_initial_refinement_model.entity_id_list   ? 
_pdbx_initial_refinement_model.type             'experimental model' 
_pdbx_initial_refinement_model.source_name      PDB 
_pdbx_initial_refinement_model.accession_code   3T0Z 
_pdbx_initial_refinement_model.details          ? 
# 
